data_3PUX
#
_entry.id   3PUX
#
_cell.length_a   82.130
_cell.length_b   97.340
_cell.length_c   112.840
_cell.angle_alpha   85.58
_cell.angle_beta   78.98
_cell.angle_gamma   72.25
#
_symmetry.space_group_name_H-M   'P 1'
#
loop_
_entity.id
_entity.type
_entity.pdbx_description
1 polymer 'Maltose-binding periplasmic protein'
2 polymer 'Maltose transport system permease protein malF'
3 polymer 'Maltose transport system permease protein malG'
4 polymer 'Maltose/maltodextrin import ATP-binding protein MalK'
5 branched alpha-D-glucopyranose-(1-4)-alpha-D-glucopyranose
6 non-polymer UNDECYL-MALTOSIDE
7 non-polymer '(1R)-2-{[{[(2S)-2,3-DIHYDROXYPROPYL]OXY}(HYDROXY)PHOSPHORYL]OXY}-1-[(PALMITOYLOXY)METHYL]ETHYL (11E)-OCTADEC-11-ENOATE'
8 non-polymer 'MAGNESIUM ION'
9 non-polymer "ADENOSINE-5'-DIPHOSPHATE"
10 non-polymer 'BERYLLIUM TRIFLUORIDE ION'
11 water water
#
loop_
_entity_poly.entity_id
_entity_poly.type
_entity_poly.pdbx_seq_one_letter_code
_entity_poly.pdbx_strand_id
1 'polypeptide(L)'
;KIEEGKLVIWINGDKGYNGLAEVGKKFEKDTGIKVTVEHPDKLEEKFPQVAATGDGPDIIFWAHDRFGGYAQSGLLAEIT
PDKAFQDKLYPFTWDAVRYNGKLIAYPIAVEALSLIYNKDLLPNPPKTWEEIPALDKELKAKGKSALMFNLQEPYFTWPL
IAADGGYAFKYENGKYDIKDVGVDNAGAKAGLTFLVDLIKNKHMNADTDYSIAEAAFNKGETAMTINGPWAWSNIDTSKV
NYGVTVLPTFKGQPSKPFVGVLSAGINAASPNKELAKEFLENYLLTDEGLEAVNKDKPLGAVALKSYEEELAKDPRIAAT
MENAQKGEIMPNIPQMSAFWYAVRTAVINAASGRQTVDEALKDAQTRITKASASHHHH
;
E
2 'polypeptide(L)'
;MDVIKKKHWWQSDALKWSVLGLLGLLVGYLVVLMYAQGEYLFAITTLILSSAGLYIFANRKAYAWRYVYPGMAGMGLFVL
FPLVCTIAIAFTNYSSTNQLTFERAQEVLLDRSWQAGKTYNFGLYPAGDEWQLALSDGETGKNYLSDAFKFGGEQKLQLK
ETTAQPEGERANLRVITQNRQALSDITAILPDGNKVMMSSLRQFSGTQPLYTLDGDGTLTNNQSGVKYRPNNQIGFYQSI
TADGNWGDEKLSPGYTVTTGWKNFTRVFTDEGIQKPFLAIFVWTVVFSLITVFLTVAVGMVLACLVQWEALRGKAVYRVL
LILPYAVPSFISILIFKGLFNQSFGEINMMLSALFGVKPAWFSDPTTARTMLIIVNTWLGYPYMMILCMGLLKAIPDDLY
EASAMDGAGPFQNFFKITLPLLIKPLTPLMIASFAFNFNNFVLIQLLTNGGPDRLGTTTPAGYTDLLVNYTYRIAFEGGG
GQDFGLAAAIATLIFLLVGALAIVNLKATRMKFD
;
F
3 'polypeptide(L)'
;MAMVQPKSQKARLFITHLLLLLFIAAIMFPLLMVVAISLRQGNFATGSLIPEQISWDHWKLALGFSVEQADGRITPPPFP
VLLWLWNSVKVAGISAIGIVALSTTCAYAFARMRFPGKATLLKGMLIFQMFPAVLSLVALYALFDRLGEYIPFIGLNTHG
GVIFAYLGGIALHVWTIKGYFETIDSSLEEAAALDGATPWQAFRLVLLPLSVPILAVVFILSFIAAITEVPVASLLLRDV
NSYTLAVGMQQYLNPQNYLWGDFAAAAVMSALPITIVFLLAQRWLVNGLTAGGVKG
;
G
4 'polypeptide(L)'
;MASVQLQNVTKAWGEVVVSKDINLDIHEGEFVVFVGPSGCGKSTLLRMIAGLETITSGDLFIGEKRMNDTPPAERGVGMV
FQSYALYPHLSVAENMSFGLKLAGAKKEVINQRVNQVAEVLQLAHLLDRKPKALSGGQRQRVAIGRTLVAEPSVFLLDEP
LSNLDAALRVQMRIEISRLHKRLGRTMIYVTHDQVEAMTLADKIVVLDAGRVAQVGKPLELYHYPADRFVAGFIGSPKMN
FLPVKVTATAIDQVQVELPMPNRQQVWLPVESRDVQVGANMSLGIRPEHLLPSDIADVILEGEVQVVEQLGNETQIHIQI
PSIRQNLVYRQNDVVLVEEGATFAIGLPPERCHLFREDGTACRRLHKEPGVASASHHHHHH
;
A,B
#
# COMPACT_ATOMS: atom_id res chain seq x y z
N LYS A 1 39.04 11.84 -15.07
CA LYS A 1 40.32 11.45 -15.67
C LYS A 1 40.10 10.29 -16.65
N ILE A 2 40.22 10.58 -17.95
CA ILE A 2 40.16 9.53 -18.98
C ILE A 2 41.49 8.78 -18.94
N GLU A 3 41.44 7.46 -18.99
CA GLU A 3 42.62 6.62 -18.87
C GLU A 3 43.54 6.79 -20.07
N GLU A 4 44.82 7.08 -19.76
CA GLU A 4 45.85 7.37 -20.76
C GLU A 4 46.29 6.09 -21.48
N GLY A 5 46.61 6.20 -22.76
CA GLY A 5 47.18 5.09 -23.48
C GLY A 5 46.22 4.00 -23.91
N LYS A 6 45.00 4.42 -24.22
CA LYS A 6 43.99 3.54 -24.82
C LYS A 6 42.89 4.39 -25.44
N LEU A 7 41.98 3.77 -26.20
CA LEU A 7 40.92 4.52 -26.84
C LEU A 7 39.55 3.94 -26.57
N VAL A 8 38.69 4.74 -25.93
CA VAL A 8 37.30 4.39 -25.73
C VAL A 8 36.44 5.19 -26.73
N ILE A 9 35.63 4.48 -27.50
CA ILE A 9 34.77 5.10 -28.47
C ILE A 9 33.29 4.82 -28.17
N TRP A 10 32.47 5.85 -28.32
CA TRP A 10 31.03 5.68 -28.22
C TRP A 10 30.41 5.90 -29.57
N ILE A 11 29.51 4.99 -29.94
CA ILE A 11 28.81 5.03 -31.24
C ILE A 11 27.41 4.44 -31.02
N ASN A 12 26.40 4.87 -31.78
CA ASN A 12 25.02 4.44 -31.53
C ASN A 12 24.79 2.98 -31.91
N GLY A 13 23.74 2.39 -31.36
CA GLY A 13 23.52 0.96 -31.49
C GLY A 13 23.11 0.49 -32.85
N ASP A 14 22.74 1.42 -33.73
CA ASP A 14 22.33 1.08 -35.11
C ASP A 14 23.46 1.24 -36.13
N LYS A 15 24.67 1.58 -35.65
CA LYS A 15 25.86 1.66 -36.48
C LYS A 15 26.62 0.35 -36.35
N GLY A 16 27.56 0.11 -37.25
CA GLY A 16 28.34 -1.13 -37.24
C GLY A 16 29.46 -1.11 -36.24
N TYR A 17 29.10 -1.18 -34.96
CA TYR A 17 30.07 -1.05 -33.90
C TYR A 17 31.00 -2.25 -33.82
N ASN A 18 30.54 -3.42 -34.23
CA ASN A 18 31.40 -4.58 -34.40
C ASN A 18 32.43 -4.39 -35.52
N GLY A 19 31.99 -3.74 -36.60
CA GLY A 19 32.86 -3.39 -37.71
C GLY A 19 33.94 -2.45 -37.23
N LEU A 20 33.53 -1.43 -36.46
CA LEU A 20 34.46 -0.45 -35.93
C LEU A 20 35.47 -1.09 -34.99
N ALA A 21 35.05 -2.15 -34.30
CA ALA A 21 35.93 -2.85 -33.36
C ALA A 21 37.07 -3.59 -34.08
N GLU A 22 36.80 -4.09 -35.29
CA GLU A 22 37.83 -4.73 -36.09
C GLU A 22 38.87 -3.73 -36.58
N VAL A 23 38.41 -2.51 -36.89
CA VAL A 23 39.30 -1.41 -37.23
C VAL A 23 40.18 -1.07 -36.03
N GLY A 24 39.57 -1.05 -34.85
CA GLY A 24 40.31 -0.87 -33.62
C GLY A 24 41.31 -1.99 -33.31
N LYS A 25 40.99 -3.21 -33.70
CA LYS A 25 41.85 -4.39 -33.54
C LYS A 25 43.08 -4.31 -34.43
N LYS A 26 42.88 -3.80 -35.64
CA LYS A 26 43.99 -3.49 -36.55
C LYS A 26 44.86 -2.39 -35.94
N PHE A 27 44.22 -1.28 -35.52
CA PHE A 27 44.93 -0.20 -34.86
C PHE A 27 45.78 -0.71 -33.71
N GLU A 28 45.21 -1.58 -32.88
CA GLU A 28 45.98 -2.17 -31.78
C GLU A 28 47.17 -3.00 -32.29
N LYS A 29 46.94 -3.80 -33.33
CA LYS A 29 48.02 -4.60 -33.90
C LYS A 29 49.19 -3.73 -34.36
N ASP A 30 48.89 -2.53 -34.87
CA ASP A 30 49.95 -1.63 -35.35
C ASP A 30 50.54 -0.72 -34.29
N THR A 31 49.78 -0.43 -33.23
CA THR A 31 50.21 0.58 -32.24
C THR A 31 50.37 0.07 -30.80
N GLY A 32 49.75 -1.08 -30.49
CA GLY A 32 49.70 -1.59 -29.11
C GLY A 32 48.71 -0.85 -28.22
N ILE A 33 47.99 0.10 -28.81
CA ILE A 33 46.94 0.82 -28.14
C ILE A 33 45.60 0.08 -28.35
N LYS A 34 45.06 -0.45 -27.26
CA LYS A 34 43.72 -1.05 -27.24
C LYS A 34 42.58 -0.01 -27.47
N VAL A 35 41.67 -0.36 -28.37
CA VAL A 35 40.46 0.41 -28.65
C VAL A 35 39.24 -0.35 -28.14
N THR A 36 38.40 0.33 -27.37
CA THR A 36 37.12 -0.21 -26.88
C THR A 36 35.96 0.62 -27.42
N VAL A 37 35.01 -0.08 -28.05
CA VAL A 37 33.84 0.55 -28.61
C VAL A 37 32.64 0.22 -27.71
N GLU A 38 31.91 1.27 -27.33
CA GLU A 38 30.69 1.15 -26.55
C GLU A 38 29.53 1.77 -27.31
N HIS A 39 28.32 1.29 -27.05
CA HIS A 39 27.08 1.83 -27.60
C HIS A 39 25.98 2.03 -26.54
N PRO A 40 26.29 2.83 -25.49
CA PRO A 40 25.30 2.99 -24.42
C PRO A 40 24.04 3.69 -24.93
N ASP A 41 22.92 3.38 -24.28
CA ASP A 41 21.67 4.00 -24.56
C ASP A 41 21.81 5.45 -24.21
N LYS A 42 21.07 6.30 -24.93
CA LYS A 42 21.08 7.75 -24.78
C LYS A 42 22.47 8.35 -24.62
N LEU A 43 23.39 7.96 -25.49
CA LEU A 43 24.79 8.40 -25.41
C LEU A 43 24.90 9.88 -25.73
N GLU A 44 23.98 10.37 -26.56
CA GLU A 44 23.94 11.81 -26.88
C GLU A 44 23.67 12.70 -25.66
N GLU A 45 23.01 12.15 -24.65
N GLU A 45 22.96 12.14 -24.67
CA GLU A 45 22.73 12.88 -23.42
CA GLU A 45 22.65 12.80 -23.41
C GLU A 45 23.75 12.49 -22.36
C GLU A 45 23.73 12.48 -22.37
N LYS A 46 24.19 11.24 -22.36
CA LYS A 46 25.18 10.77 -21.39
C LYS A 46 26.53 11.50 -21.52
N PHE A 47 26.97 11.76 -22.76
CA PHE A 47 28.28 12.33 -23.03
C PHE A 47 28.49 13.69 -22.35
N PRO A 48 27.65 14.71 -22.64
CA PRO A 48 27.71 16.03 -22.01
C PRO A 48 27.88 15.99 -20.51
N GLN A 49 27.31 14.98 -19.86
CA GLN A 49 27.38 14.83 -18.39
C GLN A 49 28.68 14.23 -17.86
N VAL A 50 29.19 13.20 -18.53
CA VAL A 50 30.48 12.65 -18.10
C VAL A 50 31.68 13.49 -18.55
N ALA A 51 31.55 14.12 -19.72
CA ALA A 51 32.67 14.81 -20.32
C ALA A 51 32.94 16.13 -19.59
N ALA A 52 31.89 16.75 -19.06
CA ALA A 52 32.03 18.00 -18.30
C ALA A 52 32.95 17.82 -17.12
N THR A 53 32.81 16.68 -16.44
CA THR A 53 33.70 16.37 -15.33
C THR A 53 35.02 15.77 -15.78
N GLY A 54 35.34 15.92 -17.06
CA GLY A 54 36.64 15.54 -17.57
C GLY A 54 36.77 14.06 -17.85
N ASP A 55 35.63 13.37 -17.96
CA ASP A 55 35.59 11.93 -18.22
C ASP A 55 34.94 11.62 -19.57
N GLY A 56 34.39 10.42 -19.72
CA GLY A 56 33.73 9.99 -20.95
C GLY A 56 34.70 9.34 -21.92
N PRO A 57 34.19 8.98 -23.12
CA PRO A 57 34.97 8.38 -24.20
C PRO A 57 35.96 9.35 -24.79
N ASP A 58 36.98 8.82 -25.42
CA ASP A 58 37.94 9.65 -26.12
C ASP A 58 37.32 10.17 -27.42
N ILE A 59 36.53 9.31 -28.09
CA ILE A 59 35.85 9.68 -29.33
C ILE A 59 34.36 9.40 -29.26
N ILE A 60 33.55 10.35 -29.75
CA ILE A 60 32.13 10.13 -29.83
C ILE A 60 31.60 10.22 -31.25
N PHE A 61 30.79 9.24 -31.66
CA PHE A 61 30.15 9.28 -32.96
C PHE A 61 28.67 9.61 -32.81
N TRP A 62 28.26 10.75 -33.38
CA TRP A 62 26.86 11.12 -33.46
C TRP A 62 26.65 12.01 -34.69
N ALA A 63 25.40 12.34 -35.01
CA ALA A 63 25.10 13.33 -36.05
C ALA A 63 25.66 14.72 -35.66
N HIS A 64 26.10 15.46 -36.66
CA HIS A 64 26.84 16.70 -36.48
C HIS A 64 26.12 17.81 -35.72
N ASP A 65 24.79 17.83 -35.80
CA ASP A 65 23.98 18.94 -35.29
C ASP A 65 24.12 19.09 -33.77
N ARG A 66 24.44 17.98 -33.13
CA ARG A 66 24.56 17.89 -31.67
C ARG A 66 25.96 18.34 -31.23
N PHE A 67 26.89 18.39 -32.19
CA PHE A 67 28.29 18.68 -31.89
C PHE A 67 28.57 20.18 -31.75
N GLY A 68 27.73 20.99 -32.38
CA GLY A 68 27.77 22.44 -32.18
C GLY A 68 27.47 22.80 -30.74
N GLY A 69 26.56 22.04 -30.13
CA GLY A 69 26.24 22.17 -28.71
C GLY A 69 27.40 21.78 -27.81
N TYR A 70 27.90 20.55 -27.97
CA TYR A 70 29.03 20.05 -27.19
C TYR A 70 30.19 21.01 -27.31
N ALA A 71 30.43 21.49 -28.54
CA ALA A 71 31.53 22.43 -28.80
C ALA A 71 31.40 23.69 -27.95
N GLN A 72 30.22 24.31 -28.00
CA GLN A 72 29.93 25.48 -27.20
C GLN A 72 30.20 25.25 -25.70
N SER A 73 29.75 24.09 -25.20
CA SER A 73 29.96 23.68 -23.81
C SER A 73 31.43 23.45 -23.44
N GLY A 74 32.32 23.33 -24.41
CA GLY A 74 33.75 23.18 -24.13
C GLY A 74 34.21 21.75 -23.98
N LEU A 75 33.64 20.87 -24.80
CA LEU A 75 33.78 19.42 -24.64
C LEU A 75 34.45 18.73 -25.82
N LEU A 76 34.68 19.46 -26.90
CA LEU A 76 35.28 18.90 -28.09
C LEU A 76 36.59 19.56 -28.40
N ALA A 77 37.59 18.75 -28.71
CA ALA A 77 38.90 19.25 -29.15
C ALA A 77 38.77 19.87 -30.53
N GLU A 78 39.61 20.86 -30.83
CA GLU A 78 39.70 21.42 -32.18
C GLU A 78 40.62 20.54 -33.00
N ILE A 79 40.07 19.91 -34.04
CA ILE A 79 40.82 18.95 -34.85
C ILE A 79 41.63 19.66 -35.96
N THR A 80 42.71 19.03 -36.41
CA THR A 80 43.55 19.67 -37.43
C THR A 80 44.02 18.72 -38.53
N PRO A 81 43.10 18.28 -39.41
CA PRO A 81 43.58 17.62 -40.62
C PRO A 81 44.17 18.68 -41.56
N ASP A 82 45.24 18.32 -42.27
CA ASP A 82 45.85 19.22 -43.24
C ASP A 82 45.01 19.28 -44.53
N LYS A 83 45.42 20.15 -45.45
CA LYS A 83 44.70 20.38 -46.68
C LYS A 83 44.62 19.08 -47.49
N ALA A 84 45.68 18.28 -47.41
CA ALA A 84 45.73 16.98 -48.07
C ALA A 84 44.67 16.02 -47.54
N PHE A 85 44.43 16.04 -46.23
CA PHE A 85 43.38 15.19 -45.69
C PHE A 85 42.01 15.72 -46.06
N GLN A 86 41.80 17.02 -45.93
CA GLN A 86 40.49 17.62 -46.22
C GLN A 86 40.01 17.36 -47.66
N ASP A 87 40.94 17.38 -48.62
CA ASP A 87 40.64 17.07 -50.04
C ASP A 87 40.02 15.68 -50.25
N LYS A 88 40.31 14.75 -49.34
CA LYS A 88 39.77 13.40 -49.43
C LYS A 88 38.27 13.31 -49.13
N LEU A 89 37.69 14.35 -48.54
CA LEU A 89 36.27 14.34 -48.24
C LEU A 89 35.49 15.42 -49.00
N TYR A 90 34.23 15.13 -49.28
CA TYR A 90 33.34 16.10 -49.92
C TYR A 90 33.36 17.40 -49.12
N PRO A 91 33.51 18.54 -49.82
CA PRO A 91 33.77 19.79 -49.09
C PRO A 91 32.56 20.32 -48.32
N PHE A 92 31.35 19.90 -48.72
CA PHE A 92 30.16 20.37 -48.05
C PHE A 92 30.00 19.74 -46.67
N THR A 93 30.54 18.54 -46.50
CA THR A 93 30.57 17.87 -45.21
C THR A 93 31.41 18.65 -44.22
N TRP A 94 32.56 19.18 -44.65
CA TRP A 94 33.39 19.95 -43.72
C TRP A 94 32.67 21.19 -43.19
N ASP A 95 31.69 21.70 -43.94
CA ASP A 95 30.86 22.83 -43.48
C ASP A 95 29.99 22.45 -42.28
N ALA A 96 29.66 21.17 -42.16
CA ALA A 96 28.75 20.69 -41.13
C ALA A 96 29.42 20.64 -39.76
N VAL A 97 30.71 20.35 -39.74
CA VAL A 97 31.45 20.06 -38.51
C VAL A 97 32.32 21.25 -38.06
N ARG A 98 31.82 22.45 -38.29
CA ARG A 98 32.50 23.66 -37.89
C ARG A 98 31.76 24.36 -36.76
N TYR A 99 32.50 24.76 -35.72
CA TYR A 99 31.99 25.66 -34.69
C TYR A 99 32.87 26.89 -34.58
N ASN A 100 32.24 28.08 -34.58
CA ASN A 100 32.95 29.36 -34.58
C ASN A 100 34.08 29.33 -35.60
N GLY A 101 33.76 28.86 -36.80
CA GLY A 101 34.70 28.82 -37.90
C GLY A 101 35.84 27.83 -37.77
N LYS A 102 35.72 26.88 -36.84
CA LYS A 102 36.77 25.90 -36.58
C LYS A 102 36.25 24.47 -36.66
N LEU A 103 37.07 23.58 -37.21
CA LEU A 103 36.72 22.15 -37.33
C LEU A 103 36.70 21.45 -35.97
N ILE A 104 35.60 20.74 -35.69
CA ILE A 104 35.48 20.05 -34.40
C ILE A 104 35.15 18.55 -34.46
N ALA A 105 35.12 17.98 -35.68
CA ALA A 105 34.86 16.55 -35.87
C ALA A 105 35.09 16.09 -37.30
N TYR A 106 35.29 14.78 -37.46
CA TYR A 106 35.57 14.17 -38.75
C TYR A 106 34.29 13.59 -39.35
N PRO A 107 33.81 14.16 -40.46
CA PRO A 107 32.62 13.63 -41.16
C PRO A 107 32.85 12.20 -41.63
N ILE A 108 31.88 11.32 -41.39
CA ILE A 108 32.02 9.89 -41.65
C ILE A 108 31.01 9.45 -42.69
N ALA A 109 29.73 9.67 -42.42
CA ALA A 109 28.69 9.32 -43.38
C ALA A 109 27.70 10.46 -43.55
N VAL A 110 26.90 10.37 -44.61
CA VAL A 110 25.95 11.38 -45.00
C VAL A 110 24.58 10.73 -45.13
N GLU A 111 23.56 11.42 -44.61
CA GLU A 111 22.20 10.90 -44.55
C GLU A 111 21.18 11.96 -44.98
N ALA A 112 20.27 11.57 -45.87
CA ALA A 112 19.15 12.43 -46.31
C ALA A 112 18.03 11.60 -46.92
N LEU A 113 16.83 12.18 -46.96
CA LEU A 113 15.67 11.51 -47.55
C LEU A 113 15.72 11.47 -49.08
N SER A 114 15.22 10.36 -49.62
CA SER A 114 15.07 10.18 -51.07
C SER A 114 13.68 9.66 -51.43
N LEU A 115 13.37 9.70 -52.72
CA LEU A 115 12.09 9.24 -53.23
C LEU A 115 12.12 7.73 -53.48
N ILE A 116 11.25 7.01 -52.79
CA ILE A 116 11.16 5.57 -52.94
CA ILE A 116 11.16 5.57 -52.95
C ILE A 116 9.90 5.26 -53.75
N TYR A 117 10.05 4.44 -54.80
CA TYR A 117 8.93 4.10 -55.67
C TYR A 117 8.81 2.60 -55.95
N ASN A 118 7.58 2.16 -56.14
CA ASN A 118 7.28 0.79 -56.55
C ASN A 118 7.44 0.68 -58.06
N LYS A 119 8.33 -0.20 -58.51
CA LYS A 119 8.62 -0.34 -59.93
C LYS A 119 7.48 -1.05 -60.67
N ASP A 120 6.82 -1.97 -59.98
CA ASP A 120 5.74 -2.75 -60.60
C ASP A 120 4.46 -1.93 -60.76
N LEU A 121 4.35 -0.83 -60.02
CA LEU A 121 3.22 0.09 -60.13
C LEU A 121 3.62 1.33 -60.93
N LEU A 122 4.86 1.76 -60.74
CA LEU A 122 5.33 3.00 -61.34
C LEU A 122 6.77 2.83 -61.85
N PRO A 123 6.91 2.36 -63.13
CA PRO A 123 8.23 2.05 -63.72
C PRO A 123 9.10 3.29 -63.88
N ASN A 124 8.48 4.37 -64.34
CA ASN A 124 9.18 5.64 -64.52
C ASN A 124 8.67 6.66 -63.51
N PRO A 125 9.52 7.01 -62.54
CA PRO A 125 9.12 7.87 -61.42
C PRO A 125 9.07 9.33 -61.83
N PRO A 126 8.04 10.05 -61.36
CA PRO A 126 7.88 11.46 -61.74
C PRO A 126 8.99 12.34 -61.19
N LYS A 127 9.41 13.30 -62.00
CA LYS A 127 10.51 14.19 -61.71
C LYS A 127 10.02 15.45 -61.00
N THR A 128 8.71 15.68 -61.05
CA THR A 128 8.10 16.90 -60.51
C THR A 128 7.00 16.58 -59.50
N TRP A 129 6.81 17.45 -58.51
CA TRP A 129 5.66 17.37 -57.57
C TRP A 129 4.33 17.61 -58.27
N GLU A 130 4.29 18.58 -59.19
CA GLU A 130 3.05 18.99 -59.86
C GLU A 130 2.39 17.86 -60.68
N GLU A 131 3.25 16.91 -61.09
CA GLU A 131 2.85 15.74 -61.85
C GLU A 131 2.04 14.76 -60.99
N ILE A 132 2.27 14.79 -59.68
CA ILE A 132 1.66 13.82 -58.75
C ILE A 132 0.12 13.84 -58.65
N PRO A 133 -0.53 15.04 -58.36
CA PRO A 133 -2.02 14.97 -58.39
C PRO A 133 -2.66 14.30 -59.71
N ALA A 134 -2.11 14.56 -60.85
CA ALA A 134 -2.51 13.76 -62.13
C ALA A 134 -2.28 12.25 -61.94
N LEU A 135 -1.05 11.89 -61.50
CA LEU A 135 -0.65 10.49 -61.32
C LEU A 135 -1.48 9.73 -60.27
N ASP A 136 -1.93 10.44 -59.23
CA ASP A 136 -2.81 9.81 -58.24
C ASP A 136 -4.17 9.44 -58.86
N LYS A 137 -4.62 10.23 -59.83
CA LYS A 137 -5.94 9.99 -60.43
C LYS A 137 -6.00 8.72 -61.25
N GLU A 138 -4.89 8.37 -61.92
CA GLU A 138 -4.87 7.14 -62.72
C GLU A 138 -4.58 5.91 -61.86
N LEU A 139 -3.93 6.13 -60.72
CA LEU A 139 -3.76 5.04 -59.77
C LEU A 139 -5.06 4.76 -59.01
N LYS A 140 -5.79 5.82 -58.67
CA LYS A 140 -7.07 5.65 -57.96
C LYS A 140 -8.06 4.77 -58.73
N ALA A 141 -7.94 4.71 -60.05
CA ALA A 141 -8.78 3.83 -60.87
C ALA A 141 -8.48 2.35 -60.60
N LYS A 142 -7.21 2.02 -60.37
CA LYS A 142 -6.79 0.64 -60.12
C LYS A 142 -6.73 0.30 -58.63
N GLY A 143 -7.20 1.22 -57.80
CA GLY A 143 -7.34 0.98 -56.36
C GLY A 143 -6.21 1.52 -55.51
N LYS A 144 -5.08 1.86 -56.14
CA LYS A 144 -3.89 2.32 -55.42
C LYS A 144 -3.86 3.85 -55.26
N SER A 145 -2.73 4.39 -54.80
CA SER A 145 -2.52 5.83 -54.68
C SER A 145 -1.08 6.14 -55.03
N ALA A 146 -0.80 7.38 -55.42
CA ALA A 146 0.54 7.74 -55.90
C ALA A 146 1.59 7.81 -54.79
N LEU A 147 1.33 8.66 -53.79
CA LEU A 147 2.32 9.02 -52.80
C LEU A 147 1.73 9.15 -51.40
N MET A 148 2.30 8.39 -50.46
CA MET A 148 2.02 8.57 -49.04
C MET A 148 3.31 8.74 -48.26
N PHE A 149 3.43 9.83 -47.50
CA PHE A 149 4.58 9.96 -46.58
C PHE A 149 4.20 10.52 -45.21
N ASN A 150 5.15 10.56 -44.27
CA ASN A 150 4.89 11.15 -42.97
C ASN A 150 4.61 12.66 -43.07
N LEU A 151 3.32 12.99 -43.06
CA LEU A 151 2.88 14.37 -43.11
C LEU A 151 2.95 15.05 -41.75
N GLN A 152 3.15 14.26 -40.67
CA GLN A 152 3.17 14.78 -39.29
C GLN A 152 4.47 15.43 -38.81
N GLU A 153 5.61 15.02 -39.37
CA GLU A 153 6.91 15.52 -38.93
C GLU A 153 7.59 16.44 -39.94
N PRO A 154 7.94 17.67 -39.52
CA PRO A 154 8.40 18.72 -40.44
C PRO A 154 9.65 18.26 -41.16
N TYR A 155 10.39 17.37 -40.52
CA TYR A 155 11.55 16.76 -41.15
C TYR A 155 11.13 16.12 -42.47
N PHE A 156 9.98 15.45 -42.50
CA PHE A 156 9.51 14.78 -43.71
C PHE A 156 8.81 15.68 -44.73
N THR A 157 8.26 16.82 -44.30
CA THR A 157 7.54 17.73 -45.20
C THR A 157 8.37 18.92 -45.66
N TRP A 158 9.36 19.29 -44.85
CA TRP A 158 10.29 20.39 -45.17
C TRP A 158 10.97 20.37 -46.55
N PRO A 159 11.28 19.18 -47.11
CA PRO A 159 11.89 19.21 -48.43
C PRO A 159 11.10 20.03 -49.49
N LEU A 160 9.79 19.78 -49.59
CA LEU A 160 8.93 20.50 -50.54
C LEU A 160 8.76 21.98 -50.15
N ILE A 161 8.60 22.21 -48.86
CA ILE A 161 8.44 23.54 -48.27
C ILE A 161 9.68 24.40 -48.52
N ALA A 162 10.84 23.75 -48.67
CA ALA A 162 12.12 24.44 -48.81
C ALA A 162 12.46 24.76 -50.26
N ALA A 163 11.92 23.93 -51.17
CA ALA A 163 12.31 23.92 -52.56
C ALA A 163 12.37 25.32 -53.19
N ASP A 164 11.43 26.17 -52.83
CA ASP A 164 11.30 27.49 -53.47
C ASP A 164 11.81 28.68 -52.62
N GLY A 165 12.70 28.40 -51.67
CA GLY A 165 13.30 29.47 -50.87
C GLY A 165 12.92 29.42 -49.41
N GLY A 166 12.25 28.35 -48.99
CA GLY A 166 12.05 28.06 -47.58
C GLY A 166 13.36 27.58 -46.97
N TYR A 167 13.71 28.13 -45.80
CA TYR A 167 14.92 27.75 -45.08
C TYR A 167 14.76 27.96 -43.55
N ALA A 168 15.62 27.30 -42.78
CA ALA A 168 15.62 27.49 -41.33
C ALA A 168 16.22 28.85 -40.98
N PHE A 169 17.54 28.88 -40.83
CA PHE A 169 18.29 30.10 -40.56
C PHE A 169 19.26 30.30 -41.70
N LYS A 170 19.36 31.54 -42.20
CA LYS A 170 20.25 31.85 -43.32
C LYS A 170 21.70 31.46 -43.04
N TYR A 171 22.22 30.51 -43.82
CA TYR A 171 23.61 30.08 -43.72
C TYR A 171 24.46 31.00 -44.59
N GLU A 172 24.83 32.14 -44.00
CA GLU A 172 25.52 33.23 -44.71
C GLU A 172 26.84 32.80 -45.31
N ASN A 173 27.91 32.75 -44.51
CA ASN A 173 29.23 32.32 -44.98
C ASN A 173 30.06 31.70 -43.85
N GLY A 174 29.68 30.48 -43.49
CA GLY A 174 30.19 29.83 -42.29
C GLY A 174 29.34 30.13 -41.06
N LYS A 175 28.77 31.34 -41.03
CA LYS A 175 27.96 31.80 -39.91
C LYS A 175 26.46 31.58 -40.19
N TYR A 176 25.72 31.16 -39.17
CA TYR A 176 24.26 31.11 -39.24
C TYR A 176 23.68 32.37 -38.63
N ASP A 177 22.98 33.16 -39.44
CA ASP A 177 22.30 34.36 -38.92
C ASP A 177 21.08 33.96 -38.12
N ILE A 178 21.19 34.12 -36.80
CA ILE A 178 20.11 33.84 -35.83
C ILE A 178 18.83 34.64 -36.07
N LYS A 179 18.97 35.84 -36.62
CA LYS A 179 17.85 36.76 -36.81
C LYS A 179 17.15 36.59 -38.17
N ASP A 180 17.82 35.92 -39.11
CA ASP A 180 17.29 35.69 -40.46
C ASP A 180 16.66 34.30 -40.60
N VAL A 181 15.34 34.25 -40.49
CA VAL A 181 14.60 32.99 -40.50
C VAL A 181 13.63 32.94 -41.68
N GLY A 182 13.69 31.85 -42.44
CA GLY A 182 12.91 31.75 -43.68
C GLY A 182 11.77 30.74 -43.69
N VAL A 183 10.87 30.84 -42.70
CA VAL A 183 9.67 30.01 -42.71
C VAL A 183 8.40 30.80 -43.09
N ASP A 184 8.52 32.13 -43.16
CA ASP A 184 7.42 33.04 -43.50
C ASP A 184 7.39 33.40 -45.00
N ASN A 185 8.55 33.41 -45.64
CA ASN A 185 8.67 33.93 -47.02
C ASN A 185 7.90 33.17 -48.12
N ALA A 186 7.96 33.72 -49.34
CA ALA A 186 7.11 33.29 -50.47
C ALA A 186 7.20 31.80 -50.80
N GLY A 187 8.42 31.25 -50.84
CA GLY A 187 8.62 29.86 -51.20
C GLY A 187 8.15 28.87 -50.15
N ALA A 188 8.19 29.29 -48.89
CA ALA A 188 7.66 28.46 -47.81
C ALA A 188 6.15 28.32 -47.97
N LYS A 189 5.49 29.45 -48.26
CA LYS A 189 4.04 29.47 -48.43
C LYS A 189 3.64 28.65 -49.64
N ALA A 190 4.46 28.71 -50.69
CA ALA A 190 4.21 27.97 -51.93
C ALA A 190 4.34 26.46 -51.70
N GLY A 191 5.46 26.06 -51.09
CA GLY A 191 5.66 24.66 -50.66
C GLY A 191 4.49 24.15 -49.84
N LEU A 192 4.17 24.85 -48.77
CA LEU A 192 3.13 24.40 -47.87
C LEU A 192 1.73 24.42 -48.51
N THR A 193 1.51 25.37 -49.41
CA THR A 193 0.27 25.42 -50.18
C THR A 193 0.12 24.18 -51.08
N PHE A 194 1.17 23.82 -51.80
CA PHE A 194 1.12 22.64 -52.66
C PHE A 194 0.80 21.37 -51.88
N LEU A 195 1.34 21.28 -50.67
CA LEU A 195 1.06 20.15 -49.79
C LEU A 195 -0.41 20.16 -49.36
N VAL A 196 -0.88 21.29 -48.80
CA VAL A 196 -2.27 21.41 -48.35
C VAL A 196 -3.22 21.07 -49.50
N ASP A 197 -2.90 21.55 -50.70
CA ASP A 197 -3.71 21.27 -51.87
C ASP A 197 -3.79 19.80 -52.28
N LEU A 198 -2.72 19.03 -52.07
CA LEU A 198 -2.74 17.57 -52.26
C LEU A 198 -3.71 16.86 -51.30
N ILE A 199 -3.85 17.42 -50.10
CA ILE A 199 -4.79 16.88 -49.12
C ILE A 199 -6.21 17.34 -49.44
N LYS A 200 -6.33 18.64 -49.70
CA LYS A 200 -7.57 19.23 -50.20
C LYS A 200 -8.14 18.40 -51.34
N ASN A 201 -7.29 17.96 -52.25
CA ASN A 201 -7.75 17.17 -53.39
C ASN A 201 -7.78 15.67 -53.13
N LYS A 202 -7.59 15.28 -51.88
CA LYS A 202 -7.67 13.89 -51.44
C LYS A 202 -6.66 12.95 -52.11
N HIS A 203 -5.54 13.51 -52.56
CA HIS A 203 -4.44 12.68 -53.05
C HIS A 203 -3.65 12.16 -51.84
N MET A 204 -3.67 12.95 -50.76
CA MET A 204 -3.05 12.63 -49.47
C MET A 204 -4.01 12.93 -48.31
N ASN A 205 -3.68 12.43 -47.12
CA ASN A 205 -4.48 12.57 -45.91
C ASN A 205 -3.77 13.33 -44.79
N ALA A 206 -4.44 14.31 -44.19
CA ALA A 206 -3.83 15.26 -43.23
C ALA A 206 -3.26 14.59 -41.98
N ASP A 207 -3.68 13.36 -41.74
CA ASP A 207 -3.19 12.64 -40.58
C ASP A 207 -2.56 11.28 -40.95
N THR A 208 -1.83 11.28 -42.05
CA THR A 208 -0.93 10.19 -42.43
C THR A 208 0.38 10.35 -41.65
N ASP A 209 0.74 9.35 -40.84
CA ASP A 209 1.98 9.42 -40.04
C ASP A 209 3.02 8.38 -40.51
N TYR A 210 4.23 8.44 -39.94
CA TYR A 210 5.29 7.53 -40.33
C TYR A 210 4.79 6.10 -40.54
N SER A 211 4.13 5.58 -39.52
CA SER A 211 3.75 4.18 -39.44
C SER A 211 2.82 3.77 -40.57
N ILE A 212 1.78 4.58 -40.79
CA ILE A 212 0.79 4.33 -41.82
C ILE A 212 1.40 4.40 -43.22
N ALA A 213 2.22 5.42 -43.46
CA ALA A 213 2.94 5.62 -44.72
C ALA A 213 3.79 4.41 -45.05
N GLU A 214 4.58 3.96 -44.10
CA GLU A 214 5.47 2.83 -44.32
C GLU A 214 4.69 1.55 -44.60
N ALA A 215 3.59 1.35 -43.86
CA ALA A 215 2.87 0.09 -43.97
C ALA A 215 2.23 -0.02 -45.33
N ALA A 216 1.82 1.11 -45.88
CA ALA A 216 1.14 1.16 -47.17
C ALA A 216 2.10 0.96 -48.32
N PHE A 217 3.33 1.46 -48.16
CA PHE A 217 4.31 1.22 -49.19
C PHE A 217 4.78 -0.22 -49.16
N ASN A 218 4.96 -0.78 -47.98
CA ASN A 218 5.45 -2.16 -47.89
C ASN A 218 4.43 -3.22 -48.32
N LYS A 219 3.14 -2.86 -48.32
CA LYS A 219 2.05 -3.75 -48.74
C LYS A 219 1.67 -3.56 -50.21
N GLY A 220 2.33 -2.62 -50.88
CA GLY A 220 2.07 -2.34 -52.30
C GLY A 220 0.79 -1.56 -52.51
N GLU A 221 0.45 -0.71 -51.55
CA GLU A 221 -0.78 0.08 -51.61
C GLU A 221 -0.56 1.47 -52.15
N THR A 222 0.66 1.98 -52.01
CA THR A 222 1.02 3.25 -52.58
C THR A 222 2.26 3.08 -53.44
N ALA A 223 2.26 3.78 -54.57
CA ALA A 223 3.29 3.59 -55.58
C ALA A 223 4.61 4.23 -55.16
N MET A 224 4.55 5.26 -54.31
CA MET A 224 5.76 5.87 -53.77
C MET A 224 5.65 6.42 -52.37
N THR A 225 6.83 6.58 -51.75
CA THR A 225 6.96 7.24 -50.46
C THR A 225 8.24 8.09 -50.36
N ILE A 226 8.39 8.80 -49.24
CA ILE A 226 9.58 9.58 -48.96
C ILE A 226 10.09 9.08 -47.61
N ASN A 227 11.33 8.59 -47.59
CA ASN A 227 11.92 7.99 -46.40
C ASN A 227 13.45 7.82 -46.55
N GLY A 228 14.13 7.65 -45.42
CA GLY A 228 15.59 7.58 -45.39
C GLY A 228 16.14 6.17 -45.53
N PRO A 229 17.47 6.02 -45.51
CA PRO A 229 18.13 4.73 -45.76
C PRO A 229 17.84 3.69 -44.68
N TRP A 230 17.37 4.15 -43.52
CA TRP A 230 17.02 3.29 -42.42
C TRP A 230 15.78 2.45 -42.75
N ALA A 231 15.08 2.80 -43.82
CA ALA A 231 13.84 2.15 -44.21
C ALA A 231 14.01 0.96 -45.16
N TRP A 232 15.19 0.86 -45.78
CA TRP A 232 15.35 -0.10 -46.88
C TRP A 232 15.17 -1.57 -46.49
N SER A 233 15.61 -1.96 -45.30
CA SER A 233 15.60 -3.37 -44.92
C SER A 233 14.18 -3.91 -44.72
N ASN A 234 13.28 -3.07 -44.23
CA ASN A 234 11.87 -3.41 -44.18
C ASN A 234 11.36 -3.73 -45.57
N ILE A 235 11.69 -2.87 -46.52
CA ILE A 235 11.27 -3.03 -47.88
C ILE A 235 11.86 -4.30 -48.50
N ASP A 236 13.14 -4.56 -48.23
CA ASP A 236 13.79 -5.80 -48.66
C ASP A 236 13.05 -7.07 -48.17
N THR A 237 12.63 -7.06 -46.90
CA THR A 237 11.88 -8.17 -46.30
C THR A 237 10.49 -8.28 -46.92
N SER A 238 9.93 -7.12 -47.30
CA SER A 238 8.63 -7.04 -47.94
C SER A 238 8.65 -7.55 -49.39
N LYS A 239 9.84 -7.54 -50.00
CA LYS A 239 10.09 -7.94 -51.40
C LYS A 239 9.40 -7.04 -52.45
N VAL A 240 9.02 -5.83 -52.05
CA VAL A 240 8.50 -4.83 -52.98
C VAL A 240 9.61 -4.48 -53.95
N ASN A 241 9.37 -4.67 -55.25
CA ASN A 241 10.34 -4.32 -56.28
C ASN A 241 10.49 -2.80 -56.37
N TYR A 242 11.51 -2.28 -55.71
CA TYR A 242 11.56 -0.86 -55.41
C TYR A 242 12.86 -0.17 -55.85
N GLY A 243 12.77 1.12 -56.08
CA GLY A 243 13.93 1.92 -56.42
C GLY A 243 14.01 3.16 -55.55
N VAL A 244 15.23 3.63 -55.31
CA VAL A 244 15.44 4.87 -54.57
C VAL A 244 15.98 5.86 -55.57
N THR A 245 15.33 7.03 -55.65
CA THR A 245 15.72 8.01 -56.67
C THR A 245 15.75 9.44 -56.11
N VAL A 246 16.06 10.42 -56.97
CA VAL A 246 16.12 11.82 -56.56
C VAL A 246 14.74 12.33 -56.23
N LEU A 247 14.65 13.18 -55.21
CA LEU A 247 13.36 13.75 -54.82
C LEU A 247 12.83 14.61 -55.97
N PRO A 248 11.49 14.57 -56.17
CA PRO A 248 10.83 15.32 -57.24
C PRO A 248 11.03 16.81 -57.10
N THR A 249 11.05 17.51 -58.23
CA THR A 249 11.26 18.95 -58.29
C THR A 249 9.99 19.73 -57.99
N PHE A 250 10.15 20.90 -57.35
CA PHE A 250 9.01 21.80 -57.05
C PHE A 250 9.25 23.15 -57.72
N LYS A 251 8.32 23.53 -58.60
CA LYS A 251 8.48 24.68 -59.49
C LYS A 251 9.88 24.73 -60.10
N GLY A 252 10.30 23.61 -60.68
CA GLY A 252 11.59 23.51 -61.39
C GLY A 252 12.82 23.42 -60.50
N GLN A 253 12.59 23.46 -59.18
CA GLN A 253 13.69 23.51 -58.21
C GLN A 253 13.75 22.24 -57.36
N PRO A 254 14.97 21.85 -56.93
CA PRO A 254 15.18 20.62 -56.16
C PRO A 254 14.50 20.66 -54.80
N SER A 255 13.93 19.52 -54.40
CA SER A 255 13.57 19.31 -53.00
C SER A 255 14.83 19.53 -52.16
N LYS A 256 14.66 20.08 -50.96
CA LYS A 256 15.81 20.33 -50.09
C LYS A 256 15.71 19.63 -48.74
N PRO A 257 15.95 18.29 -48.74
CA PRO A 257 15.89 17.60 -47.45
C PRO A 257 16.99 18.10 -46.51
N PHE A 258 16.82 17.83 -45.22
CA PHE A 258 17.83 18.15 -44.24
C PHE A 258 18.95 17.10 -44.32
N VAL A 259 20.18 17.51 -44.07
CA VAL A 259 21.32 16.61 -44.22
C VAL A 259 21.97 16.32 -42.90
N GLY A 260 22.06 15.02 -42.60
CA GLY A 260 22.64 14.57 -41.36
C GLY A 260 23.98 13.95 -41.66
N VAL A 261 25.04 14.54 -41.10
CA VAL A 261 26.39 14.00 -41.27
C VAL A 261 26.89 13.32 -40.00
N LEU A 262 26.98 11.98 -40.05
CA LEU A 262 27.55 11.21 -38.95
C LEU A 262 29.00 11.60 -38.78
N SER A 263 29.36 12.05 -37.59
CA SER A 263 30.66 12.66 -37.37
C SER A 263 31.34 12.12 -36.12
N ALA A 264 32.66 12.11 -36.12
CA ALA A 264 33.43 11.59 -35.00
C ALA A 264 34.20 12.74 -34.36
N GLY A 265 33.92 13.01 -33.09
CA GLY A 265 34.59 14.12 -32.41
C GLY A 265 35.48 13.62 -31.30
N ILE A 266 36.57 14.34 -31.03
CA ILE A 266 37.51 13.98 -29.97
C ILE A 266 37.17 14.78 -28.73
N ASN A 267 37.06 14.07 -27.60
CA ASN A 267 36.76 14.65 -26.30
C ASN A 267 37.84 15.67 -25.93
N ALA A 268 37.46 16.90 -25.59
CA ALA A 268 38.46 17.93 -25.20
C ALA A 268 39.32 17.54 -23.98
N ALA A 269 38.81 16.61 -23.18
CA ALA A 269 39.46 16.18 -21.96
C ALA A 269 40.39 14.99 -22.15
N SER A 270 40.46 14.43 -23.36
CA SER A 270 41.23 13.22 -23.59
C SER A 270 42.74 13.46 -23.61
N PRO A 271 43.51 12.60 -22.92
CA PRO A 271 44.96 12.65 -22.99
C PRO A 271 45.48 11.92 -24.21
N ASN A 272 44.58 11.50 -25.08
CA ASN A 272 44.94 10.63 -26.21
C ASN A 272 44.60 11.26 -27.58
N LYS A 273 44.66 12.60 -27.65
CA LYS A 273 44.22 13.33 -28.84
C LYS A 273 44.98 12.86 -30.06
N GLU A 274 46.29 12.73 -29.92
CA GLU A 274 47.15 12.31 -31.01
C GLU A 274 46.83 10.88 -31.41
N LEU A 275 46.53 10.03 -30.44
CA LEU A 275 46.17 8.66 -30.77
C LEU A 275 44.84 8.63 -31.54
N ALA A 276 43.94 9.54 -31.14
CA ALA A 276 42.62 9.62 -31.75
C ALA A 276 42.71 10.10 -33.19
N LYS A 277 43.46 11.18 -33.39
CA LYS A 277 43.77 11.69 -34.73
C LYS A 277 44.28 10.58 -35.67
N GLU A 278 45.25 9.79 -35.20
CA GLU A 278 45.81 8.72 -36.01
C GLU A 278 44.78 7.66 -36.32
N PHE A 279 44.07 7.22 -35.30
CA PHE A 279 43.02 6.24 -35.52
C PHE A 279 42.01 6.74 -36.59
N LEU A 280 41.56 7.97 -36.42
CA LEU A 280 40.47 8.47 -37.25
C LEU A 280 40.95 8.72 -38.68
N GLU A 281 42.06 9.44 -38.82
CA GLU A 281 42.59 9.86 -40.12
C GLU A 281 43.12 8.73 -40.97
N ASN A 282 43.92 7.85 -40.37
CA ASN A 282 44.69 6.89 -41.14
C ASN A 282 44.15 5.48 -41.06
N TYR A 283 43.22 5.23 -40.13
CA TYR A 283 42.69 3.86 -39.96
C TYR A 283 41.22 3.74 -40.34
N LEU A 284 40.40 4.62 -39.80
CA LEU A 284 38.97 4.56 -40.07
C LEU A 284 38.64 5.16 -41.43
N LEU A 285 39.12 6.37 -41.65
CA LEU A 285 38.76 7.10 -42.84
C LEU A 285 39.58 6.69 -44.07
N THR A 286 39.53 5.39 -44.37
CA THR A 286 40.16 4.79 -45.54
C THR A 286 39.12 3.86 -46.13
N ASP A 287 39.20 3.61 -47.42
CA ASP A 287 38.38 2.58 -48.07
C ASP A 287 38.26 1.32 -47.19
N GLU A 288 39.38 0.81 -46.71
CA GLU A 288 39.42 -0.44 -45.97
C GLU A 288 38.75 -0.31 -44.58
N GLY A 289 38.91 0.85 -43.93
CA GLY A 289 38.35 1.09 -42.60
C GLY A 289 36.85 1.26 -42.65
N LEU A 290 36.40 2.08 -43.59
CA LEU A 290 34.99 2.31 -43.75
C LEU A 290 34.26 1.09 -44.25
N GLU A 291 34.93 0.23 -45.01
CA GLU A 291 34.29 -1.02 -45.52
C GLU A 291 34.10 -2.03 -44.39
N ALA A 292 34.97 -1.97 -43.39
CA ALA A 292 34.83 -2.82 -42.20
C ALA A 292 33.54 -2.52 -41.42
N VAL A 293 33.22 -1.23 -41.27
CA VAL A 293 32.00 -0.79 -40.59
CA VAL A 293 32.00 -0.77 -40.60
C VAL A 293 30.76 -1.01 -41.46
N ASN A 294 30.85 -0.65 -42.73
CA ASN A 294 29.75 -0.78 -43.67
C ASN A 294 29.22 -2.21 -43.78
N LYS A 295 30.14 -3.17 -43.79
CA LYS A 295 29.86 -4.61 -43.90
C LYS A 295 29.07 -5.11 -42.70
N ASP A 296 29.37 -4.54 -41.54
CA ASP A 296 28.64 -4.84 -40.30
C ASP A 296 27.20 -4.34 -40.41
N LYS A 297 27.05 -3.02 -40.47
CA LYS A 297 25.79 -2.34 -40.78
C LYS A 297 26.09 -1.20 -41.77
N PRO A 298 25.34 -1.15 -42.91
CA PRO A 298 25.61 -0.20 -44.00
C PRO A 298 25.57 1.24 -43.53
N LEU A 299 26.54 2.00 -43.97
CA LEU A 299 26.72 3.40 -43.54
C LEU A 299 25.91 4.36 -44.38
N GLY A 300 25.33 3.84 -45.45
CA GLY A 300 24.73 4.69 -46.46
C GLY A 300 25.81 5.34 -47.30
N ALA A 301 25.68 6.63 -47.47
CA ALA A 301 26.61 7.42 -48.24
C ALA A 301 27.67 7.96 -47.29
N VAL A 302 28.93 7.80 -47.66
CA VAL A 302 30.06 8.20 -46.81
C VAL A 302 30.71 9.49 -47.33
N ALA A 303 31.38 10.22 -46.45
CA ALA A 303 32.06 11.46 -46.83
C ALA A 303 33.42 11.25 -47.53
N LEU A 304 34.00 10.06 -47.40
CA LEU A 304 35.29 9.77 -48.04
C LEU A 304 35.05 9.61 -49.55
N LYS A 305 35.55 10.57 -50.32
CA LYS A 305 35.39 10.62 -51.78
C LYS A 305 35.61 9.27 -52.49
N SER A 306 36.79 8.68 -52.23
CA SER A 306 37.16 7.40 -52.82
C SER A 306 36.19 6.27 -52.51
N TYR A 307 35.75 6.15 -51.26
CA TYR A 307 34.85 5.06 -50.89
C TYR A 307 33.41 5.29 -51.33
N GLU A 308 32.96 6.54 -51.30
CA GLU A 308 31.65 6.91 -51.86
C GLU A 308 31.50 6.47 -53.31
N GLU A 309 32.57 6.62 -54.11
CA GLU A 309 32.49 6.32 -55.53
C GLU A 309 32.34 4.83 -55.83
N GLU A 310 32.72 3.97 -54.88
CA GLU A 310 32.47 2.54 -55.05
C GLU A 310 31.09 2.16 -54.47
N LEU A 311 30.74 2.76 -53.33
CA LEU A 311 29.39 2.60 -52.77
C LEU A 311 28.32 3.06 -53.76
N ALA A 312 28.58 4.18 -54.45
CA ALA A 312 27.62 4.77 -55.39
C ALA A 312 27.25 3.91 -56.62
N LYS A 313 27.95 2.79 -56.83
CA LYS A 313 27.57 1.83 -57.88
C LYS A 313 26.22 1.16 -57.55
N ASP A 314 25.74 1.44 -56.34
CA ASP A 314 24.40 1.09 -55.92
C ASP A 314 23.55 2.35 -56.06
N PRO A 315 22.53 2.32 -56.96
CA PRO A 315 21.71 3.49 -57.30
C PRO A 315 21.08 4.16 -56.09
N ARG A 316 20.77 3.37 -55.06
CA ARG A 316 20.14 3.85 -53.82
C ARG A 316 21.08 4.79 -53.10
N ILE A 317 22.34 4.39 -53.01
CA ILE A 317 23.31 5.21 -52.31
C ILE A 317 23.62 6.48 -53.07
N ALA A 318 23.75 6.33 -54.40
CA ALA A 318 23.90 7.45 -55.31
C ALA A 318 22.75 8.44 -55.12
N ALA A 319 21.53 7.93 -55.20
CA ALA A 319 20.34 8.75 -54.96
C ALA A 319 20.43 9.52 -53.63
N THR A 320 20.78 8.81 -52.55
CA THR A 320 20.93 9.45 -51.24
C THR A 320 21.89 10.64 -51.31
N MET A 321 23.07 10.41 -51.86
CA MET A 321 24.10 11.42 -51.90
C MET A 321 23.63 12.61 -52.73
N GLU A 322 22.92 12.33 -53.82
CA GLU A 322 22.42 13.39 -54.67
C GLU A 322 21.46 14.32 -53.91
N ASN A 323 20.50 13.72 -53.19
CA ASN A 323 19.53 14.49 -52.41
C ASN A 323 20.21 15.23 -51.29
N ALA A 324 21.21 14.60 -50.68
CA ALA A 324 22.07 15.21 -49.69
C ALA A 324 22.66 16.51 -50.24
N GLN A 325 23.37 16.39 -51.36
CA GLN A 325 24.08 17.50 -51.96
C GLN A 325 23.15 18.67 -52.32
N LYS A 326 21.95 18.35 -52.81
CA LYS A 326 20.98 19.39 -53.18
C LYS A 326 20.19 19.91 -51.98
N GLY A 327 20.44 19.31 -50.81
CA GLY A 327 19.71 19.66 -49.62
C GLY A 327 20.42 20.63 -48.67
N GLU A 328 19.83 20.76 -47.49
CA GLU A 328 20.24 21.74 -46.50
C GLU A 328 20.95 21.01 -45.37
N ILE A 329 22.19 21.40 -45.07
CA ILE A 329 22.85 20.88 -43.87
C ILE A 329 22.03 21.31 -42.66
N MET A 330 21.82 20.39 -41.72
CA MET A 330 21.17 20.71 -40.46
C MET A 330 22.02 21.65 -39.63
N PRO A 331 21.47 22.84 -39.30
CA PRO A 331 22.21 23.81 -38.50
C PRO A 331 22.50 23.26 -37.12
N ASN A 332 23.73 23.42 -36.67
CA ASN A 332 24.20 22.87 -35.40
C ASN A 332 24.07 23.89 -34.27
N ILE A 333 23.08 24.76 -34.37
CA ILE A 333 22.95 25.83 -33.37
C ILE A 333 21.80 25.54 -32.40
N PRO A 334 21.90 26.05 -31.16
CA PRO A 334 20.86 25.76 -30.16
C PRO A 334 19.46 26.18 -30.59
N GLN A 335 19.39 27.22 -31.41
CA GLN A 335 18.12 27.83 -31.79
C GLN A 335 17.23 26.94 -32.66
N MET A 336 17.78 25.81 -33.13
CA MET A 336 17.02 24.83 -33.90
C MET A 336 15.90 24.11 -33.11
N SER A 337 16.01 24.12 -31.78
CA SER A 337 14.98 23.62 -30.88
C SER A 337 13.66 24.30 -31.21
N ALA A 338 13.66 25.63 -31.18
CA ALA A 338 12.48 26.45 -31.42
C ALA A 338 11.92 26.22 -32.81
N PHE A 339 12.81 26.08 -33.79
CA PHE A 339 12.42 25.80 -35.16
C PHE A 339 11.49 24.60 -35.25
N TRP A 340 11.90 23.48 -34.63
CA TRP A 340 11.20 22.21 -34.81
C TRP A 340 9.76 22.22 -34.36
N TYR A 341 9.51 22.71 -33.15
CA TYR A 341 8.16 22.74 -32.61
C TYR A 341 7.27 23.68 -33.43
N ALA A 342 7.73 24.93 -33.59
CA ALA A 342 6.99 25.96 -34.31
C ALA A 342 6.57 25.49 -35.69
N VAL A 343 7.52 24.90 -36.43
CA VAL A 343 7.26 24.43 -37.78
C VAL A 343 6.32 23.21 -37.81
N ARG A 344 6.58 22.22 -36.96
CA ARG A 344 5.71 21.05 -36.82
C ARG A 344 4.26 21.41 -36.58
N THR A 345 4.05 22.40 -35.70
CA THR A 345 2.73 22.94 -35.37
C THR A 345 2.07 23.63 -36.57
N ALA A 346 2.82 24.49 -37.24
CA ALA A 346 2.34 25.25 -38.41
C ALA A 346 1.81 24.35 -39.52
N VAL A 347 2.56 23.29 -39.84
CA VAL A 347 2.14 22.32 -40.85
C VAL A 347 0.84 21.62 -40.45
N ILE A 348 0.77 21.16 -39.20
CA ILE A 348 -0.43 20.50 -38.65
C ILE A 348 -1.65 21.41 -38.71
N ASN A 349 -1.46 22.66 -38.30
CA ASN A 349 -2.49 23.71 -38.36
C ASN A 349 -3.02 23.92 -39.77
N ALA A 350 -2.12 23.96 -40.74
CA ALA A 350 -2.50 24.17 -42.14
C ALA A 350 -3.09 22.92 -42.78
N ALA A 351 -2.55 21.75 -42.44
CA ALA A 351 -3.02 20.49 -43.02
C ALA A 351 -4.41 20.08 -42.52
N SER A 352 -4.61 20.18 -41.21
CA SER A 352 -5.88 19.85 -40.56
C SER A 352 -6.95 20.94 -40.77
N GLY A 353 -6.54 22.07 -41.35
CA GLY A 353 -7.44 23.16 -41.69
C GLY A 353 -7.76 24.13 -40.55
N ARG A 354 -7.04 24.03 -39.44
CA ARG A 354 -7.23 24.95 -38.31
C ARG A 354 -6.79 26.38 -38.66
N GLN A 355 -5.72 26.49 -39.43
CA GLN A 355 -5.26 27.77 -39.94
C GLN A 355 -4.98 27.67 -41.44
N THR A 356 -4.99 28.82 -42.11
CA THR A 356 -4.54 28.87 -43.49
C THR A 356 -3.03 28.90 -43.51
N VAL A 357 -2.43 28.56 -44.66
CA VAL A 357 -0.98 28.50 -44.81
C VAL A 357 -0.30 29.79 -44.36
N ASP A 358 -0.77 30.92 -44.90
CA ASP A 358 -0.22 32.24 -44.59
C ASP A 358 -0.03 32.47 -43.09
N GLU A 359 -1.12 32.57 -42.36
CA GLU A 359 -1.04 32.90 -40.95
C GLU A 359 -0.29 31.83 -40.16
N ALA A 360 -0.48 30.55 -40.53
CA ALA A 360 0.23 29.43 -39.88
C ALA A 360 1.74 29.62 -39.86
N LEU A 361 2.32 29.90 -41.03
CA LEU A 361 3.75 30.15 -41.17
C LEU A 361 4.18 31.53 -40.62
N LYS A 362 3.31 32.52 -40.76
CA LYS A 362 3.51 33.83 -40.15
C LYS A 362 3.71 33.68 -38.64
N ASP A 363 2.80 32.93 -38.02
CA ASP A 363 2.88 32.57 -36.60
C ASP A 363 4.11 31.76 -36.24
N ALA A 364 4.49 30.81 -37.09
CA ALA A 364 5.66 29.96 -36.81
C ALA A 364 6.95 30.75 -36.90
N GLN A 365 6.98 31.74 -37.80
CA GLN A 365 8.13 32.63 -37.89
C GLN A 365 8.24 33.51 -36.66
N THR A 366 7.11 34.10 -36.27
CA THR A 366 7.03 34.87 -35.04
C THR A 366 7.58 34.07 -33.84
N ARG A 367 7.24 32.78 -33.76
CA ARG A 367 7.62 31.97 -32.60
C ARG A 367 9.12 31.65 -32.54
N ILE A 368 9.72 31.36 -33.69
CA ILE A 368 11.16 31.11 -33.77
C ILE A 368 11.95 32.41 -33.60
N THR A 369 11.47 33.49 -34.20
CA THR A 369 12.21 34.77 -34.21
C THR A 369 12.31 35.39 -32.82
N LYS A 370 11.28 35.17 -32.02
CA LYS A 370 11.22 35.78 -30.69
C LYS A 370 11.77 34.85 -29.62
N ALA A 371 11.83 33.57 -29.93
CA ALA A 371 12.52 32.58 -29.09
C ALA A 371 14.03 32.75 -29.23
N SER A 372 14.49 32.91 -30.48
CA SER A 372 15.92 33.05 -30.78
C SER A 372 16.50 34.39 -30.32
N ALA A 373 15.63 35.37 -30.09
CA ALA A 373 16.05 36.69 -29.59
C ALA A 373 16.03 36.80 -28.06
N SER A 374 14.86 36.57 -27.46
CA SER A 374 14.72 36.67 -26.01
C SER A 374 14.62 35.28 -25.36
N TRP B 10 21.79 -18.13 23.91
CA TRP B 10 21.80 -16.63 23.96
C TRP B 10 23.02 -16.03 23.24
N GLN B 11 22.74 -15.20 22.24
CA GLN B 11 23.77 -14.37 21.59
C GLN B 11 24.19 -13.31 22.60
N SER B 12 25.47 -13.35 22.98
CA SER B 12 25.99 -12.60 24.13
C SER B 12 25.58 -11.13 24.26
N ASP B 13 25.63 -10.63 25.49
CA ASP B 13 25.44 -9.22 25.79
C ASP B 13 26.72 -8.44 25.47
N ALA B 14 27.85 -9.13 25.54
CA ALA B 14 29.13 -8.57 25.11
C ALA B 14 29.11 -8.34 23.60
N LEU B 15 28.60 -9.33 22.87
CA LEU B 15 28.51 -9.29 21.41
C LEU B 15 27.86 -8.01 20.86
N LYS B 16 27.02 -7.33 21.65
CA LYS B 16 26.41 -6.08 21.22
C LYS B 16 27.43 -4.94 21.21
N TRP B 17 28.00 -4.64 22.39
CA TRP B 17 29.02 -3.59 22.48
C TRP B 17 30.28 -3.89 21.63
N SER B 18 30.36 -5.13 21.13
CA SER B 18 31.46 -5.55 20.26
C SER B 18 31.19 -5.15 18.81
N VAL B 19 30.04 -5.57 18.29
CA VAL B 19 29.62 -5.25 16.92
C VAL B 19 29.44 -3.74 16.76
N LEU B 20 28.95 -3.08 17.80
CA LEU B 20 28.79 -1.62 17.80
C LEU B 20 30.13 -0.89 17.80
N GLY B 21 31.14 -1.49 18.44
CA GLY B 21 32.50 -0.96 18.39
C GLY B 21 33.19 -1.23 17.06
N LEU B 22 32.93 -2.42 16.51
CA LEU B 22 33.47 -2.84 15.21
C LEU B 22 32.98 -1.97 14.05
N LEU B 23 31.67 -1.73 14.02
CA LEU B 23 31.07 -0.89 12.98
C LEU B 23 31.43 0.59 13.18
N GLY B 24 31.50 1.01 14.45
CA GLY B 24 31.89 2.38 14.80
C GLY B 24 33.36 2.63 14.54
N LEU B 25 34.05 1.60 14.05
CA LEU B 25 35.45 1.70 13.65
C LEU B 25 35.57 1.79 12.13
N LEU B 26 34.76 1.03 11.41
CA LEU B 26 34.64 1.20 9.95
C LEU B 26 34.27 2.64 9.65
N VAL B 27 33.42 3.22 10.51
CA VAL B 27 33.22 4.66 10.55
C VAL B 27 34.47 5.27 11.17
N GLY B 28 35.11 6.17 10.43
CA GLY B 28 36.41 6.72 10.81
C GLY B 28 37.46 6.23 9.84
N TYR B 29 37.61 4.91 9.79
CA TYR B 29 38.46 4.25 8.79
C TYR B 29 38.05 4.69 7.39
N LEU B 30 36.75 4.90 7.21
CA LEU B 30 36.20 5.38 5.95
C LEU B 30 35.86 6.87 5.97
N VAL B 31 35.89 7.49 7.14
CA VAL B 31 35.55 8.93 7.26
C VAL B 31 36.78 9.82 7.14
N VAL B 32 37.83 9.51 7.91
CA VAL B 32 39.10 10.23 7.83
C VAL B 32 39.75 9.92 6.48
N LEU B 33 39.48 8.72 5.97
CA LEU B 33 39.90 8.28 4.63
C LEU B 33 39.17 9.05 3.53
N MET B 34 38.00 9.61 3.85
CA MET B 34 37.28 10.51 2.95
C MET B 34 37.79 11.94 3.11
N TYR B 35 38.37 12.24 4.28
CA TYR B 35 38.97 13.55 4.53
C TYR B 35 40.20 13.76 3.64
N ALA B 36 40.86 12.65 3.31
CA ALA B 36 42.00 12.64 2.39
C ALA B 36 41.55 12.89 0.94
N GLN B 37 42.53 12.96 0.03
CA GLN B 37 42.35 13.42 -1.37
C GLN B 37 41.48 14.69 -1.55
N GLY B 38 40.24 14.65 -1.08
CA GLY B 38 39.32 15.78 -1.15
C GLY B 38 37.89 15.36 -1.41
N GLU B 39 37.18 15.00 -0.33
CA GLU B 39 35.79 14.55 -0.39
C GLU B 39 35.09 15.03 0.89
N TYR B 40 35.01 16.35 1.06
CA TYR B 40 34.62 16.94 2.36
C TYR B 40 33.11 16.97 2.63
N LEU B 41 32.34 17.36 1.62
CA LEU B 41 30.89 17.30 1.68
C LEU B 41 30.43 15.86 1.97
N PHE B 42 31.18 14.90 1.42
CA PHE B 42 30.88 13.47 1.59
C PHE B 42 31.38 12.89 2.91
N ALA B 43 32.18 13.66 3.64
CA ALA B 43 32.68 13.23 4.94
C ALA B 43 31.79 13.75 6.07
N ILE B 44 31.40 15.01 5.98
CA ILE B 44 30.51 15.65 6.95
C ILE B 44 29.16 14.95 6.92
N THR B 45 28.68 14.65 5.72
CA THR B 45 27.37 14.05 5.53
C THR B 45 27.32 12.62 6.11
N THR B 46 28.41 11.88 5.94
CA THR B 46 28.47 10.48 6.34
C THR B 46 28.78 10.34 7.84
N LEU B 47 29.24 11.44 8.44
CA LEU B 47 29.52 11.45 9.88
C LEU B 47 28.22 11.56 10.69
N ILE B 48 27.40 12.57 10.38
CA ILE B 48 26.11 12.76 11.06
C ILE B 48 25.20 11.53 10.91
N LEU B 49 25.19 10.94 9.72
CA LEU B 49 24.35 9.78 9.40
C LEU B 49 24.75 8.48 10.13
N SER B 50 26.04 8.20 10.22
CA SER B 50 26.53 7.01 10.94
C SER B 50 26.44 7.18 12.45
N SER B 51 26.73 8.38 12.93
CA SER B 51 26.71 8.71 14.36
C SER B 51 25.31 8.60 14.94
N ALA B 52 24.33 9.04 14.16
CA ALA B 52 22.93 8.92 14.53
C ALA B 52 22.57 7.43 14.62
N GLY B 53 23.07 6.63 13.68
CA GLY B 53 22.86 5.18 13.65
C GLY B 53 23.39 4.47 14.87
N LEU B 54 24.60 4.82 15.30
CA LEU B 54 25.20 4.18 16.48
C LEU B 54 24.53 4.57 17.80
N TYR B 55 24.36 5.87 18.03
CA TYR B 55 23.69 6.39 19.22
C TYR B 55 22.27 5.79 19.37
N ILE B 56 21.54 5.75 18.27
CA ILE B 56 20.19 5.20 18.23
C ILE B 56 20.15 3.72 18.67
N PHE B 57 21.14 2.94 18.24
CA PHE B 57 21.23 1.53 18.65
C PHE B 57 21.97 1.34 19.97
N ALA B 58 22.53 2.44 20.50
CA ALA B 58 23.28 2.40 21.76
C ALA B 58 22.36 2.48 22.97
N ASN B 59 21.68 3.63 23.12
CA ASN B 59 20.77 3.78 24.24
C ASN B 59 19.36 3.32 23.87
N ARG B 60 18.83 2.45 24.71
CA ARG B 60 17.53 1.83 24.48
C ARG B 60 16.40 2.83 24.70
N LYS B 61 16.73 4.09 24.93
CA LYS B 61 15.72 5.14 25.02
C LYS B 61 15.31 5.66 23.63
N ALA B 62 16.17 5.45 22.65
CA ALA B 62 15.84 5.79 21.27
C ALA B 62 15.34 4.57 20.49
N TYR B 63 14.65 3.66 21.19
CA TYR B 63 14.14 2.39 20.63
C TYR B 63 13.40 2.57 19.32
N ALA B 64 12.28 3.28 19.37
CA ALA B 64 11.44 3.45 18.18
C ALA B 64 12.21 3.89 16.92
N TRP B 65 13.23 4.73 17.10
CA TRP B 65 14.04 5.21 15.99
C TRP B 65 14.77 4.11 15.27
N ARG B 66 15.06 3.01 15.97
CA ARG B 66 15.64 1.81 15.37
C ARG B 66 14.87 1.32 14.16
N TYR B 67 13.56 1.53 14.20
CA TYR B 67 12.65 1.07 13.17
C TYR B 67 12.58 2.08 12.04
N VAL B 68 12.78 3.35 12.38
CA VAL B 68 12.61 4.43 11.42
C VAL B 68 13.90 4.75 10.67
N TYR B 69 15.02 4.56 11.37
CA TYR B 69 16.29 5.08 10.93
C TYR B 69 16.78 4.49 9.61
N PRO B 70 16.77 3.14 9.46
CA PRO B 70 17.14 2.55 8.16
C PRO B 70 16.36 3.16 7.00
N GLY B 71 15.04 3.28 7.17
CA GLY B 71 14.19 3.77 6.10
C GLY B 71 14.44 5.24 5.82
N MET B 72 14.53 6.03 6.88
CA MET B 72 14.76 7.47 6.73
C MET B 72 16.11 7.78 6.12
N ALA B 73 17.11 6.97 6.46
CA ALA B 73 18.44 7.07 5.85
C ALA B 73 18.39 6.83 4.33
N GLY B 74 17.69 5.79 3.92
CA GLY B 74 17.47 5.52 2.50
C GLY B 74 16.86 6.72 1.82
N MET B 75 15.75 7.20 2.37
CA MET B 75 15.05 8.38 1.85
C MET B 75 15.91 9.64 1.76
N GLY B 76 16.61 9.98 2.84
CA GLY B 76 17.49 11.14 2.80
C GLY B 76 18.46 11.02 1.64
N LEU B 77 19.02 9.83 1.48
CA LEU B 77 20.09 9.58 0.51
C LEU B 77 19.65 9.69 -0.95
N PHE B 78 18.49 9.14 -1.30
CA PHE B 78 18.09 9.05 -2.70
C PHE B 78 16.82 9.83 -3.03
N VAL B 79 16.20 10.44 -2.04
CA VAL B 79 15.07 11.32 -2.33
C VAL B 79 15.40 12.75 -1.93
N LEU B 80 15.79 12.94 -0.68
CA LEU B 80 16.05 14.28 -0.16
C LEU B 80 17.23 14.96 -0.83
N PHE B 81 18.40 14.32 -0.77
CA PHE B 81 19.63 14.85 -1.36
C PHE B 81 19.46 15.36 -2.81
N PRO B 82 18.85 14.54 -3.71
CA PRO B 82 18.55 15.05 -5.05
C PRO B 82 17.68 16.30 -5.07
N LEU B 83 16.61 16.30 -4.28
CA LEU B 83 15.80 17.50 -4.12
C LEU B 83 16.65 18.73 -3.72
N VAL B 84 17.61 18.55 -2.81
CA VAL B 84 18.41 19.67 -2.34
C VAL B 84 19.27 20.24 -3.46
N CYS B 85 19.98 19.38 -4.19
CA CYS B 85 20.78 19.78 -5.35
C CYS B 85 19.96 20.50 -6.41
N THR B 86 18.79 19.95 -6.71
CA THR B 86 17.89 20.54 -7.71
C THR B 86 17.51 21.97 -7.32
N ILE B 87 17.19 22.15 -6.05
CA ILE B 87 16.94 23.48 -5.50
C ILE B 87 18.22 24.31 -5.61
N ALA B 88 19.33 23.80 -5.07
CA ALA B 88 20.62 24.47 -5.19
C ALA B 88 20.88 24.96 -6.62
N ILE B 89 20.77 24.06 -7.59
CA ILE B 89 21.01 24.40 -9.00
C ILE B 89 20.21 25.62 -9.46
N ALA B 90 19.01 25.80 -8.91
CA ALA B 90 18.13 26.93 -9.29
C ALA B 90 18.71 28.31 -8.98
N PHE B 91 19.68 28.38 -8.07
CA PHE B 91 20.31 29.66 -7.74
C PHE B 91 21.56 29.94 -8.57
N THR B 92 21.79 29.12 -9.61
CA THR B 92 22.97 29.23 -10.51
C THR B 92 22.56 29.15 -11.99
N ASN B 93 23.48 29.45 -12.91
CA ASN B 93 23.17 29.38 -14.35
C ASN B 93 23.64 28.10 -15.03
N TYR B 94 23.67 27.02 -14.25
CA TYR B 94 24.03 25.72 -14.78
C TYR B 94 23.14 25.42 -15.98
N SER B 95 23.77 25.36 -17.17
CA SER B 95 23.09 25.10 -18.45
C SER B 95 24.05 24.52 -19.50
N SER B 96 23.53 24.28 -20.71
CA SER B 96 24.33 23.90 -21.88
C SER B 96 25.43 24.91 -22.13
N THR B 97 25.08 26.20 -22.05
CA THR B 97 25.98 27.32 -22.29
C THR B 97 26.98 27.48 -21.15
N ASN B 98 26.57 27.15 -19.93
CA ASN B 98 27.43 27.22 -18.76
C ASN B 98 27.39 25.89 -18.00
N GLN B 99 28.18 24.93 -18.45
CA GLN B 99 28.10 23.57 -17.93
C GLN B 99 29.33 23.16 -17.12
N LEU B 100 30.49 23.68 -17.50
CA LEU B 100 31.74 23.39 -16.82
C LEU B 100 31.86 24.21 -15.54
N THR B 101 32.67 23.73 -14.59
CA THR B 101 33.11 24.54 -13.46
C THR B 101 34.12 25.53 -14.03
N PHE B 102 34.40 26.59 -13.29
CA PHE B 102 35.40 27.58 -13.69
C PHE B 102 36.77 26.95 -13.94
N GLU B 103 37.22 26.09 -13.02
CA GLU B 103 38.51 25.40 -13.14
C GLU B 103 38.64 24.59 -14.45
N ARG B 104 37.58 23.85 -14.77
CA ARG B 104 37.53 23.06 -15.98
C ARG B 104 37.52 23.91 -17.23
N ALA B 105 36.86 25.06 -17.18
CA ALA B 105 36.77 25.93 -18.35
C ALA B 105 38.11 26.55 -18.66
N GLN B 106 38.80 27.00 -17.62
CA GLN B 106 40.16 27.51 -17.73
C GLN B 106 41.05 26.44 -18.36
N GLU B 107 40.93 25.21 -17.86
CA GLU B 107 41.74 24.07 -18.28
C GLU B 107 41.53 23.74 -19.78
N VAL B 108 40.28 23.85 -20.22
CA VAL B 108 39.91 23.75 -21.64
C VAL B 108 40.56 24.85 -22.48
N LEU B 109 40.42 26.09 -22.05
CA LEU B 109 40.99 27.24 -22.74
C LEU B 109 42.51 27.14 -22.80
N LEU B 110 43.13 26.68 -21.71
CA LEU B 110 44.57 26.44 -21.69
C LEU B 110 45.06 25.23 -22.49
N ASP B 111 44.15 24.39 -22.97
CA ASP B 111 44.52 23.28 -23.87
C ASP B 111 44.40 23.66 -25.33
N ARG B 112 43.70 24.76 -25.60
CA ARG B 112 43.54 25.29 -26.96
C ARG B 112 44.90 25.67 -27.59
N SER B 113 45.06 25.40 -28.89
CA SER B 113 46.31 25.71 -29.56
C SER B 113 46.15 26.47 -30.88
N TRP B 114 47.25 27.02 -31.40
CA TRP B 114 47.26 27.59 -32.74
C TRP B 114 48.59 27.31 -33.45
N GLN B 115 48.54 27.09 -34.77
CA GLN B 115 49.74 26.79 -35.55
C GLN B 115 50.55 28.05 -35.80
N ALA B 116 51.70 28.16 -35.15
CA ALA B 116 52.53 29.38 -35.21
C ALA B 116 53.54 29.41 -36.34
N GLY B 117 53.98 28.24 -36.79
CA GLY B 117 55.00 28.15 -37.85
C GLY B 117 54.81 26.99 -38.80
N LYS B 118 55.91 26.36 -39.15
CA LYS B 118 55.92 25.34 -40.21
C LYS B 118 55.53 23.96 -39.71
N THR B 119 55.35 23.03 -40.62
CA THR B 119 54.93 21.67 -40.29
C THR B 119 55.81 20.69 -41.06
N TYR B 120 56.39 19.73 -40.34
CA TYR B 120 57.33 18.81 -40.94
C TYR B 120 56.91 17.42 -40.61
N ASN B 121 56.79 16.57 -41.62
CA ASN B 121 56.67 15.15 -41.36
C ASN B 121 57.97 14.69 -40.71
N PHE B 122 57.89 13.76 -39.77
CA PHE B 122 59.08 13.33 -39.06
C PHE B 122 59.28 11.83 -39.10
N GLY B 123 60.54 11.40 -38.99
CA GLY B 123 60.85 10.00 -38.91
C GLY B 123 61.78 9.70 -37.74
N LEU B 124 61.75 8.45 -37.29
CA LEU B 124 62.55 8.05 -36.16
C LEU B 124 63.42 6.91 -36.64
N TYR B 125 64.73 7.05 -36.47
CA TYR B 125 65.71 6.12 -37.00
C TYR B 125 66.71 5.74 -35.93
N PRO B 126 66.93 4.42 -35.72
CA PRO B 126 67.90 3.97 -34.74
C PRO B 126 69.32 4.18 -35.21
N ALA B 127 70.16 4.70 -34.34
CA ALA B 127 71.62 4.72 -34.52
C ALA B 127 72.23 3.88 -33.39
N GLY B 128 72.44 2.60 -33.66
CA GLY B 128 72.90 1.65 -32.64
C GLY B 128 71.84 1.45 -31.56
N ASP B 129 72.06 2.08 -30.41
CA ASP B 129 71.10 2.02 -29.30
C ASP B 129 70.61 3.41 -28.90
N GLU B 130 70.94 4.38 -29.75
CA GLU B 130 70.46 5.74 -29.59
C GLU B 130 69.53 6.02 -30.76
N TRP B 131 68.98 7.23 -30.82
CA TRP B 131 68.03 7.53 -31.88
C TRP B 131 68.47 8.69 -32.72
N GLN B 132 67.87 8.81 -33.89
CA GLN B 132 68.09 9.92 -34.77
C GLN B 132 66.73 10.42 -35.24
N LEU B 133 66.59 11.74 -35.31
CA LEU B 133 65.36 12.35 -35.75
C LEU B 133 65.51 13.05 -37.09
N ALA B 134 64.67 12.65 -38.03
CA ALA B 134 64.59 13.28 -39.34
C ALA B 134 63.33 14.14 -39.43
N LEU B 135 63.49 15.33 -40.00
CA LEU B 135 62.34 16.12 -40.44
C LEU B 135 62.45 16.33 -41.94
N SER B 136 61.32 16.56 -42.58
CA SER B 136 61.28 16.78 -44.02
C SER B 136 60.46 18.02 -44.32
N ASP B 137 61.08 19.02 -44.92
CA ASP B 137 60.37 20.23 -45.28
C ASP B 137 59.70 20.08 -46.64
N GLY B 138 58.42 19.76 -46.64
CA GLY B 138 57.68 19.62 -47.88
C GLY B 138 57.76 20.81 -48.81
N GLU B 139 57.68 22.02 -48.28
CA GLU B 139 57.51 23.20 -49.13
C GLU B 139 58.78 23.70 -49.81
N THR B 140 59.94 23.18 -49.39
CA THR B 140 61.22 23.50 -50.06
C THR B 140 61.94 22.25 -50.58
N GLY B 141 61.52 21.08 -50.14
CA GLY B 141 62.22 19.86 -50.48
C GLY B 141 63.53 19.66 -49.76
N LYS B 142 63.78 20.47 -48.71
CA LYS B 142 64.94 20.30 -47.81
C LYS B 142 64.68 19.23 -46.74
N ASN B 143 65.74 18.60 -46.25
CA ASN B 143 65.63 17.53 -45.25
C ASN B 143 66.63 17.70 -44.12
N TYR B 144 66.20 17.40 -42.90
CA TYR B 144 67.02 17.64 -41.73
C TYR B 144 67.15 16.40 -40.87
N LEU B 145 68.27 16.28 -40.17
CA LEU B 145 68.58 15.10 -39.39
C LEU B 145 69.41 15.52 -38.18
N SER B 146 69.11 14.92 -37.03
CA SER B 146 69.80 15.25 -35.78
C SER B 146 70.96 14.28 -35.51
N ASP B 147 71.72 14.57 -34.46
CA ASP B 147 72.79 13.69 -34.00
C ASP B 147 72.16 12.59 -33.16
N ALA B 148 72.89 11.50 -32.93
CA ALA B 148 72.40 10.40 -32.10
C ALA B 148 72.13 10.82 -30.66
N PHE B 149 70.90 10.61 -30.21
CA PHE B 149 70.42 11.04 -28.88
C PHE B 149 69.64 9.91 -28.18
N LYS B 150 69.41 10.08 -26.87
CA LYS B 150 68.65 9.12 -26.06
C LYS B 150 67.34 9.74 -25.60
N PHE B 151 66.35 8.90 -25.35
CA PHE B 151 65.04 9.34 -24.90
C PHE B 151 65.02 9.59 -23.40
N GLY B 152 64.16 10.51 -22.96
CA GLY B 152 63.98 10.79 -21.54
C GLY B 152 64.10 12.26 -21.18
N GLY B 153 62.99 12.83 -20.74
CA GLY B 153 62.95 14.20 -20.23
C GLY B 153 62.99 15.24 -21.32
N GLU B 154 62.92 16.51 -20.94
CA GLU B 154 63.00 17.61 -21.88
C GLU B 154 64.43 17.74 -22.38
N GLN B 155 64.59 17.72 -23.70
CA GLN B 155 65.89 17.92 -24.34
C GLN B 155 65.74 18.72 -25.63
N LYS B 156 66.80 19.42 -26.00
CA LYS B 156 66.81 20.18 -27.25
C LYS B 156 67.77 19.55 -28.23
N LEU B 157 67.33 19.44 -29.48
CA LEU B 157 68.11 18.77 -30.52
C LEU B 157 68.45 19.71 -31.65
N GLN B 158 69.73 19.74 -31.98
CA GLN B 158 70.24 20.50 -33.10
C GLN B 158 70.12 19.65 -34.36
N LEU B 159 69.25 20.11 -35.26
CA LEU B 159 69.05 19.46 -36.54
C LEU B 159 69.92 20.15 -37.58
N LYS B 160 70.45 19.35 -38.51
CA LYS B 160 71.37 19.84 -39.52
C LYS B 160 70.82 19.47 -40.88
N GLU B 161 70.98 20.34 -41.87
CA GLU B 161 70.52 20.05 -43.22
C GLU B 161 71.32 18.90 -43.82
N THR B 162 70.63 18.00 -44.51
CA THR B 162 71.29 16.84 -45.12
C THR B 162 70.77 16.47 -46.51
N THR B 163 71.59 15.67 -47.19
CA THR B 163 71.33 15.14 -48.52
C THR B 163 71.34 13.62 -48.41
N ALA B 164 71.96 13.12 -47.35
CA ALA B 164 72.07 11.71 -47.11
C ALA B 164 70.85 11.18 -46.37
N GLN B 165 70.57 9.91 -46.63
CA GLN B 165 69.68 9.09 -45.83
C GLN B 165 70.33 8.79 -44.50
N PRO B 166 69.53 8.53 -43.45
CA PRO B 166 70.14 8.06 -42.21
C PRO B 166 70.45 6.56 -42.30
N GLU B 167 71.30 6.09 -41.40
CA GLU B 167 71.79 4.70 -41.47
C GLU B 167 70.76 3.67 -41.03
N GLY B 168 69.99 4.00 -39.99
CA GLY B 168 68.97 3.08 -39.46
C GLY B 168 67.75 2.90 -40.36
N GLU B 169 67.02 1.81 -40.12
CA GLU B 169 65.77 1.55 -40.81
C GLU B 169 64.68 2.36 -40.12
N ARG B 170 63.82 3.04 -40.90
CA ARG B 170 62.72 3.86 -40.35
C ARG B 170 61.92 3.05 -39.33
N ALA B 171 61.76 3.61 -38.13
CA ALA B 171 60.97 3.00 -37.07
C ALA B 171 59.47 2.97 -37.40
N ASN B 172 58.81 1.90 -36.93
CA ASN B 172 57.34 1.71 -36.88
C ASN B 172 56.53 2.78 -36.18
N LEU B 173 55.23 2.76 -36.48
CA LEU B 173 54.26 3.45 -35.65
C LEU B 173 54.27 2.89 -34.21
N ARG B 174 54.38 1.57 -34.07
CA ARG B 174 54.46 0.95 -32.74
C ARG B 174 55.55 1.58 -31.90
N VAL B 175 56.75 1.64 -32.46
CA VAL B 175 57.92 2.20 -31.80
C VAL B 175 57.73 3.71 -31.54
N ILE B 176 57.14 4.40 -32.50
CA ILE B 176 56.83 5.81 -32.29
C ILE B 176 55.87 5.95 -31.12
N THR B 177 54.84 5.12 -31.10
CA THR B 177 53.81 5.16 -30.04
C THR B 177 54.39 4.89 -28.66
N GLN B 178 55.22 3.87 -28.52
CA GLN B 178 55.73 3.53 -27.20
C GLN B 178 56.55 4.68 -26.64
N ASN B 179 57.23 5.37 -27.54
CA ASN B 179 58.13 6.44 -27.14
C ASN B 179 57.49 7.80 -27.26
N ARG B 180 56.16 7.83 -27.36
CA ARG B 180 55.43 9.08 -27.60
C ARG B 180 55.61 10.15 -26.50
N GLN B 181 55.70 9.74 -25.23
CA GLN B 181 55.90 10.70 -24.13
C GLN B 181 57.23 11.43 -24.24
N ALA B 182 58.32 10.65 -24.26
CA ALA B 182 59.68 11.17 -24.47
C ALA B 182 59.83 11.95 -25.79
N LEU B 183 59.17 11.46 -26.82
CA LEU B 183 59.17 12.13 -28.11
C LEU B 183 58.50 13.51 -28.05
N SER B 184 57.42 13.61 -27.26
CA SER B 184 56.67 14.86 -27.11
C SER B 184 57.38 15.87 -26.21
N ASP B 185 58.51 15.49 -25.65
CA ASP B 185 59.28 16.38 -24.79
C ASP B 185 60.51 16.95 -25.49
N ILE B 186 60.71 16.56 -26.75
CA ILE B 186 61.84 17.02 -27.55
C ILE B 186 61.51 18.33 -28.24
N THR B 187 62.38 19.33 -28.08
CA THR B 187 62.29 20.53 -28.90
C THR B 187 63.34 20.38 -29.99
N ALA B 188 62.91 20.35 -31.25
CA ALA B 188 63.84 20.30 -32.39
C ALA B 188 64.11 21.71 -32.89
N ILE B 189 65.36 21.97 -33.27
CA ILE B 189 65.74 23.31 -33.73
C ILE B 189 66.31 23.27 -35.12
N LEU B 190 65.63 23.94 -36.04
CA LEU B 190 66.09 24.07 -37.41
C LEU B 190 67.37 24.90 -37.51
N PRO B 191 68.15 24.71 -38.59
CA PRO B 191 69.37 25.50 -38.79
C PRO B 191 69.10 27.00 -38.65
N ASP B 192 67.93 27.44 -39.12
CA ASP B 192 67.57 28.85 -39.19
C ASP B 192 66.99 29.42 -37.89
N GLY B 193 66.97 28.61 -36.83
CA GLY B 193 66.56 29.08 -35.51
C GLY B 193 65.10 28.93 -35.11
N ASN B 194 64.39 28.01 -35.76
CA ASN B 194 62.99 27.77 -35.42
C ASN B 194 62.81 26.56 -34.52
N LYS B 195 62.05 26.73 -33.44
CA LYS B 195 61.74 25.63 -32.55
C LYS B 195 60.53 24.88 -33.09
N VAL B 196 60.51 23.57 -32.88
CA VAL B 196 59.48 22.72 -33.45
C VAL B 196 59.30 21.48 -32.57
N MET B 197 58.07 21.22 -32.17
CA MET B 197 57.74 20.12 -31.27
C MET B 197 56.70 19.18 -31.89
N MET B 198 56.63 17.95 -31.39
CA MET B 198 55.66 16.95 -31.87
C MET B 198 54.21 17.39 -31.73
N SER B 199 53.45 17.31 -32.82
CA SER B 199 52.06 17.77 -32.81
C SER B 199 51.11 16.66 -33.20
N SER B 200 51.68 15.57 -33.71
CA SER B 200 50.95 14.36 -34.01
C SER B 200 51.95 13.22 -34.04
N LEU B 201 51.48 12.02 -34.33
CA LEU B 201 52.36 10.85 -34.43
C LEU B 201 53.18 10.85 -35.71
N ARG B 202 52.81 11.73 -36.64
CA ARG B 202 53.50 11.80 -37.92
C ARG B 202 54.17 13.16 -38.15
N GLN B 203 53.88 14.15 -37.31
CA GLN B 203 54.35 15.50 -37.61
C GLN B 203 54.92 16.26 -36.43
N PHE B 204 55.98 17.01 -36.69
CA PHE B 204 56.54 17.99 -35.78
C PHE B 204 56.18 19.35 -36.33
N SER B 205 55.83 20.30 -35.48
CA SER B 205 55.34 21.57 -35.97
C SER B 205 55.53 22.71 -34.98
N GLY B 206 55.30 23.94 -35.43
CA GLY B 206 55.30 25.09 -34.56
C GLY B 206 53.95 25.33 -33.86
N THR B 207 53.35 24.27 -33.31
CA THR B 207 52.07 24.41 -32.61
C THR B 207 52.37 25.04 -31.26
N GLN B 208 51.51 25.98 -30.87
CA GLN B 208 51.70 26.74 -29.63
C GLN B 208 50.41 27.05 -28.87
N PRO B 209 50.49 27.17 -27.53
CA PRO B 209 49.33 27.46 -26.67
C PRO B 209 48.68 28.81 -27.00
N LEU B 210 47.40 28.76 -27.37
CA LEU B 210 46.64 29.94 -27.78
C LEU B 210 46.61 31.04 -26.70
N TYR B 211 46.54 30.63 -25.44
CA TYR B 211 46.48 31.56 -24.30
C TYR B 211 47.56 31.25 -23.27
N THR B 212 47.98 32.28 -22.53
CA THR B 212 48.88 32.11 -21.39
C THR B 212 48.18 32.66 -20.14
N LEU B 213 48.36 31.99 -19.00
CA LEU B 213 47.74 32.44 -17.76
C LEU B 213 48.64 33.46 -17.08
N ASP B 214 48.13 34.68 -16.92
CA ASP B 214 48.93 35.77 -16.34
C ASP B 214 49.16 35.61 -14.84
N GLY B 215 48.28 34.87 -14.18
CA GLY B 215 48.47 34.57 -12.76
C GLY B 215 47.73 35.52 -11.84
N ASP B 216 47.41 36.71 -12.34
CA ASP B 216 46.52 37.63 -11.62
C ASP B 216 45.05 37.43 -12.04
N GLY B 217 44.83 36.46 -12.92
CA GLY B 217 43.48 36.12 -13.39
C GLY B 217 43.28 36.29 -14.89
N THR B 218 44.06 37.18 -15.49
CA THR B 218 43.89 37.54 -16.89
C THR B 218 44.49 36.53 -17.88
N LEU B 219 43.65 36.07 -18.81
CA LEU B 219 44.08 35.26 -19.93
C LEU B 219 44.33 36.16 -21.10
N THR B 220 45.44 35.94 -21.79
CA THR B 220 45.76 36.74 -22.96
C THR B 220 46.10 35.85 -24.17
N ASN B 221 45.45 36.13 -25.29
CA ASN B 221 45.63 35.40 -26.54
C ASN B 221 46.98 35.70 -27.16
N ASN B 222 47.77 34.66 -27.44
CA ASN B 222 49.11 34.83 -28.04
C ASN B 222 49.08 34.91 -29.57
N GLN B 223 47.92 35.20 -30.12
CA GLN B 223 47.76 35.34 -31.57
C GLN B 223 47.16 36.71 -31.91
N SER B 224 46.19 37.16 -31.11
CA SER B 224 45.54 38.45 -31.34
C SER B 224 46.06 39.52 -30.39
N GLY B 225 46.60 39.11 -29.26
CA GLY B 225 47.09 40.02 -28.23
C GLY B 225 45.96 40.53 -27.32
N VAL B 226 44.74 40.05 -27.59
CA VAL B 226 43.55 40.50 -26.87
C VAL B 226 43.59 39.91 -25.46
N LYS B 227 42.95 40.59 -24.52
CA LYS B 227 42.98 40.17 -23.12
C LYS B 227 41.59 39.91 -22.55
N TYR B 228 41.55 38.98 -21.60
CA TYR B 228 40.31 38.42 -21.12
C TYR B 228 40.43 38.20 -19.62
N ARG B 229 39.36 38.51 -18.89
CA ARG B 229 39.30 38.24 -17.46
C ARG B 229 38.03 37.45 -17.12
N PRO B 230 38.02 36.77 -15.94
CA PRO B 230 36.80 36.16 -15.45
C PRO B 230 35.72 37.19 -15.18
N ASN B 231 34.54 36.98 -15.76
CA ASN B 231 33.36 37.78 -15.45
C ASN B 231 32.30 36.91 -14.78
N ASN B 232 32.38 36.83 -13.46
CA ASN B 232 31.56 35.92 -12.64
C ASN B 232 30.10 36.36 -12.50
N GLN B 233 29.74 37.42 -13.23
CA GLN B 233 28.37 37.90 -13.27
C GLN B 233 27.54 37.11 -14.26
N ILE B 234 28.15 36.74 -15.39
CA ILE B 234 27.50 35.98 -16.46
C ILE B 234 28.13 34.60 -16.68
N GLY B 235 29.33 34.42 -16.14
CA GLY B 235 30.08 33.16 -16.18
C GLY B 235 30.82 32.88 -17.48
N PHE B 236 31.58 33.84 -17.95
CA PHE B 236 32.40 33.71 -19.15
C PHE B 236 33.68 34.51 -18.95
N TYR B 237 34.70 34.15 -19.72
CA TYR B 237 35.83 35.05 -19.99
C TYR B 237 35.39 36.06 -21.05
N GLN B 238 35.31 37.30 -20.63
CA GLN B 238 34.98 38.40 -21.52
C GLN B 238 36.23 39.24 -21.65
N SER B 239 36.39 39.89 -22.79
CA SER B 239 37.52 40.76 -23.05
C SER B 239 37.59 41.99 -22.12
N ILE B 240 38.81 42.43 -21.85
CA ILE B 240 39.04 43.74 -21.25
C ILE B 240 39.60 44.67 -22.31
N ASN B 245 35.09 48.44 -18.23
CA ASN B 245 36.34 47.86 -18.74
C ASN B 245 36.11 46.60 -19.61
N TRP B 246 34.86 46.14 -19.66
CA TRP B 246 34.52 44.95 -20.46
C TRP B 246 34.47 45.21 -21.97
N GLY B 247 34.90 44.22 -22.74
CA GLY B 247 34.86 44.32 -24.20
C GLY B 247 33.58 43.76 -24.78
N ASP B 248 33.54 43.63 -26.10
CA ASP B 248 32.37 43.10 -26.79
C ASP B 248 32.44 41.58 -26.98
N GLU B 249 33.65 41.02 -26.90
CA GLU B 249 33.86 39.59 -27.14
C GLU B 249 33.81 38.74 -25.87
N LYS B 250 33.27 37.52 -26.02
CA LYS B 250 33.12 36.55 -24.93
C LYS B 250 33.59 35.17 -25.36
N LEU B 251 34.42 34.54 -24.53
CA LEU B 251 34.98 33.23 -24.82
C LEU B 251 34.10 32.10 -24.31
N SER B 252 33.76 31.18 -25.21
CA SER B 252 33.22 29.89 -24.81
C SER B 252 34.38 28.94 -24.67
N PRO B 253 34.29 27.97 -23.74
CA PRO B 253 33.15 27.59 -22.92
C PRO B 253 32.93 28.49 -21.70
N GLY B 254 31.67 28.80 -21.42
CA GLY B 254 31.30 29.52 -20.20
C GLY B 254 31.30 28.58 -19.01
N TYR B 255 31.34 29.14 -17.80
CA TYR B 255 31.33 28.33 -16.59
C TYR B 255 30.09 28.59 -15.75
N THR B 256 29.77 27.60 -14.90
CA THR B 256 28.63 27.67 -13.98
C THR B 256 28.92 28.66 -12.85
N VAL B 257 27.91 29.45 -12.50
CA VAL B 257 28.09 30.55 -11.57
C VAL B 257 26.77 30.96 -10.90
N THR B 258 26.84 31.51 -9.68
CA THR B 258 25.62 31.85 -8.94
C THR B 258 24.86 33.07 -9.49
N THR B 259 23.53 32.95 -9.55
CA THR B 259 22.68 33.99 -10.13
C THR B 259 21.54 34.44 -9.20
N GLY B 260 21.70 34.24 -7.89
CA GLY B 260 20.67 34.62 -6.91
C GLY B 260 19.29 34.19 -7.36
N TRP B 261 18.38 35.15 -7.41
CA TRP B 261 16.97 34.89 -7.71
C TRP B 261 16.61 34.86 -9.22
N LYS B 262 17.59 35.14 -10.07
CA LYS B 262 17.38 35.32 -11.53
C LYS B 262 16.52 34.30 -12.28
N ASN B 263 16.56 33.03 -11.88
CA ASN B 263 15.72 32.01 -12.55
C ASN B 263 14.29 31.98 -12.00
N PHE B 264 14.15 32.35 -10.74
CA PHE B 264 12.84 32.42 -10.10
C PHE B 264 12.06 33.62 -10.62
N THR B 265 12.70 34.79 -10.63
CA THR B 265 12.07 36.00 -11.15
C THR B 265 11.70 35.79 -12.63
N ARG B 266 12.65 35.30 -13.42
CA ARG B 266 12.42 35.12 -14.86
C ARG B 266 11.07 34.48 -15.23
N VAL B 267 10.49 33.72 -14.31
CA VAL B 267 9.19 33.12 -14.51
C VAL B 267 8.09 34.14 -14.16
N PHE B 268 8.38 35.01 -13.19
CA PHE B 268 7.43 36.05 -12.74
C PHE B 268 7.50 37.35 -13.57
N THR B 269 8.70 37.73 -14.00
CA THR B 269 8.91 38.93 -14.81
C THR B 269 8.47 38.76 -16.26
N ASP B 270 8.56 37.53 -16.77
CA ASP B 270 8.33 37.28 -18.20
C ASP B 270 6.86 37.17 -18.63
N GLU B 271 6.25 38.33 -18.87
CA GLU B 271 4.96 38.43 -19.58
C GLU B 271 5.11 37.76 -20.93
N GLY B 272 4.21 36.84 -21.25
CA GLY B 272 4.33 36.12 -22.51
C GLY B 272 4.49 34.64 -22.27
N ILE B 273 5.27 34.28 -21.24
CA ILE B 273 5.25 32.91 -20.75
C ILE B 273 4.10 32.73 -19.75
N GLN B 274 3.41 33.84 -19.48
CA GLN B 274 2.31 33.89 -18.50
C GLN B 274 0.92 33.96 -19.11
N LYS B 275 0.83 34.21 -20.42
CA LYS B 275 -0.46 34.29 -21.12
C LYS B 275 -1.35 33.05 -20.89
N PRO B 276 -0.82 31.83 -21.12
CA PRO B 276 -1.67 30.67 -20.95
C PRO B 276 -1.48 29.93 -19.61
N PHE B 277 -0.65 30.48 -18.71
CA PHE B 277 -0.37 29.83 -17.42
C PHE B 277 -1.65 29.34 -16.71
N LEU B 278 -2.54 30.27 -16.40
CA LEU B 278 -3.74 29.94 -15.64
C LEU B 278 -4.57 28.87 -16.36
N ALA B 279 -4.75 29.04 -17.68
CA ALA B 279 -5.60 28.16 -18.48
C ALA B 279 -5.05 26.74 -18.59
N ILE B 280 -3.72 26.63 -18.64
CA ILE B 280 -3.04 25.35 -18.67
C ILE B 280 -3.10 24.71 -17.29
N PHE B 281 -2.87 25.53 -16.26
CA PHE B 281 -2.97 25.08 -14.86
C PHE B 281 -4.32 24.42 -14.56
N VAL B 282 -5.41 25.07 -14.99
CA VAL B 282 -6.74 24.54 -14.77
C VAL B 282 -6.83 23.13 -15.38
N TRP B 283 -6.43 23.02 -16.64
CA TRP B 283 -6.50 21.73 -17.33
C TRP B 283 -5.68 20.66 -16.62
N THR B 284 -4.51 21.03 -16.11
CA THR B 284 -3.67 20.07 -15.41
C THR B 284 -4.35 19.60 -14.11
N VAL B 285 -4.94 20.54 -13.37
CA VAL B 285 -5.68 20.18 -12.15
C VAL B 285 -6.79 19.20 -12.51
N VAL B 286 -7.58 19.57 -13.51
CA VAL B 286 -8.74 18.77 -13.94
C VAL B 286 -8.33 17.39 -14.47
N PHE B 287 -7.24 17.36 -15.24
CA PHE B 287 -6.67 16.10 -15.73
C PHE B 287 -6.28 15.19 -14.58
N SER B 288 -5.58 15.74 -13.59
CA SER B 288 -5.22 14.96 -12.41
C SER B 288 -6.42 14.42 -11.64
N LEU B 289 -7.39 15.30 -11.38
CA LEU B 289 -8.56 14.90 -10.58
C LEU B 289 -9.34 13.79 -11.28
N ILE B 290 -9.69 13.99 -12.55
CA ILE B 290 -10.46 13.00 -13.29
C ILE B 290 -9.75 11.65 -13.36
N THR B 291 -8.43 11.68 -13.52
CA THR B 291 -7.62 10.47 -13.58
C THR B 291 -7.70 9.73 -12.25
N VAL B 292 -7.35 10.42 -11.18
CA VAL B 292 -7.40 9.83 -9.84
C VAL B 292 -8.79 9.24 -9.56
N PHE B 293 -9.82 10.04 -9.77
CA PHE B 293 -11.20 9.58 -9.62
C PHE B 293 -11.50 8.30 -10.43
N LEU B 294 -11.23 8.35 -11.73
CA LEU B 294 -11.61 7.22 -12.59
C LEU B 294 -10.79 5.97 -12.28
N THR B 295 -9.52 6.16 -11.91
CA THR B 295 -8.63 5.04 -11.58
C THR B 295 -8.98 4.41 -10.23
N VAL B 296 -9.24 5.23 -9.22
CA VAL B 296 -9.67 4.72 -7.91
C VAL B 296 -10.99 3.96 -8.06
N ALA B 297 -11.95 4.55 -8.79
CA ALA B 297 -13.28 3.97 -8.95
C ALA B 297 -13.28 2.69 -9.79
N VAL B 298 -12.66 2.74 -10.97
CA VAL B 298 -12.53 1.52 -11.79
C VAL B 298 -11.77 0.41 -11.04
N GLY B 299 -10.66 0.76 -10.39
CA GLY B 299 -9.83 -0.21 -9.69
C GLY B 299 -10.52 -0.81 -8.46
N MET B 300 -11.19 0.03 -7.69
CA MET B 300 -11.88 -0.43 -6.49
C MET B 300 -12.98 -1.44 -6.81
N VAL B 301 -13.79 -1.13 -7.83
CA VAL B 301 -14.90 -2.00 -8.24
C VAL B 301 -14.34 -3.35 -8.72
N LEU B 302 -13.31 -3.28 -9.55
CA LEU B 302 -12.73 -4.48 -10.12
C LEU B 302 -12.17 -5.36 -8.99
N ALA B 303 -11.41 -4.74 -8.09
CA ALA B 303 -10.93 -5.45 -6.94
C ALA B 303 -12.10 -6.11 -6.18
N CYS B 304 -13.23 -5.41 -6.05
CA CYS B 304 -14.41 -5.94 -5.32
C CYS B 304 -14.99 -7.16 -6.00
N LEU B 305 -15.12 -7.06 -7.34
CA LEU B 305 -15.70 -8.08 -8.18
C LEU B 305 -14.84 -9.33 -8.21
N VAL B 306 -13.55 -9.13 -8.13
CA VAL B 306 -12.61 -10.22 -8.35
C VAL B 306 -12.24 -10.94 -7.04
N GLN B 307 -12.79 -10.46 -5.92
CA GLN B 307 -12.68 -11.20 -4.65
C GLN B 307 -13.99 -11.86 -4.27
N TRP B 308 -15.04 -11.58 -5.04
CA TRP B 308 -16.39 -12.16 -4.88
C TRP B 308 -16.38 -13.68 -5.12
N GLU B 309 -16.58 -14.47 -4.07
CA GLU B 309 -16.39 -15.94 -4.17
C GLU B 309 -17.33 -16.69 -5.13
N ALA B 310 -18.47 -16.07 -5.44
CA ALA B 310 -19.42 -16.63 -6.41
C ALA B 310 -18.92 -16.49 -7.85
N LEU B 311 -18.00 -15.54 -8.05
CA LEU B 311 -17.50 -15.26 -9.39
C LEU B 311 -16.50 -16.33 -9.84
N ARG B 312 -16.92 -17.21 -10.74
CA ARG B 312 -16.13 -18.42 -10.98
C ARG B 312 -14.86 -18.25 -11.84
N GLY B 313 -14.74 -17.17 -12.58
CA GLY B 313 -13.51 -16.96 -13.36
C GLY B 313 -12.42 -16.11 -12.70
N LYS B 314 -12.59 -15.78 -11.42
CA LYS B 314 -11.90 -14.63 -10.83
C LYS B 314 -10.38 -14.66 -10.92
N ALA B 315 -9.77 -15.82 -10.68
CA ALA B 315 -8.32 -15.97 -10.67
C ALA B 315 -7.69 -15.61 -12.02
N VAL B 316 -8.43 -15.87 -13.09
CA VAL B 316 -7.95 -15.55 -14.44
C VAL B 316 -8.18 -14.09 -14.75
N TYR B 317 -9.39 -13.60 -14.47
CA TYR B 317 -9.75 -12.19 -14.67
C TYR B 317 -8.75 -11.26 -14.01
N ARG B 318 -8.41 -11.60 -12.77
CA ARG B 318 -7.51 -10.85 -11.92
C ARG B 318 -6.17 -10.56 -12.62
N VAL B 319 -5.56 -11.59 -13.18
CA VAL B 319 -4.31 -11.52 -13.91
C VAL B 319 -4.44 -10.60 -15.12
N LEU B 320 -5.44 -10.89 -15.95
CA LEU B 320 -5.64 -10.19 -17.21
C LEU B 320 -5.92 -8.71 -16.97
N LEU B 321 -6.57 -8.39 -15.86
CA LEU B 321 -6.91 -7.01 -15.57
C LEU B 321 -5.72 -6.12 -15.19
N ILE B 322 -4.59 -6.72 -14.80
CA ILE B 322 -3.40 -5.94 -14.47
C ILE B 322 -2.36 -5.87 -15.61
N LEU B 323 -2.56 -6.64 -16.67
CA LEU B 323 -1.59 -6.68 -17.77
C LEU B 323 -1.24 -5.30 -18.34
N PRO B 324 -2.20 -4.36 -18.40
CA PRO B 324 -1.82 -2.99 -18.79
C PRO B 324 -0.70 -2.39 -17.95
N TYR B 325 -0.38 -3.00 -16.82
CA TYR B 325 0.65 -2.44 -15.95
C TYR B 325 1.90 -3.31 -15.98
N ALA B 326 1.78 -4.52 -16.50
CA ALA B 326 2.86 -5.46 -16.59
C ALA B 326 3.71 -5.21 -17.84
N VAL B 327 3.12 -4.64 -18.87
CA VAL B 327 3.83 -4.19 -20.07
C VAL B 327 4.27 -2.74 -19.88
N PRO B 328 5.52 -2.40 -20.25
CA PRO B 328 5.97 -1.03 -20.07
C PRO B 328 5.15 -0.02 -20.88
N SER B 329 4.81 1.08 -20.25
CA SER B 329 3.80 2.00 -20.74
C SER B 329 4.17 2.67 -22.07
N PHE B 330 5.47 2.89 -22.28
CA PHE B 330 6.00 3.50 -23.50
C PHE B 330 5.48 2.95 -24.85
N ILE B 331 5.65 1.64 -25.10
CA ILE B 331 5.09 1.09 -26.32
C ILE B 331 3.58 1.28 -26.36
N SER B 332 2.91 1.06 -25.23
CA SER B 332 1.47 1.10 -25.13
C SER B 332 0.91 2.45 -25.52
N ILE B 333 1.51 3.52 -25.00
CA ILE B 333 1.10 4.88 -25.31
C ILE B 333 1.18 5.13 -26.81
N LEU B 334 2.27 4.69 -27.42
CA LEU B 334 2.46 4.87 -28.86
C LEU B 334 1.45 4.05 -29.67
N ILE B 335 1.16 2.82 -29.21
CA ILE B 335 0.13 2.00 -29.85
CA ILE B 335 0.14 2.00 -29.84
C ILE B 335 -1.24 2.67 -29.74
N PHE B 336 -1.49 3.33 -28.61
CA PHE B 336 -2.72 4.10 -28.44
C PHE B 336 -2.76 5.28 -29.43
N LYS B 337 -1.64 5.95 -29.61
CA LYS B 337 -1.54 7.01 -30.59
C LYS B 337 -1.91 6.52 -32.01
N GLY B 338 -1.46 5.32 -32.35
CA GLY B 338 -1.89 4.69 -33.60
C GLY B 338 -3.36 4.30 -33.58
N LEU B 339 -3.84 3.86 -32.43
CA LEU B 339 -5.23 3.39 -32.29
C LEU B 339 -6.25 4.51 -32.45
N PHE B 340 -5.85 5.70 -32.01
CA PHE B 340 -6.68 6.88 -32.04
C PHE B 340 -6.53 7.74 -33.30
N ASN B 341 -5.70 7.30 -34.26
CA ASN B 341 -5.54 8.06 -35.51
C ASN B 341 -6.90 8.42 -36.09
N GLN B 342 -7.08 9.69 -36.39
CA GLN B 342 -8.37 10.18 -36.82
C GLN B 342 -8.92 9.52 -38.08
N SER B 343 -8.09 9.38 -39.12
CA SER B 343 -8.57 8.75 -40.37
C SER B 343 -8.25 7.26 -40.47
N PHE B 344 -7.12 6.86 -39.89
CA PHE B 344 -6.75 5.46 -39.83
C PHE B 344 -6.87 5.02 -38.38
N GLY B 345 -6.40 3.85 -38.02
CA GLY B 345 -6.47 3.47 -36.62
C GLY B 345 -7.82 2.90 -36.27
N GLU B 346 -7.77 1.79 -35.56
CA GLU B 346 -8.89 0.86 -35.55
C GLU B 346 -10.07 1.26 -34.69
N ILE B 347 -9.87 2.22 -33.77
CA ILE B 347 -10.99 2.81 -33.00
C ILE B 347 -11.97 3.56 -33.91
N ASN B 348 -11.50 4.58 -34.64
CA ASN B 348 -12.38 5.33 -35.54
C ASN B 348 -12.85 4.53 -36.76
N MET B 349 -12.16 3.44 -37.09
CA MET B 349 -12.63 2.52 -38.14
C MET B 349 -13.81 1.68 -37.65
N MET B 350 -13.88 1.48 -36.34
CA MET B 350 -15.00 0.79 -35.72
C MET B 350 -16.18 1.74 -35.48
N LEU B 351 -15.89 2.93 -34.93
CA LEU B 351 -16.90 4.01 -34.75
C LEU B 351 -17.47 4.50 -36.08
N SER B 352 -16.73 4.24 -37.15
CA SER B 352 -17.22 4.43 -38.51
C SER B 352 -18.42 3.51 -38.72
N ALA B 353 -18.17 2.20 -38.62
CA ALA B 353 -19.19 1.17 -38.82
C ALA B 353 -20.34 1.24 -37.82
N LEU B 354 -20.06 0.94 -36.55
CA LEU B 354 -21.04 1.12 -35.49
C LEU B 354 -21.00 2.56 -34.98
N PHE B 355 -22.15 3.24 -34.97
CA PHE B 355 -22.29 4.64 -34.50
C PHE B 355 -22.08 5.72 -35.58
N GLY B 356 -21.44 5.37 -36.69
CA GLY B 356 -21.28 6.31 -37.81
C GLY B 356 -20.53 7.61 -37.60
N VAL B 357 -19.78 7.73 -36.49
CA VAL B 357 -19.01 8.96 -36.20
C VAL B 357 -17.49 8.74 -36.24
N LYS B 358 -16.74 9.82 -36.49
CA LYS B 358 -15.27 9.82 -36.42
C LYS B 358 -14.74 10.98 -35.54
N PRO B 359 -14.68 10.77 -34.21
CA PRO B 359 -14.20 11.82 -33.30
C PRO B 359 -12.82 12.36 -33.66
N ALA B 360 -12.68 13.67 -33.56
CA ALA B 360 -11.45 14.36 -33.90
C ALA B 360 -10.51 14.37 -32.71
N TRP B 361 -9.95 13.20 -32.40
CA TRP B 361 -9.17 12.92 -31.17
C TRP B 361 -7.91 13.73 -30.92
N PHE B 362 -7.33 14.34 -31.96
CA PHE B 362 -6.13 15.17 -31.83
C PHE B 362 -6.40 16.62 -32.25
N SER B 363 -7.29 16.78 -33.22
CA SER B 363 -7.61 18.09 -33.79
C SER B 363 -8.45 18.93 -32.82
N ASP B 364 -9.38 18.27 -32.13
CA ASP B 364 -10.35 18.96 -31.28
C ASP B 364 -9.97 18.89 -29.81
N PRO B 365 -9.81 20.07 -29.16
CA PRO B 365 -9.33 20.13 -27.77
C PRO B 365 -10.06 19.20 -26.79
N THR B 366 -11.38 19.28 -26.75
CA THR B 366 -12.14 18.47 -25.80
C THR B 366 -12.00 16.96 -26.06
N THR B 367 -12.02 16.54 -27.32
CA THR B 367 -11.94 15.11 -27.64
C THR B 367 -10.53 14.58 -27.40
N ALA B 368 -9.54 15.46 -27.53
CA ALA B 368 -8.14 15.14 -27.23
C ALA B 368 -7.97 14.85 -25.75
N ARG B 369 -8.61 15.70 -24.95
CA ARG B 369 -8.56 15.62 -23.50
C ARG B 369 -9.21 14.33 -22.99
N THR B 370 -10.31 13.98 -23.63
CA THR B 370 -11.03 12.72 -23.43
C THR B 370 -10.15 11.53 -23.77
N MET B 371 -9.50 11.60 -24.94
CA MET B 371 -8.55 10.57 -25.34
C MET B 371 -7.47 10.37 -24.28
N LEU B 372 -6.88 11.47 -23.83
CA LEU B 372 -5.79 11.46 -22.86
C LEU B 372 -6.25 10.86 -21.51
N ILE B 373 -7.48 11.15 -21.14
CA ILE B 373 -8.05 10.63 -19.93
C ILE B 373 -8.40 9.17 -20.07
N ILE B 374 -8.81 8.74 -21.26
CA ILE B 374 -9.09 7.30 -21.50
C ILE B 374 -7.79 6.52 -21.38
N VAL B 375 -6.76 7.02 -22.01
CA VAL B 375 -5.48 6.31 -22.03
C VAL B 375 -4.89 6.26 -20.63
N ASN B 376 -4.93 7.39 -19.93
CA ASN B 376 -4.45 7.47 -18.56
C ASN B 376 -5.14 6.50 -17.59
N THR B 377 -6.45 6.42 -17.67
CA THR B 377 -7.25 5.46 -16.88
C THR B 377 -6.84 3.99 -17.12
N TRP B 378 -6.51 3.69 -18.38
CA TRP B 378 -6.07 2.36 -18.82
C TRP B 378 -4.72 2.06 -18.18
N LEU B 379 -3.83 3.05 -18.22
CA LEU B 379 -2.53 2.93 -17.56
C LEU B 379 -2.63 2.84 -16.03
N GLY B 380 -3.58 3.56 -15.43
CA GLY B 380 -3.56 3.78 -13.97
C GLY B 380 -4.47 2.92 -13.09
N TYR B 381 -5.46 2.29 -13.70
CA TYR B 381 -6.41 1.49 -12.91
C TYR B 381 -5.79 0.26 -12.20
N PRO B 382 -4.80 -0.43 -12.84
CA PRO B 382 -4.22 -1.59 -12.15
C PRO B 382 -3.58 -1.28 -10.82
N TYR B 383 -2.90 -0.13 -10.76
CA TYR B 383 -2.26 0.36 -9.56
C TYR B 383 -3.30 0.52 -8.45
N MET B 384 -4.40 1.20 -8.74
CA MET B 384 -5.45 1.39 -7.75
C MET B 384 -6.14 0.10 -7.42
N MET B 385 -6.35 -0.75 -8.43
CA MET B 385 -6.83 -2.12 -8.22
C MET B 385 -6.00 -2.95 -7.24
N ILE B 386 -4.69 -3.01 -7.48
CA ILE B 386 -3.82 -3.83 -6.64
C ILE B 386 -3.83 -3.37 -5.17
N LEU B 387 -3.79 -2.06 -4.97
CA LEU B 387 -3.95 -1.48 -3.65
C LEU B 387 -5.26 -1.95 -3.01
N CYS B 388 -6.35 -1.78 -3.72
CA CYS B 388 -7.63 -2.21 -3.19
C CYS B 388 -7.70 -3.71 -2.92
N MET B 389 -7.06 -4.52 -3.75
CA MET B 389 -7.06 -5.97 -3.56
C MET B 389 -6.51 -6.31 -2.19
N GLY B 390 -5.48 -5.58 -1.78
CA GLY B 390 -4.94 -5.70 -0.44
C GLY B 390 -5.76 -5.03 0.64
N LEU B 391 -6.16 -3.78 0.40
CA LEU B 391 -6.89 -3.04 1.44
C LEU B 391 -8.25 -3.69 1.81
N LEU B 392 -8.90 -4.27 0.81
CA LEU B 392 -10.11 -5.01 1.00
C LEU B 392 -10.01 -6.17 1.98
N LYS B 393 -8.80 -6.67 2.26
CA LYS B 393 -8.70 -7.79 3.20
C LYS B 393 -8.80 -7.35 4.64
N ALA B 394 -8.71 -6.04 4.88
CA ALA B 394 -8.76 -5.48 6.24
C ALA B 394 -10.18 -5.33 6.75
N ILE B 395 -11.16 -5.44 5.85
CA ILE B 395 -12.57 -5.33 6.21
C ILE B 395 -13.05 -6.69 6.70
N PRO B 396 -13.40 -6.77 8.00
CA PRO B 396 -13.90 -8.05 8.51
C PRO B 396 -15.22 -8.51 7.88
N ASP B 397 -15.35 -9.80 7.64
CA ASP B 397 -16.51 -10.37 6.97
C ASP B 397 -17.85 -10.22 7.73
N ASP B 398 -17.79 -10.13 9.05
CA ASP B 398 -19.02 -10.04 9.85
C ASP B 398 -19.76 -8.71 9.68
N LEU B 399 -19.08 -7.67 9.18
CA LEU B 399 -19.72 -6.40 8.90
C LEU B 399 -20.80 -6.56 7.83
N TYR B 400 -20.56 -7.48 6.90
CA TYR B 400 -21.55 -7.81 5.84
C TYR B 400 -22.64 -8.81 6.30
N GLU B 401 -22.35 -9.58 7.35
CA GLU B 401 -23.39 -10.31 8.05
C GLU B 401 -24.32 -9.36 8.75
N ALA B 402 -23.77 -8.33 9.37
CA ALA B 402 -24.57 -7.30 10.04
C ALA B 402 -25.43 -6.58 9.02
N SER B 403 -24.81 -6.16 7.92
CA SER B 403 -25.51 -5.41 6.87
C SER B 403 -26.64 -6.23 6.26
N ALA B 404 -26.40 -7.53 6.12
CA ALA B 404 -27.42 -8.48 5.66
C ALA B 404 -28.60 -8.48 6.63
N MET B 405 -28.30 -8.58 7.93
CA MET B 405 -29.33 -8.54 8.96
CA MET B 405 -29.35 -8.55 8.93
C MET B 405 -29.99 -7.16 9.04
N ASP B 406 -29.40 -6.17 8.40
CA ASP B 406 -30.01 -4.82 8.32
C ASP B 406 -30.74 -4.60 7.01
N GLY B 407 -30.71 -5.61 6.14
CA GLY B 407 -31.42 -5.58 4.86
C GLY B 407 -30.64 -4.89 3.76
N ALA B 408 -29.32 -5.11 3.72
CA ALA B 408 -28.50 -4.50 2.69
C ALA B 408 -28.34 -5.34 1.43
N GLY B 409 -28.33 -4.64 0.29
CA GLY B 409 -27.95 -5.21 -0.98
C GLY B 409 -26.49 -4.96 -1.34
N PRO B 410 -26.07 -5.41 -2.53
CA PRO B 410 -24.69 -5.30 -2.92
C PRO B 410 -24.36 -3.83 -3.11
N PHE B 411 -25.21 -3.12 -3.84
CA PHE B 411 -25.00 -1.68 -4.06
C PHE B 411 -24.90 -0.92 -2.73
N GLN B 412 -25.77 -1.25 -1.78
CA GLN B 412 -25.79 -0.59 -0.46
C GLN B 412 -24.55 -0.93 0.39
N ASN B 413 -24.18 -2.21 0.40
CA ASN B 413 -22.93 -2.68 0.98
C ASN B 413 -21.75 -1.82 0.53
N PHE B 414 -21.55 -1.73 -0.80
CA PHE B 414 -20.49 -0.90 -1.39
C PHE B 414 -20.39 0.52 -0.87
N PHE B 415 -21.51 1.22 -0.82
CA PHE B 415 -21.47 2.64 -0.54
C PHE B 415 -21.50 3.01 0.93
N LYS B 416 -21.96 2.09 1.79
CA LYS B 416 -22.13 2.37 3.22
C LYS B 416 -21.08 1.67 4.10
N ILE B 417 -20.49 0.63 3.55
CA ILE B 417 -19.43 -0.10 4.25
C ILE B 417 -18.11 -0.08 3.48
N THR B 418 -18.13 -0.55 2.23
CA THR B 418 -16.90 -0.80 1.51
C THR B 418 -16.17 0.47 1.14
N LEU B 419 -16.86 1.44 0.57
CA LEU B 419 -16.23 2.69 0.16
C LEU B 419 -15.71 3.53 1.33
N PRO B 420 -16.50 3.68 2.40
CA PRO B 420 -16.01 4.50 3.54
C PRO B 420 -14.81 3.92 4.28
N LEU B 421 -14.72 2.58 4.28
CA LEU B 421 -13.64 1.84 4.95
C LEU B 421 -12.38 1.79 4.14
N LEU B 422 -12.52 2.00 2.82
CA LEU B 422 -11.36 2.12 1.94
C LEU B 422 -10.85 3.55 1.80
N ILE B 423 -11.71 4.55 1.63
CA ILE B 423 -11.21 5.93 1.37
C ILE B 423 -10.22 6.47 2.40
N LYS B 424 -10.30 6.03 3.65
CA LYS B 424 -9.35 6.50 4.66
C LYS B 424 -7.90 6.07 4.34
N PRO B 425 -7.64 4.75 4.23
CA PRO B 425 -6.28 4.36 3.82
C PRO B 425 -5.93 4.73 2.37
N LEU B 426 -6.94 4.93 1.52
CA LEU B 426 -6.68 5.38 0.17
C LEU B 426 -6.37 6.86 0.08
N THR B 427 -6.70 7.64 1.11
CA THR B 427 -6.53 9.11 1.03
C THR B 427 -5.08 9.55 0.71
N PRO B 428 -4.09 9.07 1.48
CA PRO B 428 -2.72 9.46 1.11
C PRO B 428 -2.36 9.02 -0.30
N LEU B 429 -2.64 7.76 -0.66
CA LEU B 429 -2.38 7.28 -2.03
C LEU B 429 -3.06 8.09 -3.12
N MET B 430 -4.24 8.63 -2.82
CA MET B 430 -4.95 9.46 -3.79
C MET B 430 -4.32 10.86 -3.92
N ILE B 431 -3.92 11.45 -2.80
CA ILE B 431 -3.28 12.76 -2.81
C ILE B 431 -1.98 12.66 -3.58
N ALA B 432 -1.32 11.53 -3.44
CA ALA B 432 -0.04 11.33 -4.11
C ALA B 432 -0.23 11.10 -5.61
N SER B 433 -1.30 10.39 -5.95
CA SER B 433 -1.59 10.11 -7.34
C SER B 433 -1.95 11.41 -8.07
N PHE B 434 -2.55 12.35 -7.35
CA PHE B 434 -2.83 13.68 -7.88
C PHE B 434 -1.55 14.43 -8.22
N ALA B 435 -0.56 14.38 -7.34
CA ALA B 435 0.70 15.06 -7.55
C ALA B 435 1.52 14.43 -8.70
N PHE B 436 1.47 13.10 -8.81
CA PHE B 436 2.17 12.39 -9.87
C PHE B 436 1.53 12.72 -11.22
N ASN B 437 0.21 12.73 -11.28
CA ASN B 437 -0.47 12.98 -12.54
C ASN B 437 -0.43 14.44 -12.95
N PHE B 438 -0.38 15.33 -11.96
CA PHE B 438 -0.06 16.73 -12.19
C PHE B 438 1.18 16.87 -13.05
N ASN B 439 2.26 16.16 -12.71
CA ASN B 439 3.49 16.24 -13.48
C ASN B 439 3.68 15.16 -14.55
N ASN B 440 2.59 14.59 -15.05
CA ASN B 440 2.72 13.48 -16.00
C ASN B 440 3.18 13.95 -17.39
N PHE B 441 4.38 14.52 -17.43
CA PHE B 441 5.02 15.01 -18.66
C PHE B 441 4.99 14.01 -19.81
N VAL B 442 5.46 12.79 -19.52
CA VAL B 442 5.66 11.76 -20.54
C VAL B 442 4.39 11.40 -21.34
N LEU B 443 3.27 11.20 -20.68
CA LEU B 443 2.04 10.83 -21.38
C LEU B 443 1.65 11.84 -22.45
N ILE B 444 1.59 13.11 -22.08
CA ILE B 444 1.23 14.18 -23.01
C ILE B 444 2.20 14.30 -24.20
N GLN B 445 3.52 14.29 -23.92
CA GLN B 445 4.55 14.35 -24.97
C GLN B 445 4.37 13.25 -25.99
N LEU B 446 4.33 12.01 -25.52
CA LEU B 446 4.27 10.88 -26.43
C LEU B 446 2.95 10.85 -27.18
N LEU B 447 1.86 11.20 -26.49
CA LEU B 447 0.54 11.05 -27.10
C LEU B 447 0.09 12.21 -27.99
N THR B 448 0.13 13.43 -27.46
CA THR B 448 -0.45 14.57 -28.15
C THR B 448 0.59 15.62 -28.48
N ASN B 449 1.76 15.53 -27.85
CA ASN B 449 2.75 16.63 -27.87
C ASN B 449 2.18 17.93 -27.29
N GLY B 450 1.02 17.83 -26.64
CA GLY B 450 0.40 18.99 -26.00
C GLY B 450 -0.71 19.60 -26.83
N GLY B 451 -0.76 19.24 -28.11
CA GLY B 451 -1.74 19.77 -29.05
C GLY B 451 -3.18 19.37 -28.73
N PRO B 452 -4.14 19.99 -29.44
CA PRO B 452 -3.77 20.87 -30.53
C PRO B 452 -3.31 22.26 -30.06
N ASP B 453 -2.82 23.03 -31.02
CA ASP B 453 -2.19 24.32 -30.82
C ASP B 453 -3.06 25.41 -30.18
N ARG B 454 -2.51 26.12 -29.20
CA ARG B 454 -3.14 27.31 -28.66
C ARG B 454 -2.69 28.53 -29.47
N LEU B 455 -3.62 29.07 -30.24
CA LEU B 455 -3.32 30.12 -31.20
C LEU B 455 -3.03 31.44 -30.51
N GLY B 456 -1.92 32.07 -30.89
CA GLY B 456 -1.55 33.36 -30.33
C GLY B 456 -0.68 33.26 -29.10
N THR B 457 -0.19 32.07 -28.80
CA THR B 457 0.76 31.88 -27.70
C THR B 457 2.18 32.18 -28.20
N THR B 458 2.74 33.29 -27.71
CA THR B 458 4.06 33.76 -28.11
C THR B 458 5.13 32.71 -27.82
N THR B 459 5.29 32.30 -26.57
CA THR B 459 5.97 31.02 -26.31
C THR B 459 4.91 29.92 -26.44
N PRO B 460 5.17 28.94 -27.31
CA PRO B 460 4.13 28.04 -27.82
C PRO B 460 3.53 27.15 -26.75
N ALA B 461 2.19 27.10 -26.73
CA ALA B 461 1.44 26.24 -25.85
C ALA B 461 0.30 25.58 -26.63
N GLY B 462 -0.19 24.45 -26.12
CA GLY B 462 -1.30 23.71 -26.74
C GLY B 462 -2.34 23.30 -25.71
N TYR B 463 -3.47 22.82 -26.20
CA TYR B 463 -4.63 22.56 -25.33
C TYR B 463 -4.48 21.41 -24.31
N THR B 464 -3.64 20.43 -24.61
CA THR B 464 -3.52 19.28 -23.72
C THR B 464 -2.22 19.26 -22.96
N ASP B 465 -1.35 20.23 -23.23
CA ASP B 465 -0.16 20.47 -22.41
C ASP B 465 -0.53 20.52 -20.94
N LEU B 466 0.23 19.81 -20.11
CA LEU B 466 0.20 20.06 -18.69
C LEU B 466 1.11 21.26 -18.39
N LEU B 467 1.34 21.55 -17.11
CA LEU B 467 2.22 22.65 -16.76
C LEU B 467 3.68 22.25 -17.02
N VAL B 468 4.00 21.01 -16.71
CA VAL B 468 5.34 20.48 -16.93
C VAL B 468 5.73 20.52 -18.42
N ASN B 469 4.82 20.12 -19.31
CA ASN B 469 5.06 20.06 -20.73
C ASN B 469 5.35 21.40 -21.38
N TYR B 470 4.63 22.42 -20.94
CA TYR B 470 4.76 23.76 -21.52
C TYR B 470 5.98 24.46 -20.97
N THR B 471 6.28 24.19 -19.70
CA THR B 471 7.39 24.80 -18.99
C THR B 471 8.74 24.24 -19.41
N TYR B 472 8.84 22.94 -19.59
CA TYR B 472 10.12 22.38 -19.98
C TYR B 472 10.40 22.59 -21.47
N ARG B 473 9.33 22.87 -22.21
CA ARG B 473 9.47 23.37 -23.58
C ARG B 473 10.28 24.67 -23.55
N ILE B 474 9.99 25.56 -22.59
CA ILE B 474 10.71 26.82 -22.44
C ILE B 474 12.18 26.60 -22.07
N ALA B 475 12.43 25.82 -21.02
CA ALA B 475 13.79 25.61 -20.53
C ALA B 475 14.70 24.81 -21.46
N PHE B 476 14.15 23.76 -22.09
CA PHE B 476 14.95 22.80 -22.86
C PHE B 476 14.84 22.93 -24.37
N GLU B 477 13.68 23.34 -24.87
CA GLU B 477 13.61 23.78 -26.26
C GLU B 477 13.67 25.31 -26.30
N GLY B 478 12.86 25.96 -27.12
CA GLY B 478 12.90 27.43 -27.16
C GLY B 478 14.22 28.06 -27.59
N GLY B 479 15.22 27.23 -27.88
CA GLY B 479 16.44 27.67 -28.56
C GLY B 479 17.64 28.23 -27.81
N GLY B 480 17.52 28.39 -26.50
CA GLY B 480 18.65 28.83 -25.67
C GLY B 480 19.55 27.69 -25.19
N GLY B 481 19.39 26.50 -25.78
CA GLY B 481 20.04 25.30 -25.28
C GLY B 481 19.27 24.80 -24.08
N GLN B 482 19.84 23.81 -23.39
CA GLN B 482 19.19 23.22 -22.22
C GLN B 482 19.53 24.02 -20.95
N ASP B 483 18.56 24.81 -20.47
CA ASP B 483 18.76 25.69 -19.30
C ASP B 483 18.34 24.94 -18.06
N PHE B 484 19.32 24.36 -17.38
CA PHE B 484 19.07 23.53 -16.20
C PHE B 484 18.64 24.34 -15.01
N GLY B 485 19.20 25.54 -14.86
CA GLY B 485 18.84 26.46 -13.78
C GLY B 485 17.40 26.92 -13.87
N LEU B 486 17.00 27.44 -15.03
CA LEU B 486 15.60 27.77 -15.28
C LEU B 486 14.65 26.60 -14.94
N ALA B 487 14.99 25.39 -15.39
CA ALA B 487 14.14 24.21 -15.18
C ALA B 487 14.06 23.80 -13.72
N ALA B 488 15.15 23.96 -13.00
CA ALA B 488 15.20 23.65 -11.57
C ALA B 488 14.31 24.59 -10.77
N ALA B 489 14.35 25.88 -11.14
CA ALA B 489 13.56 26.91 -10.48
C ALA B 489 12.08 26.69 -10.72
N ILE B 490 11.70 26.42 -11.95
CA ILE B 490 10.32 26.08 -12.27
C ILE B 490 9.88 24.82 -11.51
N ALA B 491 10.73 23.79 -11.48
CA ALA B 491 10.47 22.58 -10.69
C ALA B 491 10.17 22.88 -9.20
N THR B 492 10.95 23.78 -8.60
CA THR B 492 10.70 24.25 -7.25
C THR B 492 9.36 25.00 -7.17
N LEU B 493 9.11 25.90 -8.11
CA LEU B 493 7.86 26.66 -8.12
C LEU B 493 6.62 25.80 -8.25
N ILE B 494 6.63 24.84 -9.19
CA ILE B 494 5.47 23.95 -9.31
C ILE B 494 5.36 23.01 -8.10
N PHE B 495 6.49 22.77 -7.42
CA PHE B 495 6.50 21.98 -6.19
C PHE B 495 5.87 22.72 -5.00
N LEU B 496 6.25 23.98 -4.80
CA LEU B 496 5.62 24.83 -3.78
C LEU B 496 4.14 25.09 -4.09
N LEU B 497 3.77 25.00 -5.36
CA LEU B 497 2.36 25.13 -5.78
C LEU B 497 1.52 23.88 -5.48
N VAL B 498 2.04 22.69 -5.81
CA VAL B 498 1.34 21.42 -5.51
C VAL B 498 1.38 21.11 -3.99
N GLY B 499 2.41 21.61 -3.31
CA GLY B 499 2.49 21.54 -1.85
C GLY B 499 1.42 22.38 -1.17
N ALA B 500 1.16 23.57 -1.74
CA ALA B 500 0.06 24.44 -1.28
C ALA B 500 -1.32 23.94 -1.75
N LEU B 501 -1.33 23.11 -2.79
CA LEU B 501 -2.54 22.41 -3.24
C LEU B 501 -2.92 21.23 -2.35
N ALA B 502 -1.93 20.66 -1.64
CA ALA B 502 -2.22 19.72 -0.55
C ALA B 502 -2.59 20.51 0.73
N ILE B 503 -3.68 21.27 0.62
CA ILE B 503 -4.26 22.06 1.71
C ILE B 503 -5.75 21.72 1.85
N ALA C 2 -20.51 -19.61 2.73
CA ALA C 2 -21.14 -19.71 4.08
C ALA C 2 -22.53 -19.12 4.08
N MET C 3 -22.64 -17.87 3.63
CA MET C 3 -23.94 -17.16 3.50
C MET C 3 -24.82 -17.75 2.38
N VAL C 4 -26.13 -17.71 2.60
CA VAL C 4 -27.11 -18.21 1.63
C VAL C 4 -27.23 -17.22 0.47
N GLN C 5 -26.76 -17.64 -0.71
CA GLN C 5 -26.73 -16.77 -1.88
C GLN C 5 -28.09 -16.67 -2.59
N PRO C 6 -28.38 -15.49 -3.19
CA PRO C 6 -29.65 -15.30 -3.93
C PRO C 6 -29.74 -16.18 -5.18
N GLN C 9 -31.26 -14.76 -7.56
CA GLN C 9 -30.81 -14.16 -8.81
C GLN C 9 -29.33 -14.44 -9.16
N LYS C 10 -29.14 -15.36 -10.11
CA LYS C 10 -27.84 -15.63 -10.75
C LYS C 10 -27.76 -14.94 -12.11
N ALA C 11 -28.74 -14.06 -12.36
CA ALA C 11 -28.72 -13.13 -13.47
C ALA C 11 -27.69 -12.02 -13.24
N ARG C 12 -27.32 -11.79 -11.97
CA ARG C 12 -26.27 -10.83 -11.62
C ARG C 12 -24.87 -11.34 -11.92
N LEU C 13 -24.65 -12.64 -11.78
CA LEU C 13 -23.39 -13.27 -12.16
C LEU C 13 -23.18 -13.26 -13.68
N PHE C 14 -24.24 -13.56 -14.41
CA PHE C 14 -24.22 -13.56 -15.85
C PHE C 14 -23.91 -12.17 -16.40
N ILE C 15 -24.44 -11.15 -15.77
CA ILE C 15 -24.24 -9.77 -16.20
C ILE C 15 -22.82 -9.29 -15.87
N THR C 16 -22.26 -9.84 -14.79
CA THR C 16 -20.91 -9.50 -14.36
C THR C 16 -19.89 -10.18 -15.25
N HIS C 17 -20.10 -11.47 -15.52
CA HIS C 17 -19.26 -12.22 -16.45
C HIS C 17 -19.26 -11.57 -17.82
N LEU C 18 -20.43 -11.09 -18.23
CA LEU C 18 -20.57 -10.44 -19.52
C LEU C 18 -19.85 -9.10 -19.56
N LEU C 19 -19.94 -8.33 -18.47
CA LEU C 19 -19.30 -7.00 -18.42
C LEU C 19 -17.79 -7.08 -18.24
N LEU C 20 -17.32 -7.94 -17.34
CA LEU C 20 -15.90 -8.25 -17.25
C LEU C 20 -15.32 -8.66 -18.61
N LEU C 21 -15.93 -9.64 -19.27
CA LEU C 21 -15.47 -10.10 -20.58
C LEU C 21 -15.31 -8.96 -21.60
N LEU C 22 -16.33 -8.12 -21.70
CA LEU C 22 -16.31 -6.95 -22.57
C LEU C 22 -15.27 -5.91 -22.16
N PHE C 23 -15.07 -5.75 -20.85
CA PHE C 23 -14.03 -4.85 -20.35
C PHE C 23 -12.65 -5.40 -20.66
N ILE C 24 -12.48 -6.70 -20.47
CA ILE C 24 -11.20 -7.38 -20.67
C ILE C 24 -10.80 -7.34 -22.15
N ALA C 25 -11.72 -7.67 -23.05
CA ALA C 25 -11.43 -7.53 -24.48
C ALA C 25 -10.95 -6.10 -24.76
N ALA C 26 -11.68 -5.09 -24.29
CA ALA C 26 -11.33 -3.69 -24.51
C ALA C 26 -9.94 -3.32 -24.01
N ILE C 27 -9.60 -3.68 -22.77
CA ILE C 27 -8.26 -3.39 -22.22
C ILE C 27 -7.15 -4.32 -22.72
N MET C 28 -7.52 -5.49 -23.24
CA MET C 28 -6.54 -6.39 -23.86
C MET C 28 -6.15 -5.98 -25.29
N PHE C 29 -7.05 -5.30 -25.99
CA PHE C 29 -6.81 -4.94 -27.40
C PHE C 29 -5.47 -4.26 -27.63
N PRO C 30 -5.18 -3.16 -26.89
CA PRO C 30 -3.87 -2.55 -27.12
C PRO C 30 -2.72 -3.54 -26.95
N LEU C 31 -2.81 -4.43 -25.96
CA LEU C 31 -1.68 -5.37 -25.72
C LEU C 31 -1.60 -6.47 -26.77
N LEU C 32 -2.74 -6.85 -27.34
CA LEU C 32 -2.75 -7.82 -28.41
C LEU C 32 -2.06 -7.29 -29.66
N MET C 33 -2.04 -5.97 -29.81
N MET C 33 -2.03 -5.97 -29.80
CA MET C 33 -1.33 -5.35 -30.92
CA MET C 33 -1.33 -5.34 -30.91
C MET C 33 0.17 -5.26 -30.69
C MET C 33 0.17 -5.27 -30.69
N VAL C 34 0.59 -5.30 -29.42
CA VAL C 34 1.99 -5.33 -29.07
C VAL C 34 2.48 -6.73 -29.46
N VAL C 35 1.72 -7.75 -29.08
CA VAL C 35 1.98 -9.15 -29.46
C VAL C 35 2.04 -9.27 -30.98
N ALA C 36 1.09 -8.65 -31.67
CA ALA C 36 1.10 -8.62 -33.14
C ALA C 36 2.38 -8.04 -33.73
N ILE C 37 2.87 -6.94 -33.16
CA ILE C 37 4.09 -6.27 -33.65
C ILE C 37 5.23 -7.25 -33.49
N SER C 38 5.21 -8.01 -32.40
CA SER C 38 6.26 -8.97 -32.13
C SER C 38 6.26 -10.17 -33.10
N LEU C 39 5.15 -10.42 -33.78
CA LEU C 39 5.08 -11.56 -34.70
C LEU C 39 5.03 -11.17 -36.17
N ARG C 40 5.17 -9.87 -36.43
CA ARG C 40 5.09 -9.34 -37.78
C ARG C 40 6.47 -9.38 -38.40
N GLN C 41 6.60 -9.78 -39.67
CA GLN C 41 7.92 -9.74 -40.33
C GLN C 41 8.31 -8.28 -40.58
N GLY C 42 9.59 -7.97 -40.42
CA GLY C 42 10.00 -6.58 -40.49
C GLY C 42 9.67 -5.90 -39.17
N ASN C 43 9.83 -4.58 -39.16
CA ASN C 43 9.62 -3.77 -37.96
C ASN C 43 8.61 -2.67 -38.20
N PHE C 44 7.34 -3.02 -37.96
CA PHE C 44 6.19 -2.17 -38.27
C PHE C 44 5.26 -2.03 -37.06
N ALA C 45 5.07 -0.78 -36.62
CA ALA C 45 4.24 -0.45 -35.46
C ALA C 45 2.76 -0.68 -35.68
N THR C 46 2.36 -0.87 -36.95
CA THR C 46 0.97 -0.92 -37.32
C THR C 46 0.66 -2.08 -38.29
N GLY C 47 -0.62 -2.34 -38.53
CA GLY C 47 -1.03 -3.46 -39.36
C GLY C 47 -2.17 -4.23 -38.71
N SER C 48 -2.44 -5.41 -39.24
CA SER C 48 -3.61 -6.18 -38.81
C SER C 48 -3.31 -7.02 -37.57
N LEU C 49 -4.36 -7.29 -36.78
CA LEU C 49 -4.24 -8.02 -35.52
C LEU C 49 -3.60 -9.40 -35.69
N ILE C 50 -4.00 -10.12 -36.74
CA ILE C 50 -3.23 -11.27 -37.20
C ILE C 50 -2.41 -10.76 -38.37
N PRO C 51 -1.08 -10.68 -38.20
CA PRO C 51 -0.22 -10.12 -39.25
C PRO C 51 -0.33 -10.93 -40.53
N GLU C 52 -0.42 -10.25 -41.68
CA GLU C 52 -0.53 -10.90 -42.96
C GLU C 52 0.69 -11.78 -43.21
N GLN C 53 1.86 -11.21 -42.95
CA GLN C 53 3.12 -11.93 -43.04
C GLN C 53 3.69 -12.15 -41.64
N ILE C 54 3.49 -13.35 -41.12
CA ILE C 54 3.93 -13.73 -39.79
C ILE C 54 5.41 -14.10 -39.79
N SER C 55 6.09 -13.77 -38.70
CA SER C 55 7.54 -13.99 -38.57
C SER C 55 7.88 -14.39 -37.15
N TRP C 56 8.75 -15.38 -37.02
CA TRP C 56 9.19 -15.88 -35.70
C TRP C 56 10.55 -15.29 -35.31
N ASP C 57 11.13 -14.51 -36.23
CA ASP C 57 12.48 -13.99 -36.05
C ASP C 57 12.71 -13.15 -34.80
N HIS C 58 11.82 -12.20 -34.52
CA HIS C 58 12.02 -11.33 -33.36
C HIS C 58 12.12 -12.13 -32.06
N TRP C 59 11.27 -13.15 -31.93
CA TRP C 59 11.25 -14.02 -30.76
C TRP C 59 12.44 -14.96 -30.72
N LYS C 60 13.02 -15.24 -31.86
CA LYS C 60 14.14 -16.15 -31.93
C LYS C 60 15.39 -15.47 -31.39
N LEU C 61 15.60 -14.24 -31.84
CA LEU C 61 16.72 -13.45 -31.39
C LEU C 61 16.56 -13.10 -29.93
N ALA C 62 15.33 -12.95 -29.48
CA ALA C 62 15.11 -12.67 -28.07
C ALA C 62 15.39 -13.90 -27.23
N LEU C 63 15.17 -15.08 -27.82
CA LEU C 63 15.31 -16.33 -27.07
C LEU C 63 16.65 -17.01 -27.27
N GLY C 64 17.52 -16.43 -28.10
CA GLY C 64 18.88 -16.95 -28.24
C GLY C 64 19.21 -17.57 -29.58
N PHE C 65 18.16 -17.84 -30.39
CA PHE C 65 18.32 -18.48 -31.70
C PHE C 65 18.95 -17.58 -32.75
N SER C 66 19.73 -18.20 -33.62
CA SER C 66 20.23 -17.56 -34.83
C SER C 66 19.16 -17.61 -35.92
N VAL C 67 19.22 -16.66 -36.85
CA VAL C 67 18.21 -16.51 -37.90
C VAL C 67 18.80 -16.61 -39.32
N GLU C 68 18.46 -17.68 -40.03
CA GLU C 68 18.77 -17.80 -41.45
C GLU C 68 17.93 -16.78 -42.22
N GLN C 69 18.59 -15.81 -42.86
CA GLN C 69 17.85 -14.79 -43.60
C GLN C 69 17.79 -15.05 -45.12
N ALA C 70 17.38 -14.01 -45.86
CA ALA C 70 17.09 -14.11 -47.30
C ALA C 70 18.26 -14.60 -48.17
N ASP C 71 19.43 -13.98 -48.03
CA ASP C 71 20.62 -14.33 -48.84
C ASP C 71 21.35 -15.63 -48.41
N GLY C 72 20.99 -16.14 -47.24
CA GLY C 72 21.55 -17.40 -46.75
C GLY C 72 22.42 -17.30 -45.51
N ARG C 73 23.03 -16.14 -45.29
CA ARG C 73 23.89 -15.96 -44.12
C ARG C 73 23.08 -15.95 -42.81
N ILE C 74 23.71 -16.48 -41.77
CA ILE C 74 23.09 -16.68 -40.47
C ILE C 74 23.37 -15.47 -39.59
N THR C 75 22.30 -14.89 -39.04
CA THR C 75 22.41 -13.75 -38.12
C THR C 75 22.39 -14.21 -36.65
N PRO C 76 23.51 -14.06 -35.95
CA PRO C 76 23.52 -14.41 -34.54
C PRO C 76 22.74 -13.38 -33.72
N PRO C 77 22.25 -13.77 -32.54
CA PRO C 77 21.54 -12.80 -31.73
C PRO C 77 22.47 -11.64 -31.34
N PRO C 78 22.10 -10.40 -31.74
CA PRO C 78 22.93 -9.24 -31.43
C PRO C 78 23.00 -8.97 -29.93
N PHE C 79 21.92 -9.24 -29.19
CA PHE C 79 21.84 -9.01 -27.74
C PHE C 79 21.41 -10.20 -26.90
N PRO C 80 21.92 -10.29 -25.66
CA PRO C 80 21.47 -11.32 -24.71
C PRO C 80 20.19 -10.93 -23.98
N VAL C 81 19.06 -11.09 -24.65
CA VAL C 81 17.76 -10.65 -24.11
C VAL C 81 17.37 -11.46 -22.86
N LEU C 82 17.71 -12.74 -22.82
CA LEU C 82 17.28 -13.61 -21.72
C LEU C 82 18.04 -13.32 -20.44
N LEU C 83 19.31 -13.03 -20.59
CA LEU C 83 20.16 -12.62 -19.47
C LEU C 83 19.76 -11.23 -18.95
N TRP C 84 19.40 -10.32 -19.85
CA TRP C 84 18.74 -9.07 -19.48
C TRP C 84 17.53 -9.32 -18.57
N LEU C 85 16.70 -10.27 -18.98
CA LEU C 85 15.49 -10.62 -18.25
C LEU C 85 15.82 -11.17 -16.85
N TRP C 86 16.87 -11.98 -16.77
CA TRP C 86 17.31 -12.55 -15.51
C TRP C 86 17.87 -11.44 -14.61
N ASN C 87 18.62 -10.52 -15.20
CA ASN C 87 19.12 -9.35 -14.46
C ASN C 87 17.95 -8.50 -13.97
N SER C 88 16.85 -8.48 -14.72
CA SER C 88 15.64 -7.77 -14.29
C SER C 88 14.96 -8.39 -13.07
N VAL C 89 14.82 -9.73 -13.09
CA VAL C 89 14.26 -10.50 -11.96
C VAL C 89 15.07 -10.28 -10.69
N LYS C 90 16.39 -10.38 -10.81
CA LYS C 90 17.26 -10.17 -9.69
C LYS C 90 17.16 -8.74 -9.12
N VAL C 91 17.33 -7.71 -9.96
CA VAL C 91 17.26 -6.33 -9.48
C VAL C 91 15.87 -6.09 -8.87
N ALA C 92 14.81 -6.48 -9.58
CA ALA C 92 13.44 -6.25 -9.09
C ALA C 92 13.09 -7.02 -7.81
N GLY C 93 13.47 -8.31 -7.77
CA GLY C 93 13.21 -9.18 -6.63
C GLY C 93 13.90 -8.74 -5.35
N ILE C 94 15.23 -8.56 -5.40
CA ILE C 94 16.01 -8.11 -4.24
C ILE C 94 15.55 -6.71 -3.81
N SER C 95 15.46 -5.80 -4.77
CA SER C 95 14.85 -4.48 -4.57
C SER C 95 13.55 -4.56 -3.77
N ALA C 96 12.64 -5.42 -4.23
CA ALA C 96 11.33 -5.48 -3.65
C ALA C 96 11.38 -5.97 -2.22
N ILE C 97 12.12 -7.06 -1.99
CA ILE C 97 12.38 -7.58 -0.64
C ILE C 97 12.86 -6.45 0.28
N GLY C 98 13.80 -5.64 -0.19
CA GLY C 98 14.39 -4.57 0.63
C GLY C 98 13.39 -3.49 0.91
N ILE C 99 12.54 -3.17 -0.06
CA ILE C 99 11.53 -2.11 0.13
C ILE C 99 10.40 -2.51 1.09
N VAL C 100 9.99 -3.79 1.02
CA VAL C 100 9.07 -4.37 2.02
C VAL C 100 9.67 -4.27 3.45
N ALA C 101 10.87 -4.78 3.61
CA ALA C 101 11.54 -4.83 4.89
C ALA C 101 11.70 -3.42 5.50
N LEU C 102 12.06 -2.46 4.67
CA LEU C 102 12.35 -1.12 5.16
C LEU C 102 11.07 -0.36 5.48
N SER C 103 10.01 -0.59 4.72
CA SER C 103 8.79 0.19 4.89
C SER C 103 7.85 -0.39 5.95
N THR C 104 7.86 -1.71 6.06
CA THR C 104 7.15 -2.43 7.13
C THR C 104 7.63 -2.03 8.51
N THR C 105 8.93 -2.13 8.72
CA THR C 105 9.50 -1.73 10.02
C THR C 105 9.17 -0.27 10.29
N CYS C 106 9.31 0.57 9.28
CA CYS C 106 8.98 1.97 9.41
C CYS C 106 7.50 2.23 9.77
N ALA C 107 6.61 1.52 9.09
CA ALA C 107 5.17 1.67 9.30
C ALA C 107 4.80 1.27 10.72
N TYR C 108 5.52 0.28 11.25
CA TYR C 108 5.33 -0.20 12.61
C TYR C 108 5.54 0.91 13.62
N ALA C 109 6.70 1.59 13.57
CA ALA C 109 6.93 2.71 14.46
C ALA C 109 5.87 3.80 14.28
N PHE C 110 5.54 4.12 13.03
CA PHE C 110 4.53 5.11 12.76
C PHE C 110 3.16 4.73 13.30
N ALA C 111 2.85 3.43 13.22
CA ALA C 111 1.54 2.90 13.63
C ALA C 111 1.36 2.52 15.11
N ARG C 112 2.46 2.28 15.85
CA ARG C 112 2.38 1.65 17.19
C ARG C 112 3.19 2.34 18.28
N MET C 113 4.16 3.13 17.87
CA MET C 113 5.05 3.78 18.83
C MET C 113 4.87 5.28 18.72
N ARG C 114 5.37 6.00 19.72
CA ARG C 114 5.24 7.44 19.76
C ARG C 114 6.60 8.06 19.94
N PHE C 115 6.89 9.07 19.14
CA PHE C 115 8.16 9.76 19.19
C PHE C 115 7.95 11.20 18.67
N PRO C 116 8.61 12.18 19.30
CA PRO C 116 8.38 13.59 18.91
C PRO C 116 8.49 13.84 17.41
N GLY C 117 7.61 14.70 16.90
CA GLY C 117 7.62 15.11 15.49
C GLY C 117 7.37 13.96 14.54
N LYS C 118 6.66 12.95 15.01
CA LYS C 118 6.22 11.82 14.21
C LYS C 118 5.37 12.29 13.02
N ALA C 119 4.43 13.20 13.31
CA ALA C 119 3.51 13.78 12.33
C ALA C 119 4.18 14.62 11.25
N THR C 120 5.11 15.48 11.66
CA THR C 120 5.93 16.25 10.73
C THR C 120 6.69 15.30 9.81
N LEU C 121 7.33 14.29 10.38
CA LEU C 121 8.09 13.31 9.62
C LEU C 121 7.26 12.59 8.58
N LEU C 122 6.08 12.13 8.98
CA LEU C 122 5.16 11.45 8.09
C LEU C 122 4.68 12.33 6.96
N LYS C 123 4.39 13.59 7.26
CA LYS C 123 3.97 14.52 6.23
C LYS C 123 5.15 15.08 5.43
N GLY C 124 6.32 15.11 6.04
CA GLY C 124 7.56 15.42 5.33
C GLY C 124 7.86 14.32 4.32
N MET C 125 7.65 13.06 4.74
CA MET C 125 7.90 11.90 3.90
C MET C 125 7.04 11.90 2.65
N LEU C 126 5.74 12.11 2.82
CA LEU C 126 4.83 12.13 1.69
C LEU C 126 5.09 13.35 0.81
N ILE C 127 5.32 14.52 1.41
CA ILE C 127 5.65 15.75 0.66
C ILE C 127 6.91 15.60 -0.21
N PHE C 128 8.03 15.23 0.42
CA PHE C 128 9.34 15.26 -0.23
C PHE C 128 9.48 14.27 -1.39
N GLN C 129 8.73 13.17 -1.37
CA GLN C 129 8.77 12.24 -2.48
C GLN C 129 7.93 12.78 -3.66
N MET C 130 7.14 13.82 -3.40
CA MET C 130 6.28 14.39 -4.43
C MET C 130 6.90 15.63 -5.09
N PHE C 131 8.19 15.85 -4.82
CA PHE C 131 9.02 16.81 -5.56
C PHE C 131 9.30 16.27 -6.97
N PRO C 132 9.28 17.16 -8.00
CA PRO C 132 9.54 16.77 -9.39
C PRO C 132 10.96 16.23 -9.64
N ALA C 133 11.02 14.97 -10.07
CA ALA C 133 12.30 14.30 -10.40
C ALA C 133 12.85 14.67 -11.80
N VAL C 134 13.43 15.87 -11.91
CA VAL C 134 13.87 16.39 -13.21
C VAL C 134 15.39 16.59 -13.31
N LEU C 135 16.00 16.97 -12.18
CA LEU C 135 17.44 17.17 -12.10
C LEU C 135 18.05 16.14 -11.16
N SER C 136 17.29 15.09 -10.89
CA SER C 136 17.71 14.06 -9.97
C SER C 136 18.92 13.27 -10.49
N LEU C 137 18.85 12.72 -11.69
CA LEU C 137 19.91 11.87 -12.22
C LEU C 137 21.32 12.48 -12.16
N VAL C 138 21.39 13.80 -12.22
CA VAL C 138 22.64 14.54 -12.02
C VAL C 138 23.18 14.30 -10.62
N ALA C 139 22.32 14.44 -9.62
CA ALA C 139 22.69 14.25 -8.23
C ALA C 139 23.09 12.82 -7.94
N LEU C 140 22.30 11.89 -8.47
CA LEU C 140 22.50 10.45 -8.29
C LEU C 140 23.81 9.92 -8.85
N TYR C 141 24.18 10.36 -10.06
CA TYR C 141 25.40 9.88 -10.69
C TYR C 141 26.58 10.30 -9.84
N ALA C 142 26.58 11.59 -9.48
CA ALA C 142 27.62 12.20 -8.68
C ALA C 142 27.74 11.49 -7.34
N LEU C 143 26.62 10.89 -6.89
CA LEU C 143 26.59 10.16 -5.64
C LEU C 143 27.23 8.78 -5.77
N PHE C 144 26.76 7.99 -6.73
CA PHE C 144 27.27 6.64 -6.86
C PHE C 144 28.69 6.59 -7.43
N ASP C 145 29.13 7.70 -8.02
CA ASP C 145 30.51 7.82 -8.47
C ASP C 145 31.41 7.88 -7.24
N ARG C 146 31.02 8.73 -6.28
CA ARG C 146 31.76 8.91 -5.04
C ARG C 146 31.77 7.61 -4.26
N LEU C 147 30.58 7.05 -4.06
CA LEU C 147 30.39 5.86 -3.25
C LEU C 147 31.23 4.68 -3.72
N GLY C 148 31.35 4.59 -5.05
CA GLY C 148 31.98 3.47 -5.72
C GLY C 148 33.39 3.19 -5.29
N GLU C 149 34.15 4.25 -5.02
CA GLU C 149 35.55 4.09 -4.64
C GLU C 149 35.73 3.66 -3.21
N TYR C 150 34.66 3.70 -2.41
CA TYR C 150 34.69 3.23 -1.03
C TYR C 150 34.00 1.87 -0.86
N ILE C 151 32.77 1.74 -1.36
CA ILE C 151 32.10 0.43 -1.43
C ILE C 151 31.82 0.15 -2.91
N PRO C 152 32.76 -0.50 -3.62
CA PRO C 152 32.58 -0.71 -5.06
C PRO C 152 31.41 -1.63 -5.42
N PHE C 153 30.92 -2.39 -4.45
CA PHE C 153 29.79 -3.30 -4.62
C PHE C 153 28.48 -2.55 -4.93
N ILE C 154 28.43 -1.29 -4.49
CA ILE C 154 27.25 -0.46 -4.72
C ILE C 154 27.58 0.80 -5.51
N GLY C 155 28.65 0.77 -6.28
CA GLY C 155 29.05 1.89 -7.13
C GLY C 155 28.36 1.86 -8.49
N LEU C 156 28.92 2.60 -9.45
CA LEU C 156 28.42 2.61 -10.83
C LEU C 156 28.69 1.27 -11.49
N ASN C 157 27.87 0.92 -12.48
CA ASN C 157 27.98 -0.37 -13.16
C ASN C 157 27.86 -1.61 -12.28
N THR C 158 27.01 -1.52 -11.25
CA THR C 158 26.71 -2.64 -10.39
C THR C 158 25.22 -2.76 -10.14
N HIS C 159 24.73 -4.00 -10.06
CA HIS C 159 23.37 -4.23 -9.67
C HIS C 159 23.11 -3.70 -8.26
N GLY C 160 24.08 -3.89 -7.37
CA GLY C 160 24.09 -3.32 -6.03
C GLY C 160 23.65 -1.86 -5.97
N GLY C 161 24.21 -1.04 -6.85
CA GLY C 161 23.92 0.39 -6.86
C GLY C 161 22.50 0.65 -7.27
N VAL C 162 22.03 -0.10 -8.26
CA VAL C 162 20.68 0.06 -8.77
C VAL C 162 19.68 -0.31 -7.70
N ILE C 163 19.86 -1.48 -7.08
CA ILE C 163 19.06 -1.94 -5.95
C ILE C 163 19.09 -0.91 -4.83
N PHE C 164 20.26 -0.43 -4.48
CA PHE C 164 20.42 0.63 -3.48
C PHE C 164 19.66 1.90 -3.86
N ALA C 165 19.71 2.29 -5.13
CA ALA C 165 19.04 3.50 -5.54
C ALA C 165 17.51 3.44 -5.29
N TYR C 166 16.92 2.27 -5.48
CA TYR C 166 15.47 2.09 -5.36
C TYR C 166 14.95 2.10 -3.91
N LEU C 167 15.84 1.79 -2.97
CA LEU C 167 15.46 1.59 -1.57
C LEU C 167 15.02 2.88 -0.91
N GLY C 168 15.30 4.01 -1.52
CA GLY C 168 14.79 5.28 -1.02
C GLY C 168 13.33 5.55 -1.35
N GLY C 169 12.78 4.87 -2.35
CA GLY C 169 11.37 5.10 -2.75
C GLY C 169 10.28 4.46 -1.90
N ILE C 170 10.30 4.73 -0.60
CA ILE C 170 9.44 3.98 0.35
C ILE C 170 8.26 4.75 0.92
N ALA C 171 8.38 6.08 1.00
CA ALA C 171 7.34 6.94 1.60
C ALA C 171 5.92 6.39 1.44
N LEU C 172 5.54 6.03 0.22
CA LEU C 172 4.16 5.73 -0.03
C LEU C 172 3.81 4.36 0.52
N HIS C 173 4.75 3.43 0.38
CA HIS C 173 4.60 2.07 0.88
C HIS C 173 4.50 2.12 2.41
N VAL C 174 5.29 3.01 3.02
CA VAL C 174 5.15 3.24 4.47
C VAL C 174 3.70 3.62 4.83
N TRP C 175 3.13 4.64 4.18
CA TRP C 175 1.78 5.04 4.52
C TRP C 175 0.81 3.91 4.24
N THR C 176 1.03 3.14 3.18
CA THR C 176 0.16 2.00 2.85
C THR C 176 0.17 0.93 3.93
N ILE C 177 1.35 0.58 4.44
CA ILE C 177 1.41 -0.42 5.49
C ILE C 177 0.91 0.13 6.86
N LYS C 178 1.26 1.37 7.18
CA LYS C 178 0.74 2.09 8.35
C LYS C 178 -0.77 2.03 8.32
N GLY C 179 -1.34 2.51 7.23
CA GLY C 179 -2.78 2.45 7.01
C GLY C 179 -3.36 1.11 7.41
N TYR C 180 -2.73 0.04 6.95
CA TYR C 180 -3.25 -1.29 7.13
C TYR C 180 -3.05 -1.74 8.56
N PHE C 181 -1.85 -1.53 9.08
CA PHE C 181 -1.56 -1.83 10.48
C PHE C 181 -2.67 -1.27 11.41
N GLU C 182 -3.20 -0.10 11.04
CA GLU C 182 -4.20 0.57 11.89
C GLU C 182 -5.62 -0.05 11.84
N THR C 183 -5.89 -0.88 10.82
CA THR C 183 -7.16 -1.61 10.75
C THR C 183 -7.20 -2.79 11.74
N ILE C 184 -6.04 -3.23 12.21
CA ILE C 184 -5.91 -4.39 13.11
C ILE C 184 -5.98 -3.96 14.58
N ASP C 185 -6.72 -4.71 15.38
CA ASP C 185 -7.08 -4.28 16.71
C ASP C 185 -5.85 -4.32 17.61
N SER C 186 -5.67 -3.23 18.37
CA SER C 186 -4.47 -3.07 19.18
C SER C 186 -4.33 -4.21 20.17
N SER C 187 -5.47 -4.80 20.54
CA SER C 187 -5.50 -5.68 21.70
C SER C 187 -4.76 -6.98 21.47
N LEU C 188 -4.55 -7.35 20.20
CA LEU C 188 -3.76 -8.53 19.88
C LEU C 188 -2.29 -8.35 20.29
N GLU C 189 -1.75 -7.17 20.01
CA GLU C 189 -0.37 -6.90 20.40
C GLU C 189 -0.31 -6.51 21.89
N GLU C 190 -1.38 -5.91 22.39
CA GLU C 190 -1.54 -5.72 23.84
C GLU C 190 -1.43 -7.06 24.59
N ALA C 191 -2.28 -8.04 24.22
CA ALA C 191 -2.21 -9.41 24.75
C ALA C 191 -0.81 -9.98 24.59
N ALA C 192 -0.25 -9.82 23.40
CA ALA C 192 1.10 -10.31 23.14
C ALA C 192 2.08 -9.74 24.14
N ALA C 193 2.06 -8.42 24.31
CA ALA C 193 2.91 -7.75 25.30
C ALA C 193 2.76 -8.31 26.73
N LEU C 194 1.55 -8.69 27.14
CA LEU C 194 1.37 -9.28 28.47
C LEU C 194 1.81 -10.74 28.54
N ASP C 195 1.94 -11.39 27.40
CA ASP C 195 2.62 -12.68 27.39
C ASP C 195 4.14 -12.51 27.47
N GLY C 196 4.58 -11.26 27.61
CA GLY C 196 6.00 -10.92 27.72
C GLY C 196 6.73 -10.72 26.40
N ALA C 197 5.96 -10.57 25.31
CA ALA C 197 6.55 -10.37 24.00
C ALA C 197 7.11 -8.97 23.90
N THR C 198 8.29 -8.88 23.30
CA THR C 198 8.95 -7.60 23.06
C THR C 198 8.21 -6.88 21.94
N PRO C 199 8.43 -5.57 21.79
CA PRO C 199 7.81 -4.91 20.62
C PRO C 199 8.20 -5.60 19.30
N TRP C 200 9.45 -6.06 19.19
CA TRP C 200 9.87 -6.80 18.00
C TRP C 200 9.08 -8.10 17.79
N GLN C 201 8.93 -8.87 18.86
CA GLN C 201 8.20 -10.14 18.84
C GLN C 201 6.74 -9.95 18.49
N ALA C 202 6.16 -8.84 18.97
CA ALA C 202 4.74 -8.56 18.74
C ALA C 202 4.58 -8.27 17.26
N PHE C 203 5.51 -7.47 16.75
CA PHE C 203 5.65 -7.15 15.34
C PHE C 203 5.74 -8.41 14.49
N ARG C 204 6.74 -9.24 14.74
CA ARG C 204 6.99 -10.44 13.93
C ARG C 204 5.95 -11.53 14.08
N LEU C 205 5.54 -11.80 15.32
CA LEU C 205 4.79 -13.03 15.61
C LEU C 205 3.26 -12.87 15.58
N VAL C 206 2.79 -11.62 15.73
CA VAL C 206 1.37 -11.35 15.72
C VAL C 206 0.95 -10.42 14.59
N LEU C 207 1.56 -9.24 14.52
CA LEU C 207 1.08 -8.25 13.57
C LEU C 207 1.41 -8.56 12.11
N LEU C 208 2.63 -8.96 11.81
CA LEU C 208 3.00 -9.33 10.45
C LEU C 208 2.14 -10.41 9.76
N PRO C 209 1.89 -11.56 10.43
CA PRO C 209 1.06 -12.60 9.80
C PRO C 209 -0.36 -12.14 9.49
N LEU C 210 -0.82 -11.14 10.20
CA LEU C 210 -2.17 -10.62 9.99
C LEU C 210 -2.13 -9.52 8.92
N SER C 211 -0.93 -9.05 8.58
CA SER C 211 -0.75 -7.94 7.65
C SER C 211 -0.29 -8.43 6.29
N VAL C 212 -0.24 -9.75 6.18
CA VAL C 212 0.25 -10.47 4.99
C VAL C 212 -0.26 -10.03 3.61
N PRO C 213 -1.53 -9.59 3.50
CA PRO C 213 -1.99 -9.07 2.21
C PRO C 213 -1.31 -7.76 1.83
N ILE C 214 -1.09 -6.82 2.76
CA ILE C 214 -0.53 -5.51 2.40
C ILE C 214 0.96 -5.65 2.14
N LEU C 215 1.55 -6.70 2.68
CA LEU C 215 2.89 -7.14 2.32
C LEU C 215 2.98 -7.64 0.88
N ALA C 216 1.94 -8.28 0.38
CA ALA C 216 1.98 -8.77 -0.99
C ALA C 216 1.81 -7.58 -1.91
N VAL C 217 0.92 -6.66 -1.54
CA VAL C 217 0.67 -5.48 -2.35
C VAL C 217 1.96 -4.68 -2.57
N VAL C 218 2.63 -4.29 -1.49
CA VAL C 218 3.88 -3.54 -1.61
C VAL C 218 4.98 -4.31 -2.35
N PHE C 219 5.06 -5.62 -2.13
CA PHE C 219 5.99 -6.46 -2.93
C PHE C 219 5.70 -6.42 -4.43
N ILE C 220 4.41 -6.42 -4.75
CA ILE C 220 4.01 -6.41 -6.15
C ILE C 220 4.26 -5.06 -6.73
N LEU C 221 3.74 -4.01 -6.10
CA LEU C 221 3.90 -2.66 -6.61
C LEU C 221 5.37 -2.28 -6.80
N SER C 222 6.25 -2.87 -5.98
CA SER C 222 7.68 -2.61 -6.08
C SER C 222 8.37 -3.38 -7.17
N PHE C 223 8.00 -4.64 -7.32
CA PHE C 223 8.55 -5.46 -8.36
C PHE C 223 8.24 -4.84 -9.74
N ILE C 224 6.99 -4.42 -9.96
CA ILE C 224 6.57 -3.77 -11.20
C ILE C 224 7.39 -2.53 -11.49
N ALA C 225 7.46 -1.63 -10.50
CA ALA C 225 8.22 -0.41 -10.60
C ALA C 225 9.65 -0.71 -11.08
N ALA C 226 10.29 -1.68 -10.42
CA ALA C 226 11.67 -2.06 -10.72
C ALA C 226 11.89 -2.65 -12.11
N ILE C 227 10.96 -3.50 -12.54
CA ILE C 227 11.06 -4.13 -13.84
C ILE C 227 10.90 -3.11 -14.98
N THR C 228 10.11 -2.08 -14.78
CA THR C 228 9.76 -1.23 -15.89
C THR C 228 10.64 0.01 -15.88
N GLU C 229 11.50 0.10 -14.87
CA GLU C 229 12.27 1.28 -14.61
C GLU C 229 13.43 1.42 -15.60
N VAL C 230 13.54 2.60 -16.23
CA VAL C 230 14.61 2.83 -17.22
C VAL C 230 15.70 3.86 -16.85
N PRO C 231 15.31 5.12 -16.51
CA PRO C 231 16.28 6.23 -16.35
C PRO C 231 17.45 5.97 -15.37
N VAL C 232 17.14 5.60 -14.13
CA VAL C 232 18.18 5.35 -13.11
C VAL C 232 19.08 4.16 -13.48
N ALA C 233 18.48 3.03 -13.86
CA ALA C 233 19.24 1.83 -14.24
C ALA C 233 20.14 2.11 -15.44
N SER C 234 19.60 2.87 -16.38
CA SER C 234 20.34 3.18 -17.58
C SER C 234 21.49 4.17 -17.27
N LEU C 235 21.32 5.00 -16.26
CA LEU C 235 22.37 5.94 -15.86
C LEU C 235 23.46 5.27 -15.06
N LEU C 236 23.12 4.20 -14.36
CA LEU C 236 24.12 3.48 -13.58
C LEU C 236 24.81 2.30 -14.25
N LEU C 237 24.10 1.54 -15.08
CA LEU C 237 24.69 0.35 -15.70
C LEU C 237 25.45 0.61 -17.06
N ARG C 238 26.71 0.18 -17.13
CA ARG C 238 27.54 0.43 -18.31
C ARG C 238 27.65 -0.82 -19.20
N ASP C 239 27.95 -1.97 -18.59
CA ASP C 239 28.19 -3.23 -19.31
C ASP C 239 26.93 -3.85 -19.86
N VAL C 240 26.98 -4.20 -21.14
CA VAL C 240 25.85 -4.87 -21.83
C VAL C 240 25.34 -6.09 -21.06
N ASN C 241 26.26 -6.90 -20.55
CA ASN C 241 25.88 -8.13 -19.84
C ASN C 241 25.34 -7.92 -18.43
N SER C 242 25.26 -6.66 -18.01
CA SER C 242 24.65 -6.35 -16.72
C SER C 242 23.33 -5.59 -16.89
N TYR C 243 22.98 -5.27 -18.14
CA TYR C 243 21.74 -4.53 -18.40
C TYR C 243 20.54 -5.29 -17.85
N THR C 244 19.60 -4.53 -17.28
CA THR C 244 18.25 -5.01 -17.07
C THR C 244 17.54 -5.00 -18.44
N LEU C 245 16.38 -5.67 -18.52
CA LEU C 245 15.63 -5.77 -19.80
C LEU C 245 15.06 -4.43 -20.27
N ALA C 246 14.60 -3.60 -19.33
CA ALA C 246 14.16 -2.21 -19.61
C ALA C 246 15.26 -1.33 -20.19
N VAL C 247 16.48 -1.54 -19.70
CA VAL C 247 17.60 -0.76 -20.22
C VAL C 247 18.05 -1.31 -21.56
N GLY C 248 18.23 -2.63 -21.64
CA GLY C 248 18.67 -3.25 -22.87
C GLY C 248 17.78 -3.01 -24.08
N MET C 249 16.47 -3.02 -23.88
CA MET C 249 15.55 -2.87 -25.01
C MET C 249 15.58 -1.47 -25.62
N GLN C 250 16.18 -0.52 -24.91
CA GLN C 250 16.43 0.83 -25.43
C GLN C 250 17.32 0.81 -26.70
N GLN C 251 18.18 -0.19 -26.81
CA GLN C 251 19.00 -0.36 -28.02
C GLN C 251 18.17 -0.35 -29.31
N TYR C 252 16.91 -0.79 -29.20
CA TYR C 252 16.01 -0.90 -30.34
C TYR C 252 15.47 0.44 -30.78
N LEU C 253 15.72 1.48 -29.99
CA LEU C 253 15.16 2.79 -30.28
C LEU C 253 16.25 3.70 -30.79
N ASN C 254 16.07 4.18 -32.03
CA ASN C 254 16.99 5.10 -32.68
C ASN C 254 16.27 6.37 -33.09
N PRO C 255 17.02 7.45 -33.35
CA PRO C 255 16.41 8.75 -33.61
C PRO C 255 15.38 8.74 -34.76
N GLN C 256 15.62 7.93 -35.79
CA GLN C 256 14.77 7.94 -36.96
C GLN C 256 13.83 6.76 -37.11
N ASN C 257 14.11 5.67 -36.40
CA ASN C 257 13.24 4.50 -36.46
C ASN C 257 13.44 3.56 -35.28
N TYR C 258 12.51 2.63 -35.09
CA TYR C 258 12.57 1.64 -34.00
C TYR C 258 12.57 0.21 -34.56
N LEU C 259 13.32 -0.68 -33.92
CA LEU C 259 13.15 -2.10 -34.22
C LEU C 259 11.91 -2.63 -33.46
N TRP C 260 10.74 -2.15 -33.91
CA TRP C 260 9.46 -2.45 -33.28
C TRP C 260 9.28 -3.91 -32.88
N GLY C 261 9.59 -4.81 -33.80
CA GLY C 261 9.40 -6.23 -33.58
C GLY C 261 10.21 -6.74 -32.40
N ASP C 262 11.44 -6.31 -32.32
CA ASP C 262 12.29 -6.69 -31.21
C ASP C 262 11.92 -5.96 -29.90
N PHE C 263 11.54 -4.69 -30.01
CA PHE C 263 11.09 -3.95 -28.84
C PHE C 263 9.83 -4.59 -28.24
N ALA C 264 8.93 -5.01 -29.12
CA ALA C 264 7.68 -5.58 -28.66
C ALA C 264 7.92 -6.93 -27.99
N ALA C 265 8.77 -7.77 -28.58
CA ALA C 265 9.06 -9.05 -27.99
C ALA C 265 9.64 -8.83 -26.59
N ALA C 266 10.50 -7.81 -26.46
CA ALA C 266 11.10 -7.42 -25.19
C ALA C 266 10.03 -7.00 -24.23
N ALA C 267 9.10 -6.17 -24.72
CA ALA C 267 8.04 -5.63 -23.87
C ALA C 267 7.15 -6.73 -23.31
N VAL C 268 6.74 -7.65 -24.18
CA VAL C 268 5.94 -8.82 -23.78
C VAL C 268 6.67 -9.69 -22.78
N MET C 269 7.95 -9.92 -23.02
CA MET C 269 8.76 -10.71 -22.11
C MET C 269 8.86 -10.11 -20.73
N SER C 270 8.86 -8.78 -20.62
CA SER C 270 9.02 -8.16 -19.31
C SER C 270 7.76 -8.31 -18.44
N ALA C 271 6.62 -8.62 -19.07
CA ALA C 271 5.34 -8.79 -18.35
C ALA C 271 5.30 -10.17 -17.68
N LEU C 272 6.08 -11.11 -18.23
CA LEU C 272 6.09 -12.46 -17.72
C LEU C 272 6.51 -12.57 -16.23
N PRO C 273 7.65 -11.95 -15.84
CA PRO C 273 7.97 -11.99 -14.41
C PRO C 273 6.95 -11.24 -13.54
N ILE C 274 6.35 -10.17 -14.05
CA ILE C 274 5.26 -9.47 -13.33
CA ILE C 274 5.28 -9.48 -13.32
C ILE C 274 4.09 -10.43 -13.10
N THR C 275 3.72 -11.18 -14.14
CA THR C 275 2.63 -12.15 -14.06
C THR C 275 2.86 -13.28 -13.04
N ILE C 276 4.07 -13.85 -12.99
CA ILE C 276 4.34 -14.92 -12.06
C ILE C 276 4.33 -14.40 -10.60
N VAL C 277 5.01 -13.28 -10.38
CA VAL C 277 5.06 -12.67 -9.05
C VAL C 277 3.64 -12.32 -8.59
N PHE C 278 2.78 -11.90 -9.52
CA PHE C 278 1.39 -11.58 -9.20
C PHE C 278 0.63 -12.84 -8.85
N LEU C 279 0.74 -13.88 -9.69
CA LEU C 279 0.15 -15.19 -9.41
C LEU C 279 0.61 -15.68 -8.04
N LEU C 280 1.92 -15.66 -7.78
CA LEU C 280 2.44 -16.22 -6.52
C LEU C 280 1.95 -15.50 -5.27
N ALA C 281 1.83 -14.19 -5.35
CA ALA C 281 1.51 -13.39 -4.19
C ALA C 281 0.05 -13.57 -3.75
N GLN C 282 -0.77 -14.20 -4.59
CA GLN C 282 -2.18 -14.39 -4.28
C GLN C 282 -2.38 -15.20 -3.02
N ARG C 283 -1.43 -16.10 -2.73
CA ARG C 283 -1.53 -16.97 -1.54
C ARG C 283 -1.49 -16.15 -0.25
N TRP C 284 -0.95 -14.94 -0.31
CA TRP C 284 -0.99 -14.05 0.85
C TRP C 284 -2.15 -13.06 0.80
N LEU C 285 -2.97 -13.17 -0.24
CA LEU C 285 -4.10 -12.26 -0.39
C LEU C 285 -5.39 -12.92 0.06
N VAL C 286 -5.53 -13.10 1.36
CA VAL C 286 -6.70 -13.79 1.90
C VAL C 286 -7.60 -12.90 2.75
N ASN C 287 -8.90 -13.23 2.79
CA ASN C 287 -9.82 -12.54 3.69
C ASN C 287 -9.82 -13.17 5.06
N GLY C 288 -10.44 -12.47 6.00
CA GLY C 288 -10.75 -13.02 7.31
C GLY C 288 -9.56 -13.51 8.11
N LEU C 289 -8.45 -12.79 8.03
CA LEU C 289 -7.29 -13.14 8.83
C LEU C 289 -7.52 -12.88 10.33
N THR C 290 -8.37 -11.90 10.62
CA THR C 290 -8.62 -11.46 12.01
C THR C 290 -9.92 -11.99 12.63
N ALA C 291 -10.61 -12.85 11.89
CA ALA C 291 -11.88 -13.43 12.32
C ALA C 291 -11.70 -14.32 13.54
N GLY C 292 -12.41 -13.99 14.63
CA GLY C 292 -12.39 -14.81 15.85
C GLY C 292 -11.50 -14.23 16.93
N GLY C 293 -10.85 -13.11 16.62
CA GLY C 293 -9.87 -12.51 17.54
C GLY C 293 -10.45 -11.61 18.59
N VAL C 294 -11.24 -10.63 18.15
CA VAL C 294 -11.77 -9.59 19.03
C VAL C 294 -13.28 -9.55 18.97
N LYS C 295 -13.93 -9.92 20.07
CA LYS C 295 -15.36 -9.74 20.24
C LYS C 295 -15.67 -8.23 20.14
N GLY C 296 -16.66 -7.87 19.32
CA GLY C 296 -17.02 -6.46 19.13
C GLY C 296 -17.51 -6.14 17.71
N ALA D 2 1.28 -10.75 43.71
CA ALA D 2 1.99 -9.56 44.32
C ALA D 2 0.99 -8.50 44.74
N SER D 3 1.39 -7.63 45.67
CA SER D 3 0.49 -6.58 46.12
C SER D 3 0.24 -5.59 44.99
N VAL D 4 -0.99 -5.07 44.94
CA VAL D 4 -1.31 -3.98 44.02
C VAL D 4 -2.03 -2.85 44.74
N GLN D 5 -1.49 -1.64 44.62
CA GLN D 5 -2.04 -0.48 45.31
C GLN D 5 -2.22 0.72 44.40
N LEU D 6 -3.40 1.32 44.46
CA LEU D 6 -3.66 2.55 43.72
C LEU D 6 -3.84 3.72 44.71
N GLN D 7 -3.17 4.84 44.47
CA GLN D 7 -3.28 6.00 45.35
C GLN D 7 -3.72 7.23 44.58
N ASN D 8 -4.96 7.67 44.80
CA ASN D 8 -5.52 8.83 44.10
C ASN D 8 -5.48 8.67 42.58
N VAL D 9 -5.70 7.45 42.10
CA VAL D 9 -5.68 7.17 40.66
C VAL D 9 -6.83 7.89 39.98
N THR D 10 -6.50 8.79 39.06
CA THR D 10 -7.51 9.45 38.25
C THR D 10 -7.38 9.01 36.78
N LYS D 11 -8.47 9.06 36.04
CA LYS D 11 -8.39 8.80 34.61
C LYS D 11 -9.43 9.64 33.90
N ALA D 12 -8.98 10.36 32.88
CA ALA D 12 -9.86 11.21 32.10
C ALA D 12 -9.68 11.01 30.60
N TRP D 13 -10.79 11.05 29.88
CA TRP D 13 -10.77 11.14 28.44
C TRP D 13 -11.29 12.54 28.15
N GLY D 14 -10.36 13.43 27.81
CA GLY D 14 -10.69 14.86 27.64
C GLY D 14 -11.29 15.40 28.91
N GLU D 15 -12.54 15.87 28.84
CA GLU D 15 -13.25 16.38 30.02
C GLU D 15 -14.17 15.34 30.68
N VAL D 16 -14.31 14.18 30.02
CA VAL D 16 -14.97 13.00 30.59
C VAL D 16 -14.06 12.34 31.64
N VAL D 17 -14.54 12.19 32.86
CA VAL D 17 -13.73 11.58 33.92
C VAL D 17 -14.27 10.19 34.24
N VAL D 18 -13.57 9.14 33.82
CA VAL D 18 -14.10 7.78 33.99
C VAL D 18 -13.61 7.08 35.26
N SER D 19 -12.69 7.72 35.98
CA SER D 19 -12.17 7.25 37.27
C SER D 19 -11.77 8.49 38.06
N LYS D 20 -12.32 8.64 39.28
CA LYS D 20 -12.02 9.80 40.13
C LYS D 20 -11.38 9.39 41.44
N ASP D 21 -10.13 9.81 41.65
CA ASP D 21 -9.49 9.68 42.96
C ASP D 21 -9.64 8.31 43.60
N ILE D 22 -9.39 7.24 42.86
CA ILE D 22 -9.69 5.93 43.42
C ILE D 22 -8.51 5.40 44.27
N ASN D 23 -8.82 4.94 45.47
CA ASN D 23 -7.82 4.40 46.40
C ASN D 23 -8.10 2.94 46.76
N LEU D 24 -7.16 2.06 46.47
CA LEU D 24 -7.34 0.63 46.74
C LEU D 24 -6.07 -0.01 47.26
N ASP D 25 -6.23 -0.94 48.20
CA ASP D 25 -5.09 -1.59 48.84
C ASP D 25 -5.30 -3.10 48.70
N ILE D 26 -4.88 -3.69 47.58
CA ILE D 26 -4.95 -5.14 47.42
CA ILE D 26 -4.96 -5.14 47.42
C ILE D 26 -3.67 -5.82 47.90
N HIS D 27 -3.77 -6.59 48.97
CA HIS D 27 -2.63 -7.29 49.54
C HIS D 27 -2.31 -8.56 48.73
N GLU D 28 -1.09 -9.07 48.89
CA GLU D 28 -0.65 -10.30 48.21
C GLU D 28 -1.61 -11.46 48.49
N GLY D 29 -1.83 -12.30 47.48
CA GLY D 29 -2.67 -13.48 47.62
C GLY D 29 -4.15 -13.20 47.81
N GLU D 30 -4.52 -11.92 47.81
CA GLU D 30 -5.91 -11.54 48.05
C GLU D 30 -6.71 -11.73 46.77
N PHE D 31 -7.87 -12.38 46.88
CA PHE D 31 -8.79 -12.53 45.76
C PHE D 31 -9.80 -11.37 45.82
N VAL D 32 -9.74 -10.43 44.89
CA VAL D 32 -10.57 -9.23 44.99
C VAL D 32 -11.47 -9.10 43.78
N VAL D 33 -12.76 -9.04 44.02
CA VAL D 33 -13.74 -8.92 42.96
C VAL D 33 -14.25 -7.49 42.82
N PHE D 34 -14.16 -6.98 41.59
CA PHE D 34 -14.69 -5.68 41.21
C PHE D 34 -16.09 -5.87 40.66
N VAL D 35 -17.05 -5.11 41.21
CA VAL D 35 -18.41 -5.06 40.67
C VAL D 35 -18.93 -3.62 40.52
N GLY D 36 -19.89 -3.46 39.63
CA GLY D 36 -20.50 -2.15 39.38
C GLY D 36 -21.26 -2.11 38.06
N PRO D 37 -22.05 -1.03 37.85
CA PRO D 37 -22.86 -0.87 36.65
C PRO D 37 -22.03 -0.89 35.37
N SER D 38 -22.59 -1.47 34.31
CA SER D 38 -22.01 -1.42 33.00
C SER D 38 -21.61 0.04 32.69
N GLY D 39 -20.34 0.22 32.32
CA GLY D 39 -19.78 1.49 31.95
C GLY D 39 -19.25 2.35 33.08
N CYS D 40 -19.04 1.76 34.27
CA CYS D 40 -18.54 2.54 35.42
C CYS D 40 -17.01 2.70 35.54
N GLY D 41 -16.23 1.81 34.91
CA GLY D 41 -14.76 1.87 35.01
C GLY D 41 -14.01 0.60 35.43
N LYS D 42 -14.66 -0.54 35.41
CA LYS D 42 -14.05 -1.79 35.85
C LYS D 42 -12.92 -2.26 34.91
N SER D 43 -13.12 -2.15 33.59
CA SER D 43 -12.09 -2.50 32.63
C SER D 43 -11.00 -1.42 32.58
N THR D 44 -11.41 -0.16 32.58
CA THR D 44 -10.46 0.97 32.66
C THR D 44 -9.46 0.81 33.81
N LEU D 45 -9.94 0.27 34.93
CA LEU D 45 -9.04 0.02 36.07
C LEU D 45 -8.10 -1.09 35.72
N LEU D 46 -8.65 -2.22 35.25
CA LEU D 46 -7.80 -3.34 34.87
C LEU D 46 -6.76 -2.91 33.83
N ARG D 47 -7.19 -2.11 32.83
CA ARG D 47 -6.28 -1.67 31.77
C ARG D 47 -5.17 -0.75 32.30
N MET D 48 -5.49 0.09 33.29
CA MET D 48 -4.46 0.92 33.92
C MET D 48 -3.45 0.10 34.72
N ILE D 49 -3.95 -0.94 35.39
CA ILE D 49 -3.07 -1.87 36.11
C ILE D 49 -2.18 -2.64 35.14
N ALA D 50 -2.77 -3.20 34.09
CA ALA D 50 -1.98 -3.91 33.10
C ALA D 50 -0.98 -2.99 32.35
N GLY D 51 -1.27 -1.69 32.32
CA GLY D 51 -0.47 -0.73 31.56
C GLY D 51 -0.90 -0.53 30.12
N LEU D 52 -2.18 -0.76 29.85
CA LEU D 52 -2.71 -0.65 28.50
C LEU D 52 -3.43 0.67 28.30
N GLU D 53 -3.51 1.43 29.38
CA GLU D 53 -4.10 2.76 29.34
C GLU D 53 -3.26 3.62 30.24
N THR D 54 -3.06 4.88 29.86
CA THR D 54 -2.32 5.79 30.71
C THR D 54 -3.19 6.18 31.91
N ILE D 55 -2.52 6.51 33.01
CA ILE D 55 -3.12 7.11 34.19
C ILE D 55 -2.98 8.62 34.11
N THR D 56 -4.09 9.36 34.15
CA THR D 56 -4.05 10.84 34.12
C THR D 56 -3.21 11.41 35.26
N SER D 57 -3.59 11.09 36.49
CA SER D 57 -2.82 11.43 37.69
C SER D 57 -2.94 10.31 38.75
N GLY D 58 -2.14 10.42 39.82
CA GLY D 58 -2.10 9.39 40.85
C GLY D 58 -0.99 8.38 40.61
N ASP D 59 -0.87 7.40 41.50
CA ASP D 59 0.23 6.46 41.42
C ASP D 59 -0.24 5.04 41.54
N LEU D 60 0.24 4.18 40.66
CA LEU D 60 -0.01 2.76 40.72
CA LEU D 60 -0.01 2.75 40.72
C LEU D 60 1.22 2.09 41.30
N PHE D 61 1.02 1.18 42.25
CA PHE D 61 2.15 0.42 42.81
C PHE D 61 1.86 -1.07 42.69
N ILE D 62 2.76 -1.82 42.06
CA ILE D 62 2.68 -3.27 42.12
CA ILE D 62 2.70 -3.28 42.05
C ILE D 62 3.96 -3.87 42.66
N GLY D 63 3.80 -4.71 43.67
CA GLY D 63 4.93 -5.29 44.37
C GLY D 63 5.79 -4.15 44.91
N GLU D 64 5.13 -3.04 45.21
CA GLU D 64 5.72 -1.90 45.89
C GLU D 64 6.58 -0.97 45.03
N LYS D 65 6.58 -1.17 43.72
CA LYS D 65 7.31 -0.27 42.83
C LYS D 65 6.30 0.50 42.01
N ARG D 66 6.44 1.83 41.96
CA ARG D 66 5.60 2.69 41.13
C ARG D 66 5.62 2.27 39.66
N MET D 67 4.46 2.00 39.06
CA MET D 67 4.43 1.36 37.74
C MET D 67 3.82 2.15 36.58
N ASN D 68 3.42 3.39 36.83
CA ASN D 68 2.77 4.24 35.83
C ASN D 68 3.45 4.28 34.45
N ASP D 69 4.78 4.25 34.45
CA ASP D 69 5.57 4.40 33.22
C ASP D 69 6.29 3.12 32.78
N THR D 70 6.05 2.01 33.47
CA THR D 70 6.58 0.72 33.06
C THR D 70 5.78 0.18 31.88
N PRO D 71 6.46 -0.35 30.86
CA PRO D 71 5.74 -1.10 29.83
C PRO D 71 5.03 -2.36 30.37
N PRO D 72 3.85 -2.70 29.80
CA PRO D 72 3.03 -3.86 30.15
C PRO D 72 3.79 -5.17 30.31
N ALA D 73 4.71 -5.43 29.38
CA ALA D 73 5.46 -6.67 29.39
C ALA D 73 6.28 -6.84 30.67
N GLU D 74 6.58 -5.71 31.33
CA GLU D 74 7.42 -5.68 32.51
C GLU D 74 6.64 -5.41 33.81
N ARG D 75 5.37 -5.85 33.88
CA ARG D 75 4.56 -5.66 35.11
C ARG D 75 4.24 -6.93 35.90
N GLY D 76 4.51 -8.10 35.31
CA GLY D 76 4.10 -9.39 35.90
C GLY D 76 2.58 -9.53 35.98
N VAL D 77 1.88 -8.84 35.08
CA VAL D 77 0.42 -8.87 35.01
C VAL D 77 -0.02 -9.75 33.81
N GLY D 78 -1.02 -10.59 34.04
CA GLY D 78 -1.69 -11.31 32.96
C GLY D 78 -3.17 -10.96 32.95
N MET D 79 -3.81 -11.00 31.77
CA MET D 79 -5.20 -10.56 31.64
C MET D 79 -6.09 -11.44 30.78
N VAL D 80 -7.33 -11.64 31.22
CA VAL D 80 -8.32 -12.30 30.39
C VAL D 80 -9.21 -11.15 29.97
N PHE D 81 -8.90 -10.58 28.82
CA PHE D 81 -9.62 -9.47 28.20
C PHE D 81 -11.09 -9.76 28.10
N GLN D 82 -11.88 -8.71 28.27
CA GLN D 82 -13.30 -8.84 28.11
C GLN D 82 -13.64 -9.27 26.67
N SER D 83 -12.84 -8.78 25.69
N SER D 83 -12.83 -8.81 25.70
CA SER D 83 -13.02 -9.11 24.27
CA SER D 83 -13.03 -9.14 24.27
C SER D 83 -12.30 -10.39 23.83
C SER D 83 -12.30 -10.41 23.82
N TYR D 84 -11.76 -11.11 24.81
CA TYR D 84 -10.91 -12.31 24.60
C TYR D 84 -9.53 -12.01 23.96
N ALA D 85 -9.55 -11.27 22.85
CA ALA D 85 -8.34 -10.85 22.08
C ALA D 85 -7.44 -12.04 21.81
N LEU D 86 -8.02 -13.08 21.21
CA LEU D 86 -7.28 -14.29 20.85
C LEU D 86 -6.47 -14.01 19.60
N TYR D 87 -5.38 -14.76 19.41
CA TYR D 87 -4.54 -14.61 18.22
C TYR D 87 -5.21 -15.43 17.13
N PRO D 88 -5.89 -14.76 16.19
CA PRO D 88 -6.75 -15.43 15.22
C PRO D 88 -6.01 -16.24 14.16
N HIS D 89 -4.69 -16.08 14.08
CA HIS D 89 -3.85 -16.78 13.09
C HIS D 89 -3.19 -18.03 13.67
N LEU D 90 -3.45 -18.26 14.95
CA LEU D 90 -2.88 -19.36 15.69
C LEU D 90 -4.03 -20.14 16.33
N SER D 91 -3.78 -21.43 16.55
CA SER D 91 -4.80 -22.31 17.05
C SER D 91 -4.90 -22.21 18.58
N VAL D 92 -5.90 -22.87 19.14
CA VAL D 92 -6.03 -22.96 20.59
C VAL D 92 -4.68 -23.27 21.26
N ALA D 93 -4.11 -24.43 20.94
CA ALA D 93 -2.80 -24.83 21.45
C ALA D 93 -1.79 -23.69 21.42
N GLU D 94 -1.58 -23.12 20.23
CA GLU D 94 -0.61 -22.04 20.02
C GLU D 94 -0.96 -20.76 20.79
N ASN D 95 -2.26 -20.46 20.89
CA ASN D 95 -2.72 -19.33 21.71
C ASN D 95 -2.30 -19.56 23.16
N MET D 96 -2.53 -20.78 23.66
CA MET D 96 -2.27 -21.08 25.06
C MET D 96 -0.78 -21.29 25.36
N SER D 97 0.01 -21.57 24.32
CA SER D 97 1.42 -21.87 24.53
C SER D 97 2.33 -20.74 24.10
N PHE D 98 1.73 -19.60 23.73
CA PHE D 98 2.45 -18.51 23.09
C PHE D 98 3.40 -17.84 24.06
N GLY D 99 2.92 -17.50 25.25
CA GLY D 99 3.73 -16.86 26.28
C GLY D 99 4.93 -17.69 26.70
N LEU D 100 4.75 -19.01 26.71
CA LEU D 100 5.81 -19.95 27.03
C LEU D 100 6.87 -20.01 25.94
N LYS D 101 6.45 -20.06 24.68
CA LYS D 101 7.39 -20.11 23.57
C LYS D 101 8.31 -18.91 23.56
N LEU D 102 7.82 -17.76 24.05
CA LEU D 102 8.64 -16.54 24.15
C LEU D 102 9.76 -16.66 25.16
N ALA D 103 9.47 -17.25 26.31
CA ALA D 103 10.51 -17.77 27.19
C ALA D 103 11.18 -18.96 26.47
N GLY D 104 12.34 -19.40 26.91
CA GLY D 104 13.01 -20.50 26.19
C GLY D 104 12.45 -21.87 26.53
N ALA D 105 11.14 -21.95 26.74
CA ALA D 105 10.53 -23.15 27.31
C ALA D 105 10.68 -24.38 26.41
N LYS D 106 10.98 -25.52 27.06
CA LYS D 106 11.04 -26.81 26.40
C LYS D 106 9.68 -27.16 25.81
N LYS D 107 9.67 -27.92 24.71
CA LYS D 107 8.44 -28.43 24.09
C LYS D 107 7.61 -29.33 25.03
N GLU D 108 8.24 -30.28 25.72
CA GLU D 108 7.53 -31.15 26.65
C GLU D 108 6.99 -30.43 27.88
N VAL D 109 7.69 -29.39 28.32
CA VAL D 109 7.22 -28.53 29.41
C VAL D 109 6.00 -27.76 28.92
N ILE D 110 6.09 -27.25 27.70
CA ILE D 110 4.99 -26.52 27.06
C ILE D 110 3.76 -27.41 26.86
N ASN D 111 3.99 -28.65 26.41
CA ASN D 111 2.89 -29.58 26.13
C ASN D 111 2.18 -30.10 27.36
N GLN D 112 2.95 -30.39 28.40
CA GLN D 112 2.39 -30.83 29.65
C GLN D 112 1.37 -29.79 30.13
N ARG D 113 1.86 -28.60 30.47
CA ARG D 113 1.00 -27.59 31.10
C ARG D 113 0.05 -26.86 30.17
N VAL D 114 -0.02 -27.26 28.91
CA VAL D 114 -1.08 -26.77 28.04
C VAL D 114 -2.20 -27.79 27.99
N ASN D 115 -1.86 -29.07 27.77
CA ASN D 115 -2.84 -30.17 27.73
C ASN D 115 -3.63 -30.29 29.02
N GLN D 116 -2.95 -29.92 30.11
CA GLN D 116 -3.47 -30.02 31.48
C GLN D 116 -4.55 -28.97 31.69
N VAL D 117 -4.20 -27.71 31.46
CA VAL D 117 -5.14 -26.58 31.49
C VAL D 117 -6.28 -26.71 30.47
N ALA D 118 -6.03 -27.38 29.35
CA ALA D 118 -7.07 -27.57 28.34
C ALA D 118 -8.13 -28.59 28.76
N GLU D 119 -7.73 -29.63 29.49
CA GLU D 119 -8.68 -30.64 29.93
C GLU D 119 -9.61 -30.18 31.07
N VAL D 120 -9.11 -29.33 31.97
CA VAL D 120 -9.98 -28.74 32.99
C VAL D 120 -10.92 -27.68 32.41
N LEU D 121 -10.52 -27.05 31.32
CA LEU D 121 -11.36 -26.08 30.62
C LEU D 121 -12.26 -26.77 29.59
N GLN D 122 -12.10 -28.09 29.46
CA GLN D 122 -12.85 -28.89 28.48
C GLN D 122 -12.65 -28.38 27.06
N LEU D 123 -11.40 -28.08 26.73
CA LEU D 123 -11.03 -27.61 25.40
C LEU D 123 -10.20 -28.66 24.66
N ALA D 124 -10.09 -29.85 25.25
CA ALA D 124 -9.13 -30.87 24.80
C ALA D 124 -9.29 -31.27 23.33
N HIS D 125 -10.53 -31.45 22.89
CA HIS D 125 -10.82 -31.81 21.48
C HIS D 125 -10.71 -30.65 20.50
N LEU D 126 -10.44 -29.45 20.98
CA LEU D 126 -10.48 -28.24 20.14
C LEU D 126 -9.11 -27.59 19.96
N LEU D 127 -8.09 -28.25 20.49
CA LEU D 127 -6.70 -27.79 20.50
C LEU D 127 -6.21 -27.29 19.14
N ASP D 128 -6.67 -27.97 18.09
CA ASP D 128 -6.26 -27.74 16.71
C ASP D 128 -6.99 -26.63 15.97
N ARG D 129 -8.18 -26.28 16.43
CA ARG D 129 -9.00 -25.24 15.81
C ARG D 129 -8.42 -23.83 15.97
N LYS D 130 -8.69 -23.00 14.98
CA LYS D 130 -8.45 -21.59 15.11
C LYS D 130 -9.65 -20.90 15.76
N PRO D 131 -9.42 -19.69 16.32
CA PRO D 131 -10.46 -18.91 17.01
C PRO D 131 -11.69 -18.60 16.18
N LYS D 132 -11.58 -18.60 14.87
CA LYS D 132 -12.74 -18.42 13.99
C LYS D 132 -13.65 -19.65 14.00
N ALA D 133 -13.06 -20.84 14.19
CA ALA D 133 -13.82 -22.10 14.22
C ALA D 133 -14.17 -22.57 15.65
N LEU D 134 -14.62 -21.61 16.45
CA LEU D 134 -15.04 -21.84 17.84
C LEU D 134 -16.27 -20.98 18.15
N SER D 135 -17.06 -21.44 19.10
CA SER D 135 -18.18 -20.69 19.63
C SER D 135 -17.67 -19.60 20.60
N GLY D 136 -18.55 -18.68 20.99
CA GLY D 136 -18.23 -17.60 21.91
C GLY D 136 -17.77 -18.05 23.29
N GLY D 137 -18.41 -19.09 23.80
CA GLY D 137 -18.03 -19.69 25.08
C GLY D 137 -16.73 -20.49 24.99
N GLN D 138 -16.41 -20.97 23.79
CA GLN D 138 -15.17 -21.71 23.61
C GLN D 138 -14.01 -20.74 23.52
N ARG D 139 -14.23 -19.68 22.73
CA ARG D 139 -13.26 -18.61 22.60
C ARG D 139 -12.90 -18.00 23.94
N GLN D 140 -13.90 -17.81 24.78
CA GLN D 140 -13.71 -17.29 26.13
C GLN D 140 -12.87 -18.17 27.04
N ARG D 141 -13.09 -19.47 26.97
CA ARG D 141 -12.25 -20.42 27.69
C ARG D 141 -10.79 -20.40 27.22
N VAL D 142 -10.61 -20.26 25.91
CA VAL D 142 -9.29 -20.16 25.33
C VAL D 142 -8.61 -18.95 25.98
N ALA D 143 -9.34 -17.85 26.11
CA ALA D 143 -8.77 -16.63 26.65
C ALA D 143 -8.37 -16.82 28.11
N ILE D 144 -9.24 -17.45 28.90
CA ILE D 144 -8.88 -17.84 30.28
C ILE D 144 -7.63 -18.69 30.29
N GLY D 145 -7.58 -19.68 29.39
CA GLY D 145 -6.54 -20.73 29.44
C GLY D 145 -5.17 -20.25 29.03
N ARG D 146 -5.16 -19.20 28.23
CA ARG D 146 -3.93 -18.57 27.86
C ARG D 146 -3.33 -17.86 29.09
N THR D 147 -4.14 -17.20 29.91
CA THR D 147 -3.60 -16.57 31.12
C THR D 147 -3.27 -17.59 32.22
N LEU D 148 -4.00 -18.70 32.26
CA LEU D 148 -3.75 -19.73 33.28
C LEU D 148 -2.39 -20.43 33.13
N VAL D 149 -2.04 -20.72 31.88
CA VAL D 149 -0.75 -21.33 31.56
C VAL D 149 0.41 -20.39 31.94
N ALA D 150 0.20 -19.08 31.70
CA ALA D 150 1.18 -18.03 32.00
C ALA D 150 1.42 -17.79 33.50
N GLU D 151 0.43 -18.13 34.34
CA GLU D 151 0.56 -18.05 35.80
C GLU D 151 1.22 -16.76 36.27
N PRO D 152 0.72 -15.59 35.84
CA PRO D 152 1.42 -14.32 36.17
C PRO D 152 1.37 -14.00 37.65
N SER D 153 2.13 -12.99 38.08
CA SER D 153 2.10 -12.51 39.46
C SER D 153 0.74 -11.96 39.88
N VAL D 154 0.07 -11.29 38.95
CA VAL D 154 -1.22 -10.66 39.18
C VAL D 154 -2.15 -11.11 38.07
N PHE D 155 -3.23 -11.79 38.43
CA PHE D 155 -4.25 -12.15 37.44
C PHE D 155 -5.27 -11.04 37.38
N LEU D 156 -5.58 -10.61 36.17
CA LEU D 156 -6.75 -9.80 35.94
C LEU D 156 -7.71 -10.63 35.10
N LEU D 157 -8.94 -10.80 35.58
CA LEU D 157 -9.96 -11.51 34.80
C LEU D 157 -11.15 -10.60 34.58
N ASP D 158 -11.28 -10.10 33.35
CA ASP D 158 -12.41 -9.22 33.01
C ASP D 158 -13.62 -10.03 32.54
N GLU D 159 -14.54 -10.32 33.46
CA GLU D 159 -15.84 -10.96 33.12
C GLU D 159 -15.70 -12.29 32.38
N PRO D 160 -14.90 -13.21 32.94
CA PRO D 160 -14.38 -14.36 32.23
C PRO D 160 -15.34 -15.53 32.07
N LEU D 161 -16.55 -15.44 32.59
CA LEU D 161 -17.46 -16.59 32.53
C LEU D 161 -18.78 -16.19 31.86
N SER D 162 -18.90 -14.89 31.57
CA SER D 162 -20.13 -14.30 31.06
C SER D 162 -20.80 -15.13 29.95
N ASN D 163 -20.02 -15.83 29.13
CA ASN D 163 -20.63 -16.57 28.02
C ASN D 163 -20.61 -18.09 28.16
N LEU D 164 -20.89 -18.56 29.37
CA LEU D 164 -20.88 -19.98 29.66
C LEU D 164 -22.22 -20.42 30.24
N ASP D 165 -22.63 -21.64 29.93
CA ASP D 165 -23.79 -22.24 30.55
C ASP D 165 -23.60 -22.35 32.07
N ALA D 166 -24.73 -22.33 32.78
CA ALA D 166 -24.77 -22.39 34.22
C ALA D 166 -23.85 -23.47 34.79
N ALA D 167 -24.08 -24.73 34.39
CA ALA D 167 -23.29 -25.85 34.90
C ALA D 167 -21.77 -25.66 34.74
N LEU D 168 -21.33 -25.36 33.53
CA LEU D 168 -19.91 -25.13 33.27
C LEU D 168 -19.38 -23.94 34.06
N ARG D 169 -20.20 -22.90 34.18
CA ARG D 169 -19.85 -21.71 34.94
C ARG D 169 -19.54 -22.11 36.39
N VAL D 170 -20.24 -23.12 36.90
CA VAL D 170 -19.98 -23.62 38.25
C VAL D 170 -18.61 -24.29 38.30
N GLN D 171 -18.32 -25.15 37.32
CA GLN D 171 -17.04 -25.86 37.28
C GLN D 171 -15.83 -24.92 37.14
N MET D 172 -15.96 -23.92 36.28
CA MET D 172 -14.90 -22.93 36.11
C MET D 172 -14.63 -22.14 37.40
N ARG D 173 -15.69 -21.74 38.08
N ARG D 173 -15.69 -21.73 38.08
CA ARG D 173 -15.59 -21.02 39.35
CA ARG D 173 -15.59 -21.02 39.36
C ARG D 173 -14.71 -21.78 40.35
C ARG D 173 -14.70 -21.79 40.33
N ILE D 174 -14.92 -23.09 40.41
CA ILE D 174 -14.17 -23.97 41.30
C ILE D 174 -12.70 -24.02 40.89
N GLU D 175 -12.43 -24.20 39.60
CA GLU D 175 -11.06 -24.29 39.12
C GLU D 175 -10.26 -23.03 39.39
N ILE D 176 -10.88 -21.86 39.17
CA ILE D 176 -10.27 -20.57 39.49
C ILE D 176 -10.02 -20.44 41.00
N SER D 177 -10.98 -20.88 41.79
CA SER D 177 -10.86 -20.91 43.24
C SER D 177 -9.72 -21.81 43.73
N ARG D 178 -9.61 -23.01 43.16
CA ARG D 178 -8.57 -23.99 43.53
C ARG D 178 -7.19 -23.51 43.17
N LEU D 179 -7.11 -22.87 42.01
CA LEU D 179 -5.91 -22.22 41.56
C LEU D 179 -5.46 -21.14 42.53
N HIS D 180 -6.39 -20.29 42.96
CA HIS D 180 -6.03 -19.19 43.83
C HIS D 180 -5.55 -19.70 45.16
N LYS D 181 -6.05 -20.87 45.55
CA LYS D 181 -5.66 -21.47 46.82
C LYS D 181 -4.33 -22.21 46.73
N ARG D 182 -3.98 -22.68 45.53
CA ARG D 182 -2.71 -23.37 45.34
C ARG D 182 -1.56 -22.38 45.25
N LEU D 183 -1.71 -21.40 44.37
CA LEU D 183 -0.63 -20.48 44.06
C LEU D 183 -0.55 -19.34 45.07
N GLY D 184 -1.66 -19.07 45.75
CA GLY D 184 -1.76 -17.94 46.67
C GLY D 184 -1.32 -16.62 46.06
N ARG D 185 -1.67 -16.41 44.79
CA ARG D 185 -1.29 -15.20 44.06
C ARG D 185 -2.46 -14.24 43.91
N THR D 186 -2.15 -12.94 43.86
CA THR D 186 -3.18 -11.91 43.77
C THR D 186 -4.05 -12.13 42.55
N MET D 187 -5.36 -12.08 42.75
N MET D 187 -5.35 -12.01 42.74
CA MET D 187 -6.29 -12.18 41.62
CA MET D 187 -6.30 -12.20 41.67
C MET D 187 -7.30 -11.05 41.67
C MET D 187 -7.32 -11.07 41.67
N ILE D 188 -7.41 -10.32 40.57
CA ILE D 188 -8.43 -9.27 40.42
C ILE D 188 -9.47 -9.66 39.38
N TYR D 189 -10.72 -9.80 39.82
CA TYR D 189 -11.71 -10.49 39.05
C TYR D 189 -12.96 -9.64 38.91
N VAL D 190 -13.29 -9.28 37.67
CA VAL D 190 -14.47 -8.46 37.40
C VAL D 190 -15.60 -9.37 36.96
N THR D 191 -16.80 -9.11 37.50
CA THR D 191 -17.98 -9.91 37.16
C THR D 191 -19.28 -9.13 37.37
N HIS D 192 -20.33 -9.59 36.69
CA HIS D 192 -21.65 -9.05 36.85
C HIS D 192 -22.55 -10.03 37.57
N ASP D 193 -22.05 -11.25 37.72
CA ASP D 193 -22.81 -12.34 38.31
C ASP D 193 -22.65 -12.24 39.83
N GLN D 194 -23.72 -11.91 40.52
CA GLN D 194 -23.70 -11.79 41.96
C GLN D 194 -23.25 -13.06 42.71
N VAL D 195 -23.49 -14.25 42.18
CA VAL D 195 -23.01 -15.47 42.86
C VAL D 195 -21.48 -15.58 42.85
N GLU D 196 -20.87 -15.35 41.69
CA GLU D 196 -19.41 -15.40 41.53
C GLU D 196 -18.80 -14.51 42.57
N ALA D 197 -19.24 -13.25 42.59
CA ALA D 197 -18.79 -12.29 43.60
C ALA D 197 -18.83 -12.88 45.02
N MET D 198 -19.96 -13.47 45.41
CA MET D 198 -20.15 -13.91 46.78
C MET D 198 -19.27 -15.10 47.08
N THR D 199 -19.06 -15.97 46.10
CA THR D 199 -18.39 -17.26 46.33
C THR D 199 -16.87 -17.20 46.20
N LEU D 200 -16.36 -16.28 45.38
CA LEU D 200 -14.93 -16.19 45.14
C LEU D 200 -14.19 -15.14 45.97
N ALA D 201 -14.83 -14.01 46.25
CA ALA D 201 -14.16 -12.85 46.86
C ALA D 201 -13.70 -12.97 48.33
N ASP D 202 -12.49 -12.50 48.58
CA ASP D 202 -12.04 -12.24 49.93
C ASP D 202 -12.58 -10.88 50.33
N LYS D 203 -12.80 -10.03 49.32
CA LYS D 203 -13.12 -8.63 49.47
C LYS D 203 -13.81 -8.23 48.17
N ILE D 204 -14.90 -7.50 48.25
CA ILE D 204 -15.53 -7.00 47.08
C ILE D 204 -15.40 -5.47 47.02
N VAL D 205 -14.99 -4.95 45.86
CA VAL D 205 -15.00 -3.51 45.59
C VAL D 205 -16.20 -3.14 44.72
N VAL D 206 -17.02 -2.22 45.19
CA VAL D 206 -18.18 -1.74 44.42
C VAL D 206 -17.83 -0.38 43.87
N LEU D 207 -17.93 -0.24 42.55
CA LEU D 207 -17.67 1.03 41.89
C LEU D 207 -18.95 1.63 41.35
N ASP D 208 -19.00 2.95 41.32
CA ASP D 208 -20.16 3.70 40.85
C ASP D 208 -19.62 4.90 40.10
N ALA D 209 -19.69 4.84 38.78
CA ALA D 209 -19.42 6.00 37.94
C ALA D 209 -18.12 6.74 38.34
N GLY D 210 -16.98 6.04 38.25
CA GLY D 210 -15.67 6.62 38.54
C GLY D 210 -15.20 6.67 40.00
N ARG D 211 -16.04 6.23 40.94
CA ARG D 211 -15.69 6.25 42.36
C ARG D 211 -15.84 4.86 42.98
N VAL D 212 -15.07 4.58 44.02
CA VAL D 212 -15.31 3.43 44.88
C VAL D 212 -16.49 3.76 45.79
N ALA D 213 -17.52 2.92 45.76
CA ALA D 213 -18.70 3.12 46.62
C ALA D 213 -18.47 2.53 48.00
N GLN D 214 -17.90 1.33 48.02
CA GLN D 214 -17.65 0.58 49.24
C GLN D 214 -16.83 -0.66 48.93
N VAL D 215 -15.85 -0.90 49.78
CA VAL D 215 -15.02 -2.08 49.76
C VAL D 215 -15.43 -2.90 50.99
N GLY D 216 -15.68 -4.19 50.83
CA GLY D 216 -15.91 -5.03 52.00
C GLY D 216 -15.93 -6.52 51.72
N LYS D 217 -15.92 -7.33 52.79
CA LYS D 217 -16.27 -8.75 52.68
C LYS D 217 -17.66 -8.92 52.04
N PRO D 218 -17.92 -10.08 51.40
CA PRO D 218 -19.20 -10.29 50.70
C PRO D 218 -20.42 -10.00 51.59
N LEU D 219 -20.43 -10.66 52.76
CA LEU D 219 -21.57 -10.67 53.67
C LEU D 219 -21.68 -9.32 54.37
N GLU D 220 -20.54 -8.68 54.55
CA GLU D 220 -20.45 -7.35 55.16
C GLU D 220 -21.14 -6.31 54.27
N LEU D 221 -21.03 -6.50 52.96
CA LEU D 221 -21.67 -5.62 51.98
C LEU D 221 -23.18 -5.91 51.85
N TYR D 222 -23.54 -7.19 51.91
CA TYR D 222 -24.91 -7.65 51.78
C TYR D 222 -25.75 -7.14 52.98
N HIS D 223 -25.29 -7.41 54.20
CA HIS D 223 -25.95 -7.01 55.45
C HIS D 223 -25.79 -5.53 55.80
N TYR D 224 -24.61 -4.97 55.59
CA TYR D 224 -24.38 -3.59 56.00
C TYR D 224 -23.89 -2.68 54.88
N PRO D 225 -24.72 -2.44 53.86
CA PRO D 225 -24.38 -1.43 52.84
C PRO D 225 -24.25 -0.05 53.46
N ALA D 226 -23.25 0.69 53.02
CA ALA D 226 -22.93 2.01 53.59
C ALA D 226 -23.91 3.07 53.11
N ASP D 227 -24.57 2.76 51.98
CA ASP D 227 -25.44 3.71 51.30
C ASP D 227 -26.44 3.04 50.35
N ARG D 228 -27.39 3.84 49.90
CA ARG D 228 -28.53 3.42 49.14
C ARG D 228 -28.12 2.68 47.84
N PHE D 229 -27.22 3.29 47.05
CA PHE D 229 -26.65 2.62 45.88
C PHE D 229 -26.11 1.22 46.16
N VAL D 230 -25.20 1.09 47.14
CA VAL D 230 -24.59 -0.21 47.39
C VAL D 230 -25.70 -1.22 47.70
N ALA D 231 -26.61 -0.79 48.57
CA ALA D 231 -27.77 -1.55 49.00
C ALA D 231 -28.61 -2.02 47.81
N GLY D 232 -28.83 -1.09 46.87
CA GLY D 232 -29.57 -1.37 45.65
C GLY D 232 -28.78 -2.18 44.63
N PHE D 233 -27.45 -2.24 44.78
CA PHE D 233 -26.60 -2.95 43.81
C PHE D 233 -26.24 -4.38 44.21
N ILE D 234 -26.01 -4.65 45.49
CA ILE D 234 -25.63 -6.01 45.91
C ILE D 234 -26.85 -6.78 46.30
N GLY D 235 -27.01 -7.95 45.69
CA GLY D 235 -28.20 -8.76 45.90
C GLY D 235 -29.14 -8.48 44.75
N SER D 236 -29.65 -9.55 44.14
CA SER D 236 -30.58 -9.39 43.02
C SER D 236 -31.56 -10.54 43.00
N PRO D 237 -32.90 -10.25 42.87
CA PRO D 237 -33.59 -8.97 42.74
C PRO D 237 -33.22 -7.90 43.76
N LYS D 238 -33.16 -6.66 43.27
CA LYS D 238 -32.91 -5.46 44.02
C LYS D 238 -33.68 -5.36 45.37
N MET D 239 -33.13 -4.55 46.28
CA MET D 239 -33.77 -4.24 47.54
C MET D 239 -34.91 -3.29 47.23
N ASN D 240 -36.05 -3.53 47.89
CA ASN D 240 -37.20 -2.65 47.85
C ASN D 240 -36.91 -1.40 48.65
N PHE D 241 -37.38 -0.25 48.16
CA PHE D 241 -37.29 0.97 48.94
C PHE D 241 -38.66 1.62 49.11
N LEU D 242 -39.00 1.96 50.35
CA LEU D 242 -40.23 2.66 50.71
C LEU D 242 -39.87 3.97 51.43
N PRO D 243 -40.43 5.10 50.97
CA PRO D 243 -40.27 6.34 51.74
C PRO D 243 -40.97 6.23 53.08
N VAL D 244 -40.35 6.78 54.12
CA VAL D 244 -40.86 6.72 55.47
C VAL D 244 -40.52 8.04 56.18
N LYS D 245 -41.21 8.33 57.27
CA LYS D 245 -40.93 9.52 58.07
C LYS D 245 -40.42 9.12 59.44
N VAL D 246 -39.43 9.85 59.94
CA VAL D 246 -38.98 9.69 61.33
C VAL D 246 -40.07 10.25 62.22
N THR D 247 -40.40 9.48 63.26
CA THR D 247 -41.37 9.90 64.27
C THR D 247 -40.69 10.13 65.62
N ALA D 248 -39.75 9.25 65.96
CA ALA D 248 -39.08 9.30 67.26
C ALA D 248 -37.72 8.65 67.14
N THR D 249 -36.83 8.94 68.09
CA THR D 249 -35.46 8.42 68.06
C THR D 249 -34.97 7.99 69.42
N ALA D 250 -34.29 6.85 69.46
CA ALA D 250 -33.51 6.44 70.62
C ALA D 250 -32.10 6.32 70.09
N ILE D 251 -31.12 6.33 70.99
CA ILE D 251 -29.73 6.27 70.55
C ILE D 251 -29.45 5.01 69.72
N ASP D 252 -30.26 3.99 69.93
CA ASP D 252 -30.04 2.61 69.50
CA ASP D 252 -29.96 2.69 69.33
C ASP D 252 -31.10 2.19 68.45
N GLN D 253 -32.05 3.08 68.17
CA GLN D 253 -33.19 2.76 67.31
C GLN D 253 -33.91 3.98 66.75
N VAL D 254 -34.60 3.79 65.63
CA VAL D 254 -35.35 4.86 65.00
C VAL D 254 -36.75 4.34 64.75
N GLN D 255 -37.73 5.20 65.02
CA GLN D 255 -39.12 4.87 64.74
C GLN D 255 -39.64 5.59 63.49
N VAL D 256 -40.22 4.80 62.59
CA VAL D 256 -40.70 5.37 61.33
C VAL D 256 -42.18 5.12 61.04
N GLU D 257 -42.74 5.98 60.20
CA GLU D 257 -44.13 5.89 59.74
C GLU D 257 -44.24 5.44 58.27
N LEU D 258 -44.79 4.25 58.05
CA LEU D 258 -45.05 3.74 56.72
C LEU D 258 -45.98 4.71 55.97
N PRO D 259 -45.86 4.79 54.62
CA PRO D 259 -46.64 5.80 53.87
C PRO D 259 -48.07 5.42 53.50
N MET D 260 -48.49 4.19 53.83
N MET D 260 -48.48 4.19 53.82
CA MET D 260 -49.89 3.77 53.61
CA MET D 260 -49.87 3.72 53.67
C MET D 260 -50.86 4.68 54.38
C MET D 260 -50.86 4.64 54.41
N PRO D 261 -52.11 4.76 53.92
CA PRO D 261 -53.19 5.53 54.57
C PRO D 261 -53.40 5.31 56.08
N ASN D 262 -53.06 4.13 56.60
CA ASN D 262 -53.13 3.87 58.06
C ASN D 262 -52.00 4.47 58.90
N ARG D 263 -50.89 4.83 58.25
CA ARG D 263 -49.74 5.48 58.92
C ARG D 263 -49.20 4.70 60.11
N GLN D 264 -49.08 3.39 59.94
CA GLN D 264 -48.49 2.50 60.93
C GLN D 264 -47.07 2.90 61.29
N GLN D 265 -46.72 2.72 62.56
CA GLN D 265 -45.42 3.09 63.09
C GLN D 265 -44.64 1.83 63.47
N VAL D 266 -43.31 1.86 63.28
CA VAL D 266 -42.45 0.73 63.63
C VAL D 266 -41.05 1.22 64.04
N TRP D 267 -40.54 0.63 65.13
CA TRP D 267 -39.18 0.86 65.57
C TRP D 267 -38.18 -0.01 64.81
N LEU D 268 -37.09 0.60 64.36
CA LEU D 268 -36.04 -0.16 63.68
C LEU D 268 -34.75 -0.11 64.47
N PRO D 269 -34.04 -1.27 64.55
CA PRO D 269 -32.78 -1.37 65.30
C PRO D 269 -31.62 -0.82 64.46
N VAL D 270 -31.54 0.51 64.40
CA VAL D 270 -30.72 1.22 63.47
C VAL D 270 -30.25 2.51 64.15
N GLU D 271 -29.00 2.91 63.95
CA GLU D 271 -28.47 4.12 64.60
C GLU D 271 -29.32 5.36 64.34
N SER D 272 -29.36 6.26 65.31
CA SER D 272 -30.12 7.50 65.20
C SER D 272 -29.22 8.69 64.98
N ARG D 273 -27.91 8.44 64.97
CA ARG D 273 -26.91 9.44 64.61
C ARG D 273 -27.33 10.25 63.38
N ASP D 274 -27.36 11.57 63.55
CA ASP D 274 -27.76 12.52 62.51
C ASP D 274 -29.13 12.22 61.88
N VAL D 275 -30.12 11.98 62.73
CA VAL D 275 -31.50 11.69 62.29
C VAL D 275 -32.49 12.53 63.11
N GLN D 276 -33.21 13.41 62.42
CA GLN D 276 -34.17 14.29 63.09
C GLN D 276 -35.60 13.83 62.86
N VAL D 277 -36.42 13.97 63.90
CA VAL D 277 -37.85 13.67 63.82
C VAL D 277 -38.46 14.47 62.66
N GLY D 278 -39.22 13.79 61.81
CA GLY D 278 -39.94 14.46 60.73
C GLY D 278 -39.28 14.38 59.37
N ALA D 279 -37.98 14.08 59.35
CA ALA D 279 -37.25 13.90 58.10
C ALA D 279 -37.76 12.71 57.27
N ASN D 280 -37.51 12.77 55.96
CA ASN D 280 -37.88 11.69 55.05
C ASN D 280 -36.70 10.79 54.81
N MET D 281 -36.87 9.52 55.13
CA MET D 281 -35.82 8.56 54.94
C MET D 281 -36.30 7.60 53.88
N SER D 282 -35.47 6.60 53.58
CA SER D 282 -35.83 5.54 52.64
C SER D 282 -35.66 4.23 53.36
N LEU D 283 -36.67 3.40 53.37
CA LEU D 283 -36.54 2.17 54.13
C LEU D 283 -36.29 1.07 53.14
N GLY D 284 -35.31 0.24 53.44
CA GLY D 284 -34.98 -0.83 52.53
C GLY D 284 -35.31 -2.17 53.13
N ILE D 285 -35.82 -3.07 52.30
CA ILE D 285 -36.10 -4.43 52.73
C ILE D 285 -35.95 -5.36 51.53
N ARG D 286 -35.23 -6.44 51.72
CA ARG D 286 -34.92 -7.31 50.59
C ARG D 286 -36.04 -8.29 50.36
N PRO D 287 -36.31 -8.61 49.09
CA PRO D 287 -37.31 -9.62 48.71
C PRO D 287 -37.22 -10.94 49.49
N GLU D 288 -36.02 -11.44 49.75
CA GLU D 288 -35.80 -12.64 50.52
C GLU D 288 -36.23 -12.51 51.99
N HIS D 289 -36.30 -11.26 52.46
CA HIS D 289 -36.42 -10.95 53.89
C HIS D 289 -37.83 -10.53 54.31
N LEU D 290 -38.70 -10.28 53.33
CA LEU D 290 -40.11 -10.09 53.63
C LEU D 290 -40.63 -11.41 54.13
N LEU D 291 -41.67 -11.34 54.97
CA LEU D 291 -42.24 -12.52 55.62
C LEU D 291 -43.66 -12.78 55.12
N PRO D 292 -44.08 -14.06 55.10
CA PRO D 292 -45.50 -14.33 54.83
C PRO D 292 -46.37 -13.59 55.86
N SER D 293 -47.57 -13.17 55.46
CA SER D 293 -48.44 -12.32 56.31
C SER D 293 -48.99 -12.98 57.58
N ASP D 294 -49.33 -14.26 57.47
CA ASP D 294 -50.08 -14.98 58.52
C ASP D 294 -49.53 -14.83 59.95
N ILE D 295 -48.25 -14.49 60.07
CA ILE D 295 -47.58 -14.43 61.36
C ILE D 295 -46.68 -13.17 61.48
N ALA D 296 -47.28 -11.99 61.40
CA ALA D 296 -46.49 -10.75 61.28
C ALA D 296 -47.09 -9.52 61.94
N ASP D 297 -46.22 -8.70 62.54
CA ASP D 297 -46.63 -7.50 63.27
C ASP D 297 -46.96 -6.31 62.36
N VAL D 298 -46.21 -6.16 61.27
CA VAL D 298 -46.45 -5.08 60.31
C VAL D 298 -46.78 -5.71 58.95
N ILE D 299 -48.00 -5.48 58.46
CA ILE D 299 -48.52 -6.10 57.26
C ILE D 299 -48.63 -5.04 56.17
N LEU D 300 -48.10 -5.39 54.99
CA LEU D 300 -48.36 -4.64 53.78
C LEU D 300 -49.15 -5.54 52.83
N GLU D 301 -50.23 -4.98 52.29
CA GLU D 301 -51.12 -5.70 51.40
C GLU D 301 -51.38 -4.86 50.16
N GLY D 302 -51.56 -5.53 49.03
CA GLY D 302 -51.79 -4.83 47.79
C GLY D 302 -52.22 -5.76 46.69
N GLU D 303 -52.17 -5.25 45.46
CA GLU D 303 -52.60 -5.97 44.27
C GLU D 303 -51.41 -6.44 43.41
N VAL D 304 -51.33 -7.75 43.19
CA VAL D 304 -50.26 -8.37 42.42
C VAL D 304 -50.18 -7.76 41.01
N GLN D 305 -48.98 -7.34 40.59
CA GLN D 305 -48.79 -6.84 39.23
C GLN D 305 -48.08 -7.88 38.38
N VAL D 306 -47.10 -8.56 38.97
CA VAL D 306 -46.29 -9.52 38.23
C VAL D 306 -46.06 -10.78 39.03
N VAL D 307 -46.16 -11.92 38.35
CA VAL D 307 -45.69 -13.18 38.92
C VAL D 307 -44.62 -13.77 38.03
N GLU D 308 -43.51 -14.20 38.63
CA GLU D 308 -42.44 -14.87 37.91
C GLU D 308 -42.20 -16.21 38.55
N GLN D 309 -42.44 -17.26 37.77
CA GLN D 309 -42.30 -18.63 38.22
C GLN D 309 -40.92 -19.16 37.86
N LEU D 310 -40.03 -19.27 38.84
CA LEU D 310 -38.65 -19.70 38.53
C LEU D 310 -38.41 -21.20 38.66
N GLY D 311 -39.40 -21.94 39.16
CA GLY D 311 -39.20 -23.34 39.47
C GLY D 311 -38.85 -23.48 40.94
N ASN D 312 -37.61 -23.19 41.29
CA ASN D 312 -37.15 -23.24 42.67
C ASN D 312 -37.88 -22.26 43.60
N GLU D 313 -38.41 -21.18 43.04
CA GLU D 313 -39.07 -20.17 43.84
C GLU D 313 -40.08 -19.43 43.00
N THR D 314 -40.77 -18.47 43.60
CA THR D 314 -41.73 -17.64 42.92
C THR D 314 -41.50 -16.22 43.40
N GLN D 315 -41.48 -15.31 42.43
CA GLN D 315 -41.31 -13.91 42.73
C GLN D 315 -42.59 -13.16 42.36
N ILE D 316 -43.07 -12.39 43.31
CA ILE D 316 -44.34 -11.73 43.22
C ILE D 316 -44.13 -10.24 43.40
N HIS D 317 -44.57 -9.48 42.41
CA HIS D 317 -44.48 -8.02 42.45
C HIS D 317 -45.85 -7.45 42.84
N ILE D 318 -45.87 -6.58 43.86
CA ILE D 318 -47.13 -6.12 44.45
C ILE D 318 -47.31 -4.58 44.46
N GLN D 319 -48.42 -4.11 43.91
CA GLN D 319 -48.73 -2.68 43.96
C GLN D 319 -49.44 -2.37 45.25
N ILE D 320 -48.76 -1.65 46.12
CA ILE D 320 -49.26 -1.33 47.43
C ILE D 320 -49.59 0.16 47.46
N PRO D 321 -50.81 0.52 47.88
CA PRO D 321 -51.29 1.89 47.72
C PRO D 321 -50.43 2.94 48.43
N SER D 322 -50.21 4.07 47.75
CA SER D 322 -49.42 5.20 48.24
C SER D 322 -47.91 4.98 48.20
N ILE D 323 -47.50 3.88 47.57
CA ILE D 323 -46.10 3.71 47.15
C ILE D 323 -46.05 3.49 45.64
N ARG D 324 -45.22 4.29 44.97
CA ARG D 324 -45.10 4.24 43.50
C ARG D 324 -44.53 2.91 42.99
N GLN D 325 -43.47 2.45 43.63
CA GLN D 325 -42.73 1.28 43.14
C GLN D 325 -43.29 -0.02 43.70
N ASN D 326 -43.53 -0.99 42.82
CA ASN D 326 -43.97 -2.32 43.22
C ASN D 326 -43.03 -2.96 44.24
N LEU D 327 -43.62 -3.75 45.12
CA LEU D 327 -42.87 -4.56 46.08
C LEU D 327 -42.56 -5.94 45.50
N VAL D 328 -41.31 -6.35 45.62
CA VAL D 328 -40.92 -7.63 45.08
C VAL D 328 -40.73 -8.57 46.24
N TYR D 329 -41.29 -9.76 46.12
CA TYR D 329 -41.23 -10.74 47.18
C TYR D 329 -40.90 -12.11 46.62
N ARG D 330 -40.07 -12.84 47.36
CA ARG D 330 -39.58 -14.15 46.98
C ARG D 330 -40.11 -15.26 47.92
N GLN D 331 -40.89 -16.18 47.37
CA GLN D 331 -41.40 -17.34 48.12
C GLN D 331 -40.69 -18.56 47.62
N ASN D 332 -40.25 -19.43 48.52
CA ASN D 332 -39.80 -20.75 48.10
C ASN D 332 -40.92 -21.59 47.47
N ASP D 333 -40.54 -22.38 46.48
CA ASP D 333 -41.45 -23.30 45.76
C ASP D 333 -42.53 -22.61 44.88
N VAL D 334 -43.27 -23.43 44.11
CA VAL D 334 -44.22 -22.92 43.12
C VAL D 334 -45.55 -22.51 43.74
N VAL D 335 -45.64 -21.24 44.13
CA VAL D 335 -46.84 -20.65 44.71
C VAL D 335 -47.83 -20.23 43.63
N LEU D 336 -49.04 -20.77 43.65
CA LEU D 336 -50.00 -20.49 42.58
C LEU D 336 -50.82 -19.23 42.82
N VAL D 337 -50.38 -18.13 42.21
CA VAL D 337 -51.03 -16.83 42.37
C VAL D 337 -51.21 -16.15 41.01
N GLU D 338 -52.33 -15.46 40.85
CA GLU D 338 -52.66 -14.79 39.60
C GLU D 338 -52.40 -13.28 39.69
N GLU D 339 -52.31 -12.64 38.53
CA GLU D 339 -52.13 -11.20 38.44
C GLU D 339 -53.45 -10.50 38.78
N GLY D 340 -53.37 -9.43 39.56
CA GLY D 340 -54.55 -8.71 40.03
C GLY D 340 -55.04 -9.16 41.40
N ALA D 341 -54.55 -10.31 41.88
CA ALA D 341 -54.99 -10.87 43.15
C ALA D 341 -54.56 -10.01 44.35
N THR D 342 -55.20 -10.25 45.49
CA THR D 342 -54.84 -9.58 46.74
C THR D 342 -53.76 -10.38 47.47
N PHE D 343 -52.71 -9.69 47.90
CA PHE D 343 -51.57 -10.34 48.51
C PHE D 343 -51.02 -9.46 49.61
N ALA D 344 -50.61 -10.11 50.70
CA ALA D 344 -50.07 -9.43 51.86
C ALA D 344 -48.78 -10.09 52.33
N ILE D 345 -47.84 -9.25 52.72
CA ILE D 345 -46.57 -9.75 53.22
C ILE D 345 -46.21 -9.02 54.51
N GLY D 346 -45.37 -9.66 55.32
CA GLY D 346 -44.92 -9.10 56.57
C GLY D 346 -43.59 -8.41 56.41
N LEU D 347 -43.39 -7.38 57.19
CA LEU D 347 -42.23 -6.52 57.13
C LEU D 347 -41.50 -6.58 58.49
N PRO D 348 -40.33 -7.26 58.54
CA PRO D 348 -39.59 -7.46 59.80
C PRO D 348 -38.58 -6.35 60.12
N PRO D 349 -38.81 -5.60 61.21
CA PRO D 349 -38.03 -4.42 61.58
C PRO D 349 -36.53 -4.67 61.70
N GLU D 350 -36.14 -5.83 62.21
CA GLU D 350 -34.71 -6.18 62.36
C GLU D 350 -33.93 -6.38 61.05
N ARG D 351 -34.63 -6.50 59.92
CA ARG D 351 -33.99 -6.70 58.62
C ARG D 351 -34.22 -5.50 57.69
N CYS D 352 -34.75 -4.42 58.25
CA CYS D 352 -34.96 -3.21 57.48
C CYS D 352 -33.72 -2.36 57.53
N HIS D 353 -33.38 -1.77 56.38
CA HIS D 353 -32.31 -0.79 56.29
C HIS D 353 -32.97 0.58 56.27
N LEU D 354 -32.20 1.60 56.62
CA LEU D 354 -32.68 2.98 56.58
C LEU D 354 -31.62 3.94 56.06
N PHE D 355 -31.99 4.76 55.08
CA PHE D 355 -31.06 5.64 54.39
C PHE D 355 -31.51 7.08 54.48
N ARG D 356 -30.59 7.97 54.86
CA ARG D 356 -30.85 9.39 55.01
C ARG D 356 -31.13 9.99 53.64
N GLU D 357 -31.60 11.26 53.61
CA GLU D 357 -31.95 11.95 52.36
C GLU D 357 -30.78 11.95 51.38
N ASP D 358 -29.57 12.20 51.91
CA ASP D 358 -28.34 12.09 51.10
C ASP D 358 -28.00 10.63 50.68
N GLY D 359 -28.81 9.67 51.10
CA GLY D 359 -28.64 8.28 50.69
C GLY D 359 -27.65 7.47 51.50
N THR D 360 -27.12 8.05 52.57
CA THR D 360 -26.17 7.38 53.45
C THR D 360 -26.89 6.51 54.50
N ALA D 361 -26.33 5.34 54.83
CA ALA D 361 -27.07 4.39 55.69
C ALA D 361 -26.91 4.61 57.20
N CYS D 362 -28.07 4.64 57.88
CA CYS D 362 -28.14 4.48 59.31
C CYS D 362 -27.63 3.10 59.64
N ARG D 363 -26.41 3.04 60.15
CA ARG D 363 -25.79 1.76 60.47
C ARG D 363 -26.77 0.84 61.20
N ARG D 364 -27.11 -0.29 60.58
CA ARG D 364 -27.87 -1.36 61.22
C ARG D 364 -27.16 -1.89 62.48
N LEU D 365 -27.89 -1.92 63.59
CA LEU D 365 -27.37 -2.38 64.86
C LEU D 365 -27.79 -3.79 65.26
N HIS D 366 -28.71 -4.40 64.51
CA HIS D 366 -29.02 -5.81 64.66
C HIS D 366 -27.82 -6.63 64.19
N LYS D 367 -27.25 -7.43 65.09
CA LYS D 367 -26.09 -8.27 64.73
C LYS D 367 -26.50 -9.48 63.88
N GLU D 368 -26.22 -9.41 62.58
CA GLU D 368 -26.60 -10.47 61.67
C GLU D 368 -25.56 -11.61 61.63
N PRO D 369 -26.00 -12.87 61.85
CA PRO D 369 -25.12 -14.04 61.87
C PRO D 369 -24.28 -14.18 60.60
N GLY D 370 -23.00 -14.54 60.77
CA GLY D 370 -22.09 -14.73 59.63
C GLY D 370 -21.06 -13.62 59.36
N VAL D 371 -21.33 -12.42 59.88
CA VAL D 371 -20.40 -11.28 59.80
C VAL D 371 -19.70 -11.09 61.14
N ALA D 372 -18.37 -11.18 61.13
CA ALA D 372 -17.57 -11.10 62.36
C ALA D 372 -16.79 -9.79 62.45
N ALA E 2 -43.62 -12.81 12.20
CA ALA E 2 -43.98 -13.98 11.31
C ALA E 2 -43.66 -15.30 12.01
N SER E 3 -44.33 -16.36 11.58
CA SER E 3 -44.06 -17.70 12.10
C SER E 3 -42.75 -18.24 11.54
N VAL E 4 -42.19 -19.25 12.19
CA VAL E 4 -40.94 -19.86 11.74
C VAL E 4 -40.98 -21.33 12.09
N GLN E 5 -40.79 -22.18 11.09
CA GLN E 5 -40.75 -23.60 11.34
C GLN E 5 -39.65 -24.32 10.60
N LEU E 6 -39.00 -25.23 11.31
CA LEU E 6 -37.94 -26.06 10.77
C LEU E 6 -38.45 -27.47 10.60
N GLN E 7 -37.92 -28.17 9.60
CA GLN E 7 -38.41 -29.49 9.27
C GLN E 7 -37.26 -30.40 8.87
N ASN E 8 -36.87 -31.28 9.79
CA ASN E 8 -35.78 -32.24 9.56
C ASN E 8 -34.48 -31.55 9.12
N VAL E 9 -34.26 -30.34 9.64
CA VAL E 9 -33.06 -29.55 9.36
C VAL E 9 -31.80 -30.21 9.91
N THR E 10 -30.86 -30.45 9.02
CA THR E 10 -29.54 -30.99 9.33
C THR E 10 -28.51 -29.94 8.93
N LYS E 11 -27.39 -29.88 9.63
CA LYS E 11 -26.28 -28.99 9.26
C LYS E 11 -24.92 -29.65 9.48
N ALA E 12 -24.16 -29.77 8.40
CA ALA E 12 -22.84 -30.41 8.40
C ALA E 12 -21.72 -29.45 7.99
N TRP E 13 -20.63 -29.46 8.75
CA TRP E 13 -19.36 -28.85 8.32
C TRP E 13 -18.54 -29.97 7.69
N GLY E 14 -18.74 -30.18 6.38
CA GLY E 14 -18.14 -31.32 5.70
C GLY E 14 -18.73 -32.63 6.19
N GLU E 15 -18.29 -33.06 7.37
CA GLU E 15 -18.74 -34.34 7.96
C GLU E 15 -18.97 -34.29 9.48
N VAL E 16 -18.53 -33.20 10.14
CA VAL E 16 -18.94 -32.93 11.52
C VAL E 16 -20.38 -32.42 11.52
N VAL E 17 -21.26 -33.16 12.19
CA VAL E 17 -22.68 -32.79 12.29
C VAL E 17 -22.90 -31.80 13.45
N VAL E 18 -23.23 -30.56 13.12
CA VAL E 18 -23.47 -29.53 14.14
C VAL E 18 -24.97 -29.32 14.46
N SER E 19 -25.83 -29.80 13.54
CA SER E 19 -27.27 -29.89 13.77
C SER E 19 -27.77 -31.19 13.17
N LYS E 20 -28.44 -32.00 13.97
CA LYS E 20 -28.97 -33.25 13.48
C LYS E 20 -30.49 -33.32 13.66
N ASP E 21 -31.18 -33.39 12.52
CA ASP E 21 -32.62 -33.66 12.46
C ASP E 21 -33.47 -32.78 13.38
N ILE E 22 -33.24 -31.47 13.39
CA ILE E 22 -33.95 -30.59 14.31
C ILE E 22 -35.31 -30.16 13.73
N ASN E 23 -36.37 -30.33 14.52
CA ASN E 23 -37.75 -30.00 14.14
C ASN E 23 -38.42 -29.04 15.11
N LEU E 24 -38.79 -27.87 14.60
CA LEU E 24 -39.33 -26.82 15.48
C LEU E 24 -40.50 -26.13 14.85
N ASP E 25 -41.55 -25.98 15.63
CA ASP E 25 -42.69 -25.17 15.24
C ASP E 25 -42.74 -23.97 16.19
N ILE E 26 -42.44 -22.80 15.66
CA ILE E 26 -42.56 -21.56 16.40
C ILE E 26 -43.74 -20.76 15.81
N HIS E 27 -44.77 -20.56 16.62
CA HIS E 27 -46.00 -19.91 16.16
C HIS E 27 -45.90 -18.39 16.26
N GLU E 28 -46.46 -17.68 15.29
CA GLU E 28 -46.39 -16.23 15.20
CA GLU E 28 -46.39 -16.22 15.21
C GLU E 28 -46.74 -15.59 16.56
N GLY E 29 -45.85 -14.71 17.03
CA GLY E 29 -46.05 -14.04 18.30
C GLY E 29 -45.47 -14.78 19.50
N GLU E 30 -44.85 -15.93 19.23
CA GLU E 30 -44.24 -16.75 20.28
C GLU E 30 -42.84 -16.25 20.67
N PHE E 31 -42.53 -16.32 21.95
CA PHE E 31 -41.21 -16.04 22.44
C PHE E 31 -40.54 -17.38 22.79
N VAL E 32 -39.55 -17.78 22.01
CA VAL E 32 -38.87 -19.05 22.22
C VAL E 32 -37.43 -18.81 22.70
N VAL E 33 -37.00 -19.49 23.75
CA VAL E 33 -35.61 -19.36 24.12
C VAL E 33 -34.83 -20.67 23.93
N PHE E 34 -33.65 -20.55 23.29
CA PHE E 34 -32.70 -21.65 23.17
C PHE E 34 -31.74 -21.64 24.34
N VAL E 35 -31.62 -22.78 25.01
CA VAL E 35 -30.58 -23.00 26.02
C VAL E 35 -29.81 -24.27 25.67
N GLY E 36 -28.67 -24.45 26.33
CA GLY E 36 -27.80 -25.60 26.02
C GLY E 36 -26.34 -25.30 26.34
N PRO E 37 -25.50 -26.36 26.46
CA PRO E 37 -24.11 -26.18 26.91
C PRO E 37 -23.34 -25.39 25.87
N SER E 38 -22.22 -24.82 26.28
CA SER E 38 -21.43 -24.00 25.38
C SER E 38 -20.94 -24.89 24.24
N GLY E 39 -21.16 -24.44 23.01
CA GLY E 39 -20.74 -25.19 21.85
C GLY E 39 -21.67 -26.29 21.37
N CYS E 40 -22.92 -26.27 21.78
CA CYS E 40 -23.89 -27.29 21.38
C CYS E 40 -24.61 -26.97 20.07
N GLY E 41 -24.42 -25.75 19.55
CA GLY E 41 -25.05 -25.38 18.27
C GLY E 41 -26.20 -24.40 18.35
N LYS E 42 -26.17 -23.52 19.35
CA LYS E 42 -27.21 -22.50 19.52
C LYS E 42 -27.12 -21.38 18.49
N SER E 43 -25.94 -20.76 18.41
CA SER E 43 -25.66 -19.71 17.42
C SER E 43 -25.74 -20.23 15.96
N THR E 44 -25.34 -21.49 15.74
CA THR E 44 -25.43 -22.10 14.40
C THR E 44 -26.89 -22.18 13.98
N LEU E 45 -27.72 -22.69 14.85
CA LEU E 45 -29.14 -22.83 14.55
C LEU E 45 -29.71 -21.47 14.21
N LEU E 46 -29.51 -20.51 15.11
CA LEU E 46 -29.94 -19.14 14.95
C LEU E 46 -29.44 -18.54 13.63
N ARG E 47 -28.20 -18.86 13.25
CA ARG E 47 -27.58 -18.34 12.05
C ARG E 47 -28.20 -18.98 10.81
N MET E 48 -28.63 -20.24 10.94
CA MET E 48 -29.35 -20.85 9.83
C MET E 48 -30.71 -20.21 9.61
N ILE E 49 -31.34 -19.76 10.69
CA ILE E 49 -32.61 -19.05 10.54
C ILE E 49 -32.36 -17.71 9.86
N ALA E 50 -31.28 -17.04 10.28
CA ALA E 50 -30.88 -15.75 9.71
C ALA E 50 -30.60 -15.91 8.23
N GLY E 51 -29.96 -17.00 7.87
CA GLY E 51 -29.49 -17.18 6.51
C GLY E 51 -28.00 -16.88 6.40
N LEU E 52 -27.36 -16.73 7.56
CA LEU E 52 -25.93 -16.49 7.59
C LEU E 52 -25.18 -17.80 7.50
N GLU E 53 -25.89 -18.91 7.65
CA GLU E 53 -25.31 -20.21 7.36
C GLU E 53 -26.24 -21.01 6.47
N THR E 54 -25.66 -21.96 5.74
CA THR E 54 -26.43 -22.77 4.79
C THR E 54 -27.05 -23.94 5.51
N ILE E 55 -28.23 -24.34 5.07
CA ILE E 55 -28.88 -25.52 5.58
C ILE E 55 -28.49 -26.70 4.69
N THR E 56 -27.99 -27.78 5.29
CA THR E 56 -27.50 -28.93 4.52
C THR E 56 -28.65 -29.78 3.96
N SER E 57 -29.51 -30.28 4.83
CA SER E 57 -30.79 -30.84 4.40
C SER E 57 -31.88 -30.34 5.35
N GLY E 58 -33.14 -30.62 5.02
CA GLY E 58 -34.29 -30.14 5.80
C GLY E 58 -34.91 -28.88 5.23
N ASP E 59 -36.13 -28.56 5.69
CA ASP E 59 -36.84 -27.36 5.23
C ASP E 59 -36.93 -26.27 6.32
N LEU E 60 -36.75 -25.02 5.93
CA LEU E 60 -37.00 -23.89 6.80
C LEU E 60 -38.09 -23.02 6.20
N PHE E 61 -39.08 -22.65 7.00
CA PHE E 61 -40.17 -21.80 6.50
C PHE E 61 -40.34 -20.59 7.38
N ILE E 62 -40.50 -19.42 6.76
CA ILE E 62 -40.77 -18.23 7.53
C ILE E 62 -42.06 -17.53 7.08
N GLY E 63 -43.06 -17.56 7.94
CA GLY E 63 -44.38 -17.04 7.63
C GLY E 63 -44.94 -17.83 6.47
N GLU E 64 -44.93 -19.16 6.64
CA GLU E 64 -45.52 -20.13 5.70
C GLU E 64 -44.94 -20.06 4.28
N LYS E 65 -43.64 -19.81 4.19
CA LYS E 65 -42.92 -19.90 2.90
C LYS E 65 -41.46 -20.31 3.07
N ARG E 66 -41.01 -21.22 2.21
CA ARG E 66 -39.67 -21.83 2.30
C ARG E 66 -38.60 -20.76 2.13
N MET E 67 -37.57 -20.83 2.96
CA MET E 67 -36.54 -19.78 3.00
C MET E 67 -35.11 -20.30 2.84
N ASN E 68 -34.92 -21.61 2.83
CA ASN E 68 -33.58 -22.22 2.59
C ASN E 68 -32.69 -21.45 1.63
N ASP E 69 -33.29 -20.97 0.54
CA ASP E 69 -32.57 -20.39 -0.59
C ASP E 69 -32.65 -18.86 -0.64
N THR E 70 -33.63 -18.31 0.06
CA THR E 70 -33.76 -16.87 0.22
C THR E 70 -32.54 -16.35 1.00
N PRO E 71 -31.92 -15.24 0.55
CA PRO E 71 -30.77 -14.65 1.23
C PRO E 71 -31.15 -13.85 2.50
N PRO E 72 -30.26 -13.81 3.50
CA PRO E 72 -30.48 -13.14 4.79
C PRO E 72 -31.24 -11.81 4.70
N ALA E 73 -30.84 -10.96 3.76
CA ALA E 73 -31.48 -9.65 3.62
C ALA E 73 -32.96 -9.69 3.19
N GLU E 74 -33.41 -10.83 2.67
CA GLU E 74 -34.80 -10.94 2.17
C GLU E 74 -35.72 -11.80 3.02
N ARG E 75 -35.29 -12.13 4.24
CA ARG E 75 -36.08 -13.01 5.11
C ARG E 75 -36.98 -12.29 6.10
N GLY E 76 -36.78 -10.98 6.28
CA GLY E 76 -37.56 -10.19 7.24
C GLY E 76 -37.12 -10.48 8.66
N VAL E 77 -35.82 -10.71 8.83
CA VAL E 77 -35.23 -11.07 10.11
CA VAL E 77 -35.25 -11.04 10.14
C VAL E 77 -34.24 -9.96 10.56
N GLY E 78 -33.94 -9.93 11.86
CA GLY E 78 -32.95 -9.01 12.44
C GLY E 78 -32.23 -9.73 13.56
N MET E 79 -30.96 -9.41 13.81
CA MET E 79 -30.21 -10.17 14.81
C MET E 79 -29.26 -9.35 15.68
N VAL E 80 -29.31 -9.61 16.98
CA VAL E 80 -28.28 -9.19 17.89
C VAL E 80 -27.26 -10.33 17.97
N PHE E 81 -26.05 -10.03 17.46
CA PHE E 81 -24.93 -10.95 17.36
C PHE E 81 -24.28 -11.22 18.70
N GLN E 82 -23.81 -12.45 18.86
CA GLN E 82 -23.11 -12.84 20.08
C GLN E 82 -21.88 -11.95 20.32
N SER E 83 -21.20 -11.59 19.22
CA SER E 83 -20.02 -10.73 19.27
C SER E 83 -20.32 -9.30 18.80
N TYR E 84 -21.61 -8.99 18.73
CA TYR E 84 -22.09 -7.62 18.52
C TYR E 84 -22.02 -7.25 17.04
N ALA E 85 -20.85 -7.45 16.45
CA ALA E 85 -20.61 -7.08 15.07
C ALA E 85 -20.98 -5.64 14.71
N LEU E 86 -20.56 -4.66 15.50
CA LEU E 86 -20.84 -3.23 15.25
C LEU E 86 -20.10 -2.63 14.06
N TYR E 87 -20.68 -1.59 13.46
CA TYR E 87 -19.98 -0.83 12.44
C TYR E 87 -19.01 0.13 13.13
N PRO E 88 -17.69 -0.05 12.88
CA PRO E 88 -16.66 0.70 13.59
C PRO E 88 -16.54 2.13 13.07
N HIS E 89 -16.97 2.36 11.83
CA HIS E 89 -16.86 3.68 11.26
C HIS E 89 -18.03 4.57 11.60
N LEU E 90 -19.04 3.99 12.25
CA LEU E 90 -20.30 4.68 12.49
C LEU E 90 -20.53 4.95 13.98
N SER E 91 -21.17 6.07 14.31
CA SER E 91 -21.45 6.38 15.71
C SER E 91 -22.48 5.41 16.24
N VAL E 92 -22.79 5.53 17.54
CA VAL E 92 -23.90 4.80 18.17
C VAL E 92 -25.21 5.10 17.47
N ALA E 93 -25.55 6.39 17.33
CA ALA E 93 -26.74 6.81 16.57
C ALA E 93 -26.74 6.18 15.19
N GLU E 94 -25.61 6.26 14.50
CA GLU E 94 -25.53 5.83 13.10
C GLU E 94 -25.59 4.31 12.99
N ASN E 95 -25.04 3.62 13.99
CA ASN E 95 -25.16 2.17 14.07
C ASN E 95 -26.62 1.76 14.26
N MET E 96 -27.29 2.45 15.16
CA MET E 96 -28.67 2.14 15.49
C MET E 96 -29.66 2.48 14.35
N SER E 97 -29.37 3.53 13.60
CA SER E 97 -30.25 3.98 12.54
C SER E 97 -29.93 3.30 11.21
N PHE E 98 -29.01 2.35 11.23
CA PHE E 98 -28.49 1.79 9.98
C PHE E 98 -29.55 1.03 9.18
N GLY E 99 -30.25 0.09 9.81
CA GLY E 99 -31.35 -0.62 9.13
C GLY E 99 -32.45 0.26 8.56
N LEU E 100 -32.93 1.21 9.35
CA LEU E 100 -33.97 2.14 8.90
C LEU E 100 -33.51 2.98 7.71
N LYS E 101 -32.31 3.55 7.80
CA LYS E 101 -31.73 4.36 6.73
C LYS E 101 -31.75 3.64 5.38
N LEU E 102 -31.62 2.32 5.43
CA LEU E 102 -31.58 1.46 4.24
C LEU E 102 -32.89 1.35 3.49
N ALA E 103 -33.98 1.13 4.22
CA ALA E 103 -35.29 0.85 3.59
C ALA E 103 -36.31 1.98 3.77
N GLY E 104 -35.99 3.18 3.31
CA GLY E 104 -36.94 4.28 3.39
C GLY E 104 -36.65 5.23 4.53
N ALA E 105 -35.57 5.97 4.38
CA ALA E 105 -35.10 6.90 5.40
C ALA E 105 -36.06 8.07 5.55
N LYS E 106 -36.66 8.19 6.72
CA LYS E 106 -37.47 9.36 7.03
C LYS E 106 -36.84 10.10 8.21
N LYS E 107 -36.00 11.08 7.90
CA LYS E 107 -35.28 11.90 8.89
C LYS E 107 -35.81 11.83 10.33
N GLU E 108 -36.98 12.43 10.56
CA GLU E 108 -37.60 12.56 11.89
C GLU E 108 -37.99 11.21 12.52
N VAL E 109 -38.67 10.37 11.74
CA VAL E 109 -39.02 9.00 12.13
C VAL E 109 -37.79 8.26 12.67
N ILE E 110 -36.68 8.41 11.98
CA ILE E 110 -35.43 7.80 12.39
C ILE E 110 -34.98 8.38 13.74
N ASN E 111 -34.73 9.69 13.80
CA ASN E 111 -34.36 10.35 15.06
C ASN E 111 -35.24 9.94 16.25
N GLN E 112 -36.54 9.83 16.01
CA GLN E 112 -37.50 9.55 17.07
C GLN E 112 -37.32 8.13 17.60
N ARG E 113 -37.38 7.12 16.73
CA ARG E 113 -37.28 5.73 17.17
C ARG E 113 -35.90 5.38 17.75
N VAL E 114 -34.89 6.10 17.27
CA VAL E 114 -33.53 6.02 17.79
C VAL E 114 -33.45 6.59 19.23
N ASN E 115 -33.98 7.80 19.44
CA ASN E 115 -33.98 8.40 20.77
C ASN E 115 -34.78 7.61 21.78
N GLN E 116 -35.88 7.05 21.33
CA GLN E 116 -36.73 6.26 22.23
C GLN E 116 -36.03 4.99 22.69
N VAL E 117 -35.51 4.21 21.74
CA VAL E 117 -34.81 2.96 22.04
C VAL E 117 -33.53 3.20 22.83
N ALA E 118 -32.81 4.27 22.51
CA ALA E 118 -31.58 4.58 23.26
C ALA E 118 -31.87 4.98 24.71
N GLU E 119 -33.04 5.56 24.97
CA GLU E 119 -33.47 5.88 26.33
C GLU E 119 -33.71 4.62 27.17
N VAL E 120 -34.45 3.64 26.66
CA VAL E 120 -34.67 2.39 27.39
C VAL E 120 -33.41 1.54 27.54
N LEU E 121 -32.47 1.69 26.62
CA LEU E 121 -31.21 1.00 26.73
C LEU E 121 -30.16 1.80 27.52
N GLN E 122 -30.58 2.96 28.03
CA GLN E 122 -29.73 3.92 28.77
C GLN E 122 -28.45 4.21 28.01
N LEU E 123 -28.63 4.65 26.77
CA LEU E 123 -27.56 4.91 25.81
C LEU E 123 -27.58 6.33 25.30
N ALA E 124 -28.49 7.14 25.85
CA ALA E 124 -28.74 8.52 25.36
C ALA E 124 -27.54 9.45 25.42
N HIS E 125 -26.64 9.23 26.35
CA HIS E 125 -25.44 10.06 26.48
C HIS E 125 -24.27 9.58 25.61
N LEU E 126 -24.48 8.48 24.88
CA LEU E 126 -23.40 7.87 24.11
C LEU E 126 -23.62 7.94 22.60
N LEU E 127 -24.71 8.59 22.18
CA LEU E 127 -25.14 8.63 20.79
C LEU E 127 -24.05 9.03 19.77
N ASP E 128 -23.13 9.90 20.18
CA ASP E 128 -22.09 10.44 19.29
C ASP E 128 -20.77 9.68 19.25
N ARG E 129 -20.57 8.78 20.21
CA ARG E 129 -19.35 7.97 20.33
C ARG E 129 -19.23 6.94 19.21
N LYS E 130 -17.99 6.57 18.89
CA LYS E 130 -17.74 5.42 18.06
C LYS E 130 -17.58 4.21 18.99
N PRO E 131 -17.84 3.00 18.47
CA PRO E 131 -17.79 1.74 19.21
C PRO E 131 -16.50 1.50 19.98
N LYS E 132 -15.36 1.94 19.47
CA LYS E 132 -14.11 1.82 20.23
C LYS E 132 -14.06 2.64 21.52
N ALA E 133 -14.90 3.66 21.65
CA ALA E 133 -14.90 4.48 22.86
C ALA E 133 -16.06 4.10 23.79
N LEU E 134 -16.48 2.83 23.72
CA LEU E 134 -17.58 2.32 24.54
C LEU E 134 -17.05 1.21 25.42
N SER E 135 -17.81 0.87 26.47
CA SER E 135 -17.51 -0.29 27.29
C SER E 135 -18.14 -1.55 26.66
N GLY E 136 -17.75 -2.73 27.13
CA GLY E 136 -18.25 -3.98 26.57
C GLY E 136 -19.75 -4.06 26.66
N GLY E 137 -20.29 -3.70 27.83
CA GLY E 137 -21.75 -3.76 28.05
C GLY E 137 -22.49 -2.74 27.22
N GLN E 138 -21.90 -1.55 27.10
CA GLN E 138 -22.45 -0.50 26.26
C GLN E 138 -22.54 -0.90 24.80
N ARG E 139 -21.48 -1.51 24.29
CA ARG E 139 -21.50 -2.06 22.93
C ARG E 139 -22.60 -3.13 22.75
N GLN E 140 -22.73 -4.03 23.75
CA GLN E 140 -23.79 -5.02 23.72
C GLN E 140 -25.17 -4.38 23.53
N ARG E 141 -25.41 -3.24 24.18
CA ARG E 141 -26.70 -2.53 24.13
C ARG E 141 -26.87 -1.78 22.80
N VAL E 142 -25.76 -1.47 22.12
CA VAL E 142 -25.86 -0.80 20.83
C VAL E 142 -26.33 -1.81 19.83
N ALA E 143 -25.75 -3.01 19.91
CA ALA E 143 -26.18 -4.17 19.11
C ALA E 143 -27.65 -4.45 19.26
N ILE E 144 -28.12 -4.48 20.52
CA ILE E 144 -29.56 -4.64 20.80
C ILE E 144 -30.34 -3.50 20.13
N GLY E 145 -29.95 -2.26 20.41
CA GLY E 145 -30.59 -1.07 19.86
C GLY E 145 -30.71 -1.10 18.35
N ARG E 146 -29.70 -1.64 17.68
CA ARG E 146 -29.69 -1.67 16.23
C ARG E 146 -30.83 -2.58 15.68
N THR E 147 -31.12 -3.65 16.39
CA THR E 147 -32.13 -4.60 15.95
C THR E 147 -33.53 -4.13 16.36
N LEU E 148 -33.67 -3.61 17.57
CA LEU E 148 -34.98 -3.13 18.05
C LEU E 148 -35.50 -1.98 17.22
N VAL E 149 -34.58 -1.10 16.81
CA VAL E 149 -34.94 0.06 16.03
C VAL E 149 -35.49 -0.34 14.66
N ALA E 150 -34.91 -1.40 14.10
CA ALA E 150 -35.29 -1.88 12.76
C ALA E 150 -36.64 -2.58 12.75
N GLU E 151 -37.06 -3.12 13.90
CA GLU E 151 -38.33 -3.83 14.01
C GLU E 151 -38.56 -4.82 12.88
N PRO E 152 -37.76 -5.91 12.84
CA PRO E 152 -37.95 -6.97 11.85
C PRO E 152 -39.18 -7.79 12.16
N SER E 153 -39.51 -8.72 11.27
CA SER E 153 -40.68 -9.61 11.47
C SER E 153 -40.35 -10.70 12.44
N VAL E 154 -39.07 -11.07 12.50
CA VAL E 154 -38.58 -12.06 13.43
C VAL E 154 -37.34 -11.48 14.10
N PHE E 155 -37.34 -11.51 15.44
CA PHE E 155 -36.20 -11.07 16.23
C PHE E 155 -35.40 -12.30 16.64
N LEU E 156 -34.12 -12.30 16.27
CA LEU E 156 -33.17 -13.29 16.75
C LEU E 156 -32.18 -12.58 17.70
N LEU E 157 -32.06 -13.07 18.93
CA LEU E 157 -31.18 -12.44 19.92
C LEU E 157 -30.26 -13.48 20.55
N ASP E 158 -28.96 -13.33 20.31
CA ASP E 158 -27.97 -14.30 20.76
C ASP E 158 -27.23 -13.79 22.02
N GLU E 159 -27.62 -14.32 23.20
CA GLU E 159 -27.02 -13.98 24.50
C GLU E 159 -26.89 -12.47 24.69
N PRO E 160 -28.01 -11.75 24.55
CA PRO E 160 -27.93 -10.30 24.39
C PRO E 160 -27.73 -9.50 25.67
N LEU E 161 -27.73 -10.16 26.83
CA LEU E 161 -27.62 -9.49 28.09
C LEU E 161 -26.40 -9.95 28.89
N SER E 162 -25.67 -10.94 28.36
CA SER E 162 -24.57 -11.63 29.04
C SER E 162 -23.53 -10.73 29.71
N ASN E 163 -23.33 -9.52 29.18
CA ASN E 163 -22.35 -8.59 29.77
C ASN E 163 -23.01 -7.33 30.39
N LEU E 164 -24.19 -7.53 30.99
CA LEU E 164 -24.84 -6.43 31.73
C LEU E 164 -24.96 -6.78 33.22
N ASP E 165 -24.86 -5.75 34.06
CA ASP E 165 -24.98 -5.92 35.48
C ASP E 165 -26.40 -6.34 35.84
N ALA E 166 -26.51 -6.98 37.01
CA ALA E 166 -27.76 -7.63 37.43
C ALA E 166 -29.02 -6.74 37.32
N ALA E 167 -28.89 -5.50 37.81
CA ALA E 167 -30.00 -4.56 37.90
C ALA E 167 -30.40 -4.06 36.53
N LEU E 168 -29.42 -3.84 35.68
CA LEU E 168 -29.69 -3.41 34.33
C LEU E 168 -30.26 -4.59 33.52
N ARG E 169 -29.72 -5.81 33.71
CA ARG E 169 -30.32 -7.01 33.12
C ARG E 169 -31.81 -7.12 33.43
N VAL E 170 -32.20 -6.86 34.69
CA VAL E 170 -33.59 -7.02 35.10
C VAL E 170 -34.42 -6.10 34.23
N GLN E 171 -34.08 -4.81 34.27
CA GLN E 171 -34.70 -3.80 33.41
C GLN E 171 -34.75 -4.17 31.91
N MET E 172 -33.71 -4.81 31.37
CA MET E 172 -33.71 -5.17 29.93
C MET E 172 -34.69 -6.31 29.60
N ARG E 173 -34.71 -7.35 30.41
CA ARG E 173 -35.73 -8.40 30.28
C ARG E 173 -37.12 -7.78 30.18
N ILE E 174 -37.36 -6.80 31.04
CA ILE E 174 -38.70 -6.26 31.14
C ILE E 174 -39.05 -5.58 29.83
N GLU E 175 -38.14 -4.74 29.36
CA GLU E 175 -38.35 -4.00 28.12
C GLU E 175 -38.49 -4.91 26.91
N ILE E 176 -37.74 -6.03 26.89
CA ILE E 176 -37.85 -7.04 25.84
C ILE E 176 -39.22 -7.70 25.87
N SER E 177 -39.72 -7.95 27.07
CA SER E 177 -41.10 -8.44 27.27
C SER E 177 -42.16 -7.43 26.86
N ARG E 178 -42.05 -6.20 27.35
CA ARG E 178 -42.93 -5.11 26.92
C ARG E 178 -43.09 -5.07 25.39
N LEU E 179 -41.96 -5.18 24.70
CA LEU E 179 -41.91 -5.09 23.26
C LEU E 179 -42.48 -6.34 22.59
N HIS E 180 -42.37 -7.48 23.26
CA HIS E 180 -42.91 -8.71 22.72
C HIS E 180 -44.43 -8.74 22.81
N LYS E 181 -44.99 -8.12 23.85
CA LYS E 181 -46.45 -8.01 23.97
C LYS E 181 -47.03 -6.93 23.02
N ARG E 182 -46.32 -5.80 22.89
CA ARG E 182 -46.76 -4.67 22.06
C ARG E 182 -46.69 -4.97 20.56
N LEU E 183 -45.67 -5.71 20.12
CA LEU E 183 -45.54 -6.02 18.70
C LEU E 183 -46.21 -7.34 18.34
N GLY E 184 -46.21 -8.29 19.27
CA GLY E 184 -46.70 -9.64 19.02
C GLY E 184 -46.02 -10.34 17.85
N ARG E 185 -44.73 -10.06 17.69
CA ARG E 185 -43.91 -10.71 16.66
C ARG E 185 -43.01 -11.75 17.32
N THR E 186 -42.63 -12.76 16.54
CA THR E 186 -41.84 -13.89 17.02
C THR E 186 -40.43 -13.52 17.49
N MET E 187 -40.07 -13.98 18.68
CA MET E 187 -38.74 -13.74 19.20
C MET E 187 -38.06 -15.04 19.56
N ILE E 188 -36.86 -15.24 19.01
N ILE E 188 -36.87 -15.26 19.02
CA ILE E 188 -36.01 -16.39 19.33
CA ILE E 188 -36.09 -16.42 19.42
C ILE E 188 -34.77 -15.90 20.05
C ILE E 188 -34.75 -16.00 20.02
N TYR E 189 -34.57 -16.37 21.28
CA TYR E 189 -33.66 -15.74 22.21
C TYR E 189 -32.77 -16.79 22.84
N VAL E 190 -31.46 -16.58 22.71
CA VAL E 190 -30.44 -17.49 23.23
C VAL E 190 -29.84 -16.91 24.49
N THR E 191 -29.78 -17.73 25.53
CA THR E 191 -29.20 -17.29 26.78
C THR E 191 -28.72 -18.46 27.63
N HIS E 192 -27.73 -18.12 28.47
CA HIS E 192 -27.21 -19.00 29.51
C HIS E 192 -27.74 -18.67 30.91
N ASP E 193 -28.49 -17.58 31.01
CA ASP E 193 -29.10 -17.20 32.27
C ASP E 193 -30.44 -17.93 32.44
N GLN E 194 -30.58 -18.72 33.51
CA GLN E 194 -31.80 -19.52 33.75
C GLN E 194 -33.02 -18.65 34.09
N VAL E 195 -32.79 -17.55 34.80
CA VAL E 195 -33.84 -16.64 35.18
C VAL E 195 -34.48 -16.01 33.95
N GLU E 196 -33.65 -15.63 32.97
CA GLU E 196 -34.14 -15.14 31.68
C GLU E 196 -34.93 -16.20 30.95
N ALA E 197 -34.41 -17.43 30.94
CA ALA E 197 -35.12 -18.52 30.26
C ALA E 197 -36.51 -18.71 30.87
N MET E 198 -36.54 -18.77 32.20
CA MET E 198 -37.78 -19.03 32.91
C MET E 198 -38.81 -17.93 32.70
N THR E 199 -38.38 -16.67 32.74
CA THR E 199 -39.32 -15.55 32.85
C THR E 199 -39.78 -15.01 31.51
N LEU E 200 -38.97 -15.20 30.48
CA LEU E 200 -39.28 -14.70 29.15
C LEU E 200 -40.04 -15.68 28.27
N ALA E 201 -39.64 -16.95 28.34
CA ALA E 201 -40.03 -17.95 27.33
C ALA E 201 -41.47 -18.37 27.37
N ASP E 202 -42.09 -18.42 26.20
CA ASP E 202 -43.32 -19.17 26.05
C ASP E 202 -42.92 -20.64 25.89
N LYS E 203 -41.78 -20.87 25.24
CA LYS E 203 -41.27 -22.20 25.02
C LYS E 203 -39.76 -22.16 25.25
N ILE E 204 -39.22 -23.18 25.92
CA ILE E 204 -37.77 -23.40 25.96
C ILE E 204 -37.39 -24.63 25.13
N VAL E 205 -36.40 -24.45 24.25
CA VAL E 205 -35.86 -25.52 23.44
C VAL E 205 -34.51 -25.88 24.02
N VAL E 206 -34.42 -27.05 24.63
CA VAL E 206 -33.13 -27.48 25.18
C VAL E 206 -32.37 -28.22 24.09
N LEU E 207 -31.10 -27.82 23.92
CA LEU E 207 -30.21 -28.41 22.93
C LEU E 207 -29.03 -29.14 23.58
N ASP E 208 -28.66 -30.27 22.98
CA ASP E 208 -27.51 -31.08 23.42
C ASP E 208 -26.74 -31.51 22.19
N ALA E 209 -25.43 -31.22 22.16
CA ALA E 209 -24.55 -31.62 21.05
C ALA E 209 -25.22 -31.63 19.67
N GLY E 210 -26.01 -30.59 19.37
CA GLY E 210 -26.57 -30.39 18.04
C GLY E 210 -27.94 -30.99 17.77
N ARG E 211 -28.52 -31.63 18.77
N ARG E 211 -28.51 -31.66 18.76
CA ARG E 211 -29.84 -32.23 18.65
CA ARG E 211 -29.84 -32.24 18.65
C ARG E 211 -30.79 -31.73 19.72
C ARG E 211 -30.79 -31.65 19.69
N VAL E 212 -32.09 -31.78 19.44
CA VAL E 212 -33.09 -31.26 20.36
C VAL E 212 -33.40 -32.27 21.48
N ALA E 213 -32.98 -31.94 22.71
CA ALA E 213 -33.16 -32.85 23.84
C ALA E 213 -34.60 -32.83 24.33
N GLN E 214 -35.21 -31.64 24.29
CA GLN E 214 -36.56 -31.43 24.75
C GLN E 214 -37.04 -30.04 24.36
N VAL E 215 -38.36 -29.89 24.31
CA VAL E 215 -39.05 -28.65 24.00
C VAL E 215 -40.30 -28.62 24.89
N GLY E 216 -40.54 -27.51 25.57
CA GLY E 216 -41.71 -27.38 26.43
C GLY E 216 -41.81 -26.07 27.18
N LYS E 217 -42.83 -25.95 28.03
CA LYS E 217 -42.99 -24.79 28.90
C LYS E 217 -41.89 -24.76 29.97
N PRO E 218 -41.48 -23.55 30.39
CA PRO E 218 -40.49 -23.40 31.48
C PRO E 218 -40.66 -24.38 32.66
N LEU E 219 -41.84 -24.36 33.28
CA LEU E 219 -42.14 -25.19 34.45
C LEU E 219 -42.26 -26.67 34.06
N GLU E 220 -42.66 -26.91 32.82
CA GLU E 220 -42.77 -28.25 32.29
C GLU E 220 -41.39 -28.91 32.31
N LEU E 221 -40.38 -28.23 31.76
CA LEU E 221 -39.04 -28.80 31.71
C LEU E 221 -38.41 -28.96 33.09
N TYR E 222 -38.80 -28.07 34.01
CA TYR E 222 -38.25 -28.05 35.35
C TYR E 222 -38.78 -29.21 36.21
N HIS E 223 -40.09 -29.42 36.20
CA HIS E 223 -40.70 -30.51 36.96
C HIS E 223 -40.63 -31.83 36.25
N TYR E 224 -40.73 -31.78 34.92
CA TYR E 224 -40.84 -33.00 34.09
C TYR E 224 -39.83 -33.03 32.93
N PRO E 225 -38.55 -33.22 33.25
CA PRO E 225 -37.53 -33.43 32.24
C PRO E 225 -37.61 -34.84 31.65
N ALA E 226 -37.30 -34.98 30.37
CA ALA E 226 -37.43 -36.25 29.64
C ALA E 226 -36.29 -37.23 29.90
N ASP E 227 -35.10 -36.68 30.18
CA ASP E 227 -33.90 -37.49 30.40
C ASP E 227 -32.89 -36.82 31.36
N ARG E 228 -31.93 -37.63 31.81
CA ARG E 228 -30.84 -37.24 32.70
C ARG E 228 -30.16 -35.91 32.30
N PHE E 229 -29.88 -35.76 31.01
CA PHE E 229 -29.23 -34.54 30.53
C PHE E 229 -30.01 -33.25 30.80
N VAL E 230 -31.29 -33.23 30.41
CA VAL E 230 -32.15 -32.07 30.67
C VAL E 230 -32.26 -31.81 32.17
N ALA E 231 -32.45 -32.88 32.93
CA ALA E 231 -32.56 -32.78 34.37
C ALA E 231 -31.37 -32.01 34.93
N GLY E 232 -30.17 -32.40 34.47
CA GLY E 232 -28.92 -31.80 34.93
C GLY E 232 -28.63 -30.45 34.32
N PHE E 233 -29.30 -30.16 33.20
CA PHE E 233 -29.09 -28.86 32.59
C PHE E 233 -30.04 -27.74 33.04
N ILE E 234 -31.33 -28.06 33.20
CA ILE E 234 -32.29 -27.06 33.70
C ILE E 234 -32.22 -26.99 35.23
N GLY E 235 -32.24 -25.75 35.73
CA GLY E 235 -32.11 -25.49 37.16
C GLY E 235 -30.68 -25.52 37.59
N SER E 236 -30.20 -24.43 38.18
CA SER E 236 -28.85 -24.37 38.69
C SER E 236 -28.92 -23.79 40.09
N PRO E 237 -28.14 -24.34 41.04
CA PRO E 237 -27.33 -25.57 41.05
C PRO E 237 -27.96 -26.83 40.45
N LYS E 238 -27.10 -27.64 39.88
CA LYS E 238 -27.45 -28.87 39.19
C LYS E 238 -28.20 -29.83 40.10
N MET E 239 -29.19 -30.50 39.55
CA MET E 239 -29.85 -31.62 40.21
C MET E 239 -28.83 -32.72 40.59
N ASN E 240 -28.90 -33.15 41.84
CA ASN E 240 -28.04 -34.21 42.40
C ASN E 240 -28.41 -35.58 41.86
N PHE E 241 -27.41 -36.43 41.64
CA PHE E 241 -27.67 -37.76 41.13
C PHE E 241 -27.06 -38.87 41.99
N LEU E 242 -27.87 -39.89 42.24
CA LEU E 242 -27.49 -41.05 43.06
C LEU E 242 -27.78 -42.36 42.32
N PRO E 243 -26.81 -43.29 42.31
CA PRO E 243 -26.95 -44.55 41.57
C PRO E 243 -27.75 -45.58 42.35
N VAL E 244 -29.04 -45.69 42.05
CA VAL E 244 -29.93 -46.62 42.75
C VAL E 244 -30.10 -47.92 41.95
N THR E 247 -35.14 -52.49 43.04
CA THR E 247 -35.27 -53.81 43.67
C THR E 247 -36.69 -54.40 43.50
N ALA E 248 -37.67 -53.75 44.11
CA ALA E 248 -39.09 -54.06 43.88
C ALA E 248 -39.67 -53.04 42.90
N THR E 249 -40.68 -53.45 42.14
CA THR E 249 -41.33 -52.54 41.18
C THR E 249 -42.84 -52.73 41.16
N ALA E 250 -43.55 -51.89 41.89
CA ALA E 250 -45.01 -51.91 41.92
C ALA E 250 -45.60 -51.60 40.55
N ILE E 251 -46.91 -51.77 40.39
CA ILE E 251 -47.55 -51.68 39.08
C ILE E 251 -47.95 -50.23 38.74
N ASP E 252 -47.45 -49.27 39.52
CA ASP E 252 -47.76 -47.85 39.35
C ASP E 252 -46.72 -46.93 40.01
N GLN E 253 -45.72 -47.54 40.65
CA GLN E 253 -44.58 -46.83 41.24
C GLN E 253 -43.38 -47.77 41.30
N VAL E 254 -42.19 -47.22 41.49
CA VAL E 254 -40.97 -48.04 41.44
C VAL E 254 -40.26 -48.00 42.77
N GLN E 255 -39.68 -49.13 43.16
CA GLN E 255 -38.90 -49.20 44.39
C GLN E 255 -37.43 -49.52 44.12
N VAL E 256 -36.55 -48.74 44.75
CA VAL E 256 -35.11 -48.88 44.57
C VAL E 256 -34.31 -48.72 45.86
N GLU E 257 -33.02 -49.05 45.80
CA GLU E 257 -32.17 -49.10 46.98
C GLU E 257 -31.06 -48.05 46.97
N LEU E 258 -30.95 -47.32 48.08
CA LEU E 258 -29.88 -46.33 48.24
C LEU E 258 -28.52 -46.99 48.44
N PRO E 259 -27.48 -46.48 47.76
CA PRO E 259 -26.15 -47.09 47.71
C PRO E 259 -25.36 -47.02 49.02
N MET E 260 -25.81 -46.17 49.95
CA MET E 260 -25.20 -46.03 51.27
C MET E 260 -25.29 -47.35 52.08
N PRO E 261 -24.20 -47.71 52.80
CA PRO E 261 -23.97 -49.07 53.32
C PRO E 261 -25.05 -49.64 54.26
N ASN E 262 -26.05 -48.83 54.62
CA ASN E 262 -27.22 -49.31 55.35
C ASN E 262 -28.26 -49.96 54.42
N ARG E 263 -28.31 -49.46 53.18
CA ARG E 263 -29.16 -50.00 52.09
C ARG E 263 -30.67 -49.83 52.34
N GLN E 264 -31.11 -48.59 52.54
CA GLN E 264 -32.53 -48.27 52.72
C GLN E 264 -33.28 -48.40 51.39
N GLN E 265 -34.54 -48.83 51.47
CA GLN E 265 -35.40 -49.01 50.29
C GLN E 265 -36.63 -48.09 50.35
N VAL E 266 -36.91 -47.41 49.23
CA VAL E 266 -37.96 -46.39 49.16
C VAL E 266 -38.74 -46.41 47.83
N TRP E 267 -40.02 -46.08 47.89
CA TRP E 267 -40.87 -46.04 46.68
C TRP E 267 -40.89 -44.67 46.02
N LEU E 268 -41.11 -44.66 44.71
CA LEU E 268 -41.15 -43.43 43.93
C LEU E 268 -42.32 -43.46 42.95
N PRO E 269 -43.22 -42.45 43.03
CA PRO E 269 -44.36 -42.32 42.13
C PRO E 269 -43.96 -42.03 40.66
N VAL E 270 -43.50 -43.06 39.96
CA VAL E 270 -43.12 -42.96 38.54
C VAL E 270 -43.67 -44.15 37.75
N GLU E 271 -42.99 -44.54 36.67
CA GLU E 271 -43.50 -45.51 35.70
C GLU E 271 -43.40 -46.97 36.17
N ASN E 280 -30.59 -50.98 37.43
CA ASN E 280 -29.65 -49.88 37.64
C ASN E 280 -30.14 -48.51 37.14
N MET E 281 -30.90 -47.83 38.00
CA MET E 281 -31.44 -46.51 37.73
C MET E 281 -30.58 -45.44 38.36
N SER E 282 -30.75 -44.20 37.88
CA SER E 282 -30.20 -43.01 38.54
C SER E 282 -31.34 -42.24 39.20
N LEU E 283 -31.20 -41.95 40.49
CA LEU E 283 -32.18 -41.15 41.22
C LEU E 283 -31.72 -39.71 41.27
N GLY E 284 -32.64 -38.78 41.01
CA GLY E 284 -32.30 -37.36 41.00
C GLY E 284 -33.15 -36.55 41.96
N ILE E 285 -32.49 -35.70 42.74
CA ILE E 285 -33.19 -34.79 43.62
C ILE E 285 -32.55 -33.39 43.60
N ARG E 286 -33.37 -32.37 43.38
CA ARG E 286 -32.87 -30.98 43.35
C ARG E 286 -32.51 -30.46 44.74
N PRO E 287 -31.42 -29.67 44.83
CA PRO E 287 -30.98 -29.04 46.09
C PRO E 287 -32.05 -28.21 46.83
N GLU E 288 -33.02 -27.66 46.09
CA GLU E 288 -34.12 -26.86 46.65
C GLU E 288 -35.23 -27.73 47.23
N HIS E 289 -35.17 -29.02 46.92
CA HIS E 289 -36.25 -29.96 47.22
C HIS E 289 -35.94 -30.90 48.38
N LEU E 290 -34.64 -31.03 48.68
CA LEU E 290 -34.18 -31.66 49.90
C LEU E 290 -34.72 -30.93 51.13
N LEU E 291 -35.05 -31.70 52.16
CA LEU E 291 -35.71 -31.16 53.34
C LEU E 291 -34.77 -31.15 54.55
N PRO E 292 -35.09 -30.30 55.57
CA PRO E 292 -34.39 -30.41 56.85
C PRO E 292 -34.48 -31.82 57.41
N SER E 293 -33.53 -32.19 58.25
CA SER E 293 -33.43 -33.55 58.81
C SER E 293 -34.69 -34.02 59.55
N ASP E 294 -35.15 -33.22 60.51
CA ASP E 294 -36.23 -33.58 61.46
C ASP E 294 -37.59 -33.95 60.82
N ILE E 295 -37.91 -33.31 59.70
CA ILE E 295 -39.22 -33.48 59.03
C ILE E 295 -39.40 -34.88 58.40
N ALA E 296 -38.54 -35.23 57.45
CA ALA E 296 -38.71 -36.40 56.59
C ALA E 296 -38.55 -37.76 57.27
N ASP E 297 -38.98 -38.80 56.55
CA ASP E 297 -38.75 -40.20 56.91
C ASP E 297 -37.33 -40.61 56.51
N VAL E 298 -37.04 -40.54 55.21
CA VAL E 298 -35.72 -40.87 54.67
C VAL E 298 -34.71 -39.77 54.99
N ILE E 299 -33.72 -40.13 55.81
CA ILE E 299 -32.67 -39.20 56.21
C ILE E 299 -31.37 -39.61 55.54
N LEU E 300 -30.62 -38.61 55.09
CA LEU E 300 -29.35 -38.81 54.41
C LEU E 300 -28.34 -37.94 55.16
N GLU E 301 -27.24 -38.55 55.60
CA GLU E 301 -26.29 -37.88 56.48
C GLU E 301 -24.87 -38.11 56.00
N GLY E 302 -24.05 -37.07 56.06
CA GLY E 302 -22.65 -37.14 55.64
C GLY E 302 -21.86 -35.97 56.18
N GLU E 303 -20.69 -35.75 55.59
CA GLU E 303 -19.77 -34.70 56.03
C GLU E 303 -19.81 -33.46 55.11
N VAL E 304 -19.93 -32.28 55.73
CA VAL E 304 -19.93 -31.00 55.01
C VAL E 304 -18.58 -30.74 54.34
N GLN E 305 -18.61 -30.46 53.04
CA GLN E 305 -17.40 -30.27 52.24
C GLN E 305 -17.16 -28.82 51.87
N VAL E 306 -18.20 -28.19 51.31
CA VAL E 306 -18.17 -26.80 50.86
C VAL E 306 -19.40 -26.09 51.42
N VAL E 307 -19.20 -24.87 51.90
CA VAL E 307 -20.31 -24.00 52.31
C VAL E 307 -20.16 -22.67 51.59
N GLU E 308 -21.20 -22.27 50.88
CA GLU E 308 -21.18 -20.99 50.17
C GLU E 308 -22.29 -20.10 50.67
N GLN E 309 -21.89 -18.93 51.16
CA GLN E 309 -22.78 -17.98 51.79
C GLN E 309 -23.20 -16.95 50.75
N LEU E 310 -24.45 -17.06 50.27
CA LEU E 310 -24.90 -16.25 49.14
C LEU E 310 -25.64 -14.98 49.57
N GLY E 311 -25.79 -14.79 50.87
CA GLY E 311 -26.59 -13.70 51.39
C GLY E 311 -28.05 -14.10 51.53
N ASN E 312 -28.72 -14.37 50.42
CA ASN E 312 -30.12 -14.73 50.49
C ASN E 312 -30.30 -16.14 50.98
N GLU E 313 -29.27 -16.96 50.82
CA GLU E 313 -29.35 -18.40 51.07
C GLU E 313 -27.97 -19.02 51.32
N THR E 314 -27.96 -20.22 51.86
CA THR E 314 -26.74 -20.97 52.08
C THR E 314 -26.77 -22.26 51.27
N GLN E 315 -25.65 -22.55 50.62
CA GLN E 315 -25.53 -23.79 49.86
C GLN E 315 -24.46 -24.69 50.45
N ILE E 316 -24.78 -25.95 50.58
CA ILE E 316 -23.98 -26.87 51.38
C ILE E 316 -23.71 -28.16 50.60
N HIS E 317 -22.42 -28.48 50.45
CA HIS E 317 -21.98 -29.70 49.77
C HIS E 317 -21.65 -30.74 50.83
N ILE E 318 -22.25 -31.91 50.71
CA ILE E 318 -22.11 -32.95 51.73
C ILE E 318 -21.58 -34.26 51.15
N GLN E 319 -20.41 -34.69 51.61
CA GLN E 319 -19.87 -36.01 51.22
C GLN E 319 -20.45 -37.13 52.06
N ILE E 320 -21.18 -38.02 51.39
CA ILE E 320 -21.89 -39.10 52.04
C ILE E 320 -21.09 -40.41 51.87
N PRO E 321 -21.00 -41.21 52.96
CA PRO E 321 -20.49 -42.58 52.88
C PRO E 321 -21.00 -43.36 51.66
N SER E 322 -20.06 -43.95 50.91
CA SER E 322 -20.35 -44.85 49.79
C SER E 322 -20.90 -44.14 48.56
N ILE E 323 -21.20 -42.85 48.69
CA ILE E 323 -21.66 -42.01 47.57
C ILE E 323 -20.52 -41.13 47.08
N ARG E 324 -20.04 -41.45 45.88
CA ARG E 324 -18.88 -40.79 45.27
C ARG E 324 -19.07 -39.29 45.04
N GLN E 325 -20.28 -38.91 44.65
CA GLN E 325 -20.60 -37.53 44.34
C GLN E 325 -21.10 -36.75 45.56
N ASN E 326 -20.61 -35.51 45.70
CA ASN E 326 -21.09 -34.60 46.76
C ASN E 326 -22.57 -34.31 46.59
N LEU E 327 -23.22 -33.95 47.69
CA LEU E 327 -24.64 -33.63 47.65
C LEU E 327 -24.86 -32.17 47.98
N VAL E 328 -25.48 -31.47 47.05
CA VAL E 328 -25.67 -30.04 47.18
C VAL E 328 -27.02 -29.77 47.81
N TYR E 329 -27.01 -28.93 48.83
CA TYR E 329 -28.22 -28.56 49.54
C TYR E 329 -28.37 -27.03 49.57
N ARG E 330 -29.56 -26.55 49.21
CA ARG E 330 -29.92 -25.15 49.32
C ARG E 330 -30.88 -24.96 50.48
N GLN E 331 -30.58 -23.97 51.31
CA GLN E 331 -31.48 -23.60 52.39
C GLN E 331 -31.49 -22.10 52.55
N ASN E 332 -32.69 -21.55 52.74
CA ASN E 332 -32.86 -20.11 52.83
C ASN E 332 -32.12 -19.49 54.01
N ASP E 333 -31.74 -18.23 53.85
CA ASP E 333 -31.11 -17.42 54.90
C ASP E 333 -29.66 -17.86 55.23
N VAL E 334 -29.01 -17.09 56.11
CA VAL E 334 -27.62 -17.31 56.48
C VAL E 334 -27.53 -18.42 57.52
N VAL E 335 -27.09 -19.60 57.08
CA VAL E 335 -26.95 -20.77 57.96
C VAL E 335 -25.48 -20.96 58.36
N LEU E 336 -25.19 -20.90 59.65
CA LEU E 336 -23.80 -21.06 60.08
C LEU E 336 -23.40 -22.52 60.24
N VAL E 337 -22.73 -23.02 59.21
CA VAL E 337 -22.24 -24.39 59.10
C VAL E 337 -20.79 -24.30 58.67
N GLU E 338 -19.96 -25.24 59.10
CA GLU E 338 -18.54 -25.20 58.73
C GLU E 338 -18.04 -26.49 58.09
N GLU E 339 -17.03 -26.35 57.22
CA GLU E 339 -16.34 -27.48 56.56
C GLU E 339 -15.99 -28.58 57.55
N GLY E 340 -16.19 -29.82 57.14
CA GLY E 340 -15.85 -30.97 57.98
C GLY E 340 -16.88 -31.37 59.02
N ALA E 341 -17.91 -30.54 59.21
CA ALA E 341 -18.99 -30.85 60.15
C ALA E 341 -19.96 -31.89 59.58
N THR E 342 -20.76 -32.48 60.47
CA THR E 342 -21.75 -33.48 60.07
C THR E 342 -23.09 -32.82 59.74
N PHE E 343 -23.69 -33.22 58.62
CA PHE E 343 -24.97 -32.65 58.21
C PHE E 343 -25.91 -33.74 57.74
N ALA E 344 -27.18 -33.58 58.10
CA ALA E 344 -28.22 -34.52 57.74
C ALA E 344 -29.36 -33.82 57.01
N ILE E 345 -29.90 -34.49 56.00
CA ILE E 345 -31.02 -33.96 55.22
C ILE E 345 -32.05 -35.03 54.84
N GLY E 346 -33.28 -34.60 54.63
CA GLY E 346 -34.38 -35.47 54.24
C GLY E 346 -34.55 -35.63 52.75
N LEU E 347 -34.72 -36.87 52.32
CA LEU E 347 -34.94 -37.22 50.91
C LEU E 347 -36.44 -37.45 50.67
N PRO E 348 -37.11 -36.49 50.01
CA PRO E 348 -38.54 -36.65 49.73
C PRO E 348 -38.80 -37.50 48.50
N PRO E 349 -39.68 -38.51 48.62
CA PRO E 349 -39.92 -39.47 47.54
C PRO E 349 -40.74 -38.95 46.36
N GLU E 350 -41.69 -38.05 46.63
CA GLU E 350 -42.59 -37.55 45.59
C GLU E 350 -41.91 -36.51 44.69
N ARG E 351 -40.83 -35.92 45.21
CA ARG E 351 -40.06 -34.91 44.51
C ARG E 351 -38.81 -35.50 43.85
N CYS E 352 -38.69 -36.82 43.94
CA CYS E 352 -37.56 -37.56 43.35
C CYS E 352 -37.76 -37.84 41.86
N HIS E 353 -36.68 -37.76 41.11
CA HIS E 353 -36.69 -38.12 39.69
C HIS E 353 -35.98 -39.46 39.56
N LEU E 354 -36.29 -40.18 38.47
CA LEU E 354 -35.67 -41.48 38.23
C LEU E 354 -35.32 -41.68 36.75
N PHE E 355 -34.13 -42.23 36.50
CA PHE E 355 -33.61 -42.33 35.14
C PHE E 355 -33.03 -43.70 34.82
N ARG E 356 -33.43 -44.22 33.66
CA ARG E 356 -32.99 -45.52 33.16
C ARG E 356 -31.49 -45.58 32.87
N GLU E 357 -30.98 -46.79 32.69
CA GLU E 357 -29.56 -47.05 32.41
C GLU E 357 -29.04 -46.24 31.22
N ASP E 358 -29.87 -46.10 30.18
CA ASP E 358 -29.52 -45.36 28.95
C ASP E 358 -29.50 -43.83 29.15
N GLY E 359 -30.56 -43.30 29.77
CA GLY E 359 -30.67 -41.87 30.06
C GLY E 359 -32.08 -41.36 30.30
N THR E 360 -33.07 -42.02 29.68
CA THR E 360 -34.48 -41.58 29.71
C THR E 360 -35.11 -41.63 31.10
N ALA E 361 -36.03 -40.70 31.33
CA ALA E 361 -36.71 -40.54 32.62
C ALA E 361 -37.99 -41.36 32.71
N CYS E 362 -38.29 -41.83 33.92
CA CYS E 362 -39.57 -42.46 34.21
C CYS E 362 -40.55 -41.36 34.57
N ARG E 363 -41.60 -41.22 33.76
CA ARG E 363 -42.55 -40.12 33.91
C ARG E 363 -43.07 -39.99 35.34
N ARG E 364 -42.93 -38.79 35.90
CA ARG E 364 -43.38 -38.50 37.24
C ARG E 364 -44.88 -38.25 37.26
N LEU E 365 -45.56 -38.90 38.21
CA LEU E 365 -47.00 -38.89 38.26
C LEU E 365 -47.55 -37.94 39.33
N HIS E 366 -46.70 -37.55 40.27
CA HIS E 366 -47.03 -36.54 41.27
C HIS E 366 -47.29 -35.20 40.58
N LYS E 367 -48.50 -34.68 40.75
CA LYS E 367 -48.91 -33.44 40.09
C LYS E 367 -48.38 -32.20 40.80
N GLU E 368 -47.58 -31.41 40.08
CA GLU E 368 -46.99 -30.19 40.62
C GLU E 368 -47.85 -28.97 40.29
N PRO E 369 -47.93 -28.00 41.23
CA PRO E 369 -48.81 -26.83 41.09
C PRO E 369 -48.38 -25.81 40.01
#